data_5VTZ
#
_entry.id   5VTZ
#
_cell.length_a   209.735
_cell.length_b   131.202
_cell.length_c   72.439
_cell.angle_alpha   90.00
_cell.angle_beta   98.35
_cell.angle_gamma   90.00
#
_symmetry.space_group_name_H-M   'C 1 2 1'
#
loop_
_entity.id
_entity.type
_entity.pdbx_description
1 polymer 'Hemagglutinin HA1 chain'
2 polymer 'Hemagglutinin HA2 chain'
3 branched beta-D-mannopyranose-(1-4)-2-acetamido-2-deoxy-beta-D-glucopyranose-(1-4)-2-acetamido-2-deoxy-beta-D-glucopyranose
4 branched 2-acetamido-2-deoxy-beta-D-glucopyranose-(1-4)-2-acetamido-2-deoxy-beta-D-glucopyranose
5 branched alpha-D-mannopyranose-(1-3)-[alpha-D-mannopyranose-(1-6)]beta-D-mannopyranose-(1-4)-2-acetamido-2-deoxy-beta-D-glucopyranose-(1-4)-2-acetamido-2-deoxy-beta-D-glucopyranose
6 non-polymer 2-acetamido-2-deoxy-beta-D-glucopyranose
7 water water
#
loop_
_entity_poly.entity_id
_entity_poly.type
_entity_poly.pdbx_seq_one_letter_code
_entity_poly.pdbx_strand_id
1 'polypeptide(L)'
;ADPGATLCLGHHAVPNGTLVKTITDDQIEVTNATELVQSSSTGKICNNPHRILDGIDCTLIDALLGDPHCDVFQNETWDL
FVERSKAFSNCYPYDVPDYASLRSLVASSGTLEFITEGFTWTGVTQNGGSNACKRGPGSGFFSRLNWLTKSGSTYPVLNV
TMPNNDNFDKLYIWGVHHPSTNQEQTSLYVQASGRVTVSTRRSQQTIIPNIGSRPWVRQASSRISIYWTIVKPGDVLVIN
SNGNLIAPRGYFKMRTGKSSIMRSDAPIDTCISECITPNGSIPNDKPFQNVNKITYGACPKYVKQNTLKLATGMRNVPEK
QTR
;
A,C,E
2 'polypeptide(L)'
;GLFGAIAGFIENGWEGMIDGWYGFRHQNSEGTGQAADLKSTQAAIDQINGKLNRVIEKTNEKFHQIEKEFSEVEGRIQDL
EKYVEDTKIDLWSYNAELLVALENQHTIDLTDSEMNKLFEKTGRQLRENAEDMGNGCFKIYHKCDNACIESIRNGTYDHD
VYRDEALNNRFQIK
;
B,D,F
#
loop_
_chem_comp.id
_chem_comp.type
_chem_comp.name
_chem_comp.formula
BMA D-saccharide, beta linking beta-D-mannopyranose 'C6 H12 O6'
MAN D-saccharide, alpha linking alpha-D-mannopyranose 'C6 H12 O6'
NAG D-saccharide, beta linking 2-acetamido-2-deoxy-beta-D-glucopyranose 'C8 H15 N O6'
#
# COMPACT_ATOMS: atom_id res chain seq x y z
N PRO A 3 -16.41 67.68 2.92
CA PRO A 3 -15.11 67.16 2.48
C PRO A 3 -14.46 66.21 3.51
N GLY A 4 -14.59 64.91 3.26
CA GLY A 4 -14.21 63.88 4.23
C GLY A 4 -12.90 63.14 3.94
N ALA A 5 -12.96 61.81 3.98
CA ALA A 5 -11.77 60.97 3.77
C ALA A 5 -12.12 59.57 3.29
N THR A 6 -11.18 58.95 2.57
CA THR A 6 -11.31 57.57 2.12
C THR A 6 -10.25 56.71 2.83
N LEU A 7 -10.64 55.50 3.23
CA LEU A 7 -9.71 54.51 3.78
C LEU A 7 -9.96 53.18 3.07
N CYS A 8 -9.00 52.77 2.26
CA CYS A 8 -9.09 51.53 1.49
C CYS A 8 -8.24 50.43 2.12
N LEU A 9 -8.87 49.26 2.26
CA LEU A 9 -8.20 48.04 2.72
C LEU A 9 -7.73 47.27 1.48
N GLY A 10 -6.55 46.68 1.59
CA GLY A 10 -6.00 45.90 0.50
C GLY A 10 -4.94 44.92 0.94
N HIS A 11 -4.34 44.28 -0.06
CA HIS A 11 -3.33 43.26 0.15
C HIS A 11 -2.25 43.44 -0.90
N HIS A 12 -1.08 42.83 -0.65
CA HIS A 12 0.03 42.95 -1.57
C HIS A 12 -0.16 42.07 -2.81
N ALA A 13 0.68 42.36 -3.81
CA ALA A 13 0.87 41.51 -4.97
C ALA A 13 2.34 41.60 -5.34
N VAL A 14 2.80 40.73 -6.22
CA VAL A 14 4.20 40.72 -6.64
C VAL A 14 4.24 40.67 -8.17
N PRO A 15 5.38 41.11 -8.77
CA PRO A 15 5.49 41.10 -10.22
C PRO A 15 5.62 39.69 -10.83
N ASN A 16 6.35 38.79 -10.16
CA ASN A 16 6.56 37.42 -10.65
C ASN A 16 5.99 36.38 -9.66
N GLY A 17 4.71 36.04 -9.82
CA GLY A 17 4.08 34.98 -8.99
C GLY A 17 4.45 33.57 -9.46
N THR A 18 3.87 32.56 -8.83
CA THR A 18 4.10 31.15 -9.19
C THR A 18 2.77 30.41 -9.34
N LEU A 19 2.71 29.48 -10.29
CA LEU A 19 1.54 28.63 -10.49
C LEU A 19 1.52 27.42 -9.56
N VAL A 20 0.39 27.19 -8.92
CA VAL A 20 0.18 26.03 -8.06
C VAL A 20 -1.13 25.35 -8.41
N LYS A 21 -1.30 24.15 -7.89
CA LYS A 21 -2.52 23.37 -8.05
C LYS A 21 -3.35 23.40 -6.78
N THR A 22 -4.68 23.41 -6.95
CA THR A 22 -5.62 23.39 -5.85
C THR A 22 -6.68 22.32 -6.12
N ILE A 23 -7.74 22.30 -5.31
CA ILE A 23 -8.88 21.41 -5.52
C ILE A 23 -9.65 21.81 -6.79
N THR A 24 -9.84 23.10 -7.00
CA THR A 24 -10.66 23.60 -8.11
C THR A 24 -9.85 24.00 -9.36
N ASP A 25 -8.54 24.22 -9.23
CA ASP A 25 -7.71 24.70 -10.34
C ASP A 25 -6.45 23.86 -10.52
N ASP A 26 -6.20 23.41 -11.75
CA ASP A 26 -4.91 22.77 -12.05
C ASP A 26 -3.72 23.74 -12.10
N GLN A 27 -3.96 25.03 -12.33
CA GLN A 27 -2.93 26.05 -12.28
C GLN A 27 -3.58 27.34 -11.83
N ILE A 28 -3.11 27.91 -10.74
CA ILE A 28 -3.53 29.23 -10.31
C ILE A 28 -2.37 29.94 -9.64
N GLU A 29 -2.31 31.26 -9.79
CA GLU A 29 -1.15 32.04 -9.41
C GLU A 29 -1.22 32.54 -7.97
N VAL A 30 -0.16 32.25 -7.22
CA VAL A 30 0.02 32.76 -5.86
C VAL A 30 1.33 33.55 -5.79
N THR A 31 1.54 34.28 -4.71
CA THR A 31 2.69 35.17 -4.58
C THR A 31 4.00 34.43 -4.40
N ASN A 32 3.95 33.23 -3.82
CA ASN A 32 5.13 32.39 -3.66
C ASN A 32 4.75 30.94 -3.39
N ALA A 33 5.69 30.04 -3.62
CA ALA A 33 5.53 28.63 -3.33
C ALA A 33 6.87 27.99 -3.08
N THR A 34 6.84 26.78 -2.52
CA THR A 34 8.05 26.05 -2.20
C THR A 34 7.97 24.62 -2.72
N GLU A 35 9.11 24.09 -3.16
CA GLU A 35 9.18 22.81 -3.86
C GLU A 35 9.20 21.65 -2.86
N LEU A 36 8.32 20.67 -3.04
CA LEU A 36 8.24 19.52 -2.14
C LEU A 36 8.91 18.23 -2.65
N VAL A 37 9.35 18.24 -3.91
CA VAL A 37 10.01 17.09 -4.52
C VAL A 37 11.49 17.38 -4.76
N GLN A 38 12.36 16.61 -4.10
CA GLN A 38 13.79 16.65 -4.38
C GLN A 38 14.05 15.93 -5.70
N SER A 39 14.54 16.65 -6.69
CA SER A 39 14.76 16.07 -8.03
C SER A 39 16.22 16.06 -8.47
N SER A 40 17.14 16.45 -7.61
CA SER A 40 18.54 16.47 -7.95
C SER A 40 19.39 15.83 -6.88
N SER A 41 20.56 15.35 -7.32
CA SER A 41 21.61 14.81 -6.50
C SER A 41 22.91 15.47 -6.90
N THR A 42 23.90 15.49 -6.00
CA THR A 42 25.27 15.86 -6.36
C THR A 42 25.95 14.87 -7.29
N GLY A 43 25.47 13.64 -7.33
CA GLY A 43 26.16 12.58 -8.07
C GLY A 43 27.23 11.88 -7.26
N LYS A 44 27.34 12.18 -5.97
CA LYS A 44 28.35 11.56 -5.11
C LYS A 44 27.70 11.02 -3.85
N ILE A 45 28.22 9.89 -3.37
CA ILE A 45 27.78 9.30 -2.11
C ILE A 45 28.62 9.88 -0.98
N CYS A 46 27.96 10.57 -0.07
CA CYS A 46 28.63 11.14 1.08
C CYS A 46 29.15 10.04 2.02
N ASN A 47 30.40 10.18 2.45
CA ASN A 47 31.05 9.19 3.32
C ASN A 47 30.62 9.21 4.79
N ASN A 48 29.82 10.20 5.19
CA ASN A 48 29.21 10.27 6.52
C ASN A 48 27.72 10.62 6.40
N PRO A 49 26.90 10.27 7.40
CA PRO A 49 27.30 9.62 8.66
C PRO A 49 27.29 8.08 8.64
N HIS A 50 26.98 7.45 7.50
CA HIS A 50 26.94 6.00 7.41
C HIS A 50 28.32 5.47 7.02
N ARG A 51 28.71 4.33 7.58
CA ARG A 51 29.93 3.63 7.14
C ARG A 51 29.69 3.00 5.77
N ILE A 52 30.33 3.58 4.74
CA ILE A 52 30.24 3.13 3.37
C ILE A 52 31.44 2.25 3.05
N LEU A 53 31.20 1.02 2.61
CA LEU A 53 32.27 0.13 2.17
C LEU A 53 32.14 -0.04 0.67
N ASP A 54 33.12 0.51 -0.05
CA ASP A 54 33.20 0.38 -1.48
C ASP A 54 33.70 -1.02 -1.84
N GLY A 55 32.89 -1.79 -2.56
CA GLY A 55 33.31 -3.11 -3.02
C GLY A 55 34.41 -3.10 -4.07
N ILE A 56 34.57 -1.97 -4.77
CA ILE A 56 35.57 -1.81 -5.85
C ILE A 56 35.38 -2.94 -6.88
N ASP A 57 36.31 -3.88 -6.95
CA ASP A 57 36.26 -4.98 -7.92
C ASP A 57 35.50 -6.22 -7.42
N CYS A 58 34.85 -6.13 -6.27
CA CYS A 58 34.31 -7.29 -5.59
C CYS A 58 32.83 -7.17 -5.28
N THR A 59 32.09 -8.24 -5.56
CA THR A 59 30.74 -8.38 -5.02
C THR A 59 30.85 -8.78 -3.56
N LEU A 60 29.77 -8.58 -2.84
CA LEU A 60 29.72 -9.00 -1.44
C LEU A 60 29.94 -10.51 -1.31
N ILE A 61 29.35 -11.28 -2.21
CA ILE A 61 29.52 -12.75 -2.18
C ILE A 61 30.99 -13.16 -2.42
N ASP A 62 31.68 -12.51 -3.35
CA ASP A 62 33.10 -12.81 -3.57
C ASP A 62 33.97 -12.43 -2.36
N ALA A 63 33.64 -11.33 -1.69
CA ALA A 63 34.31 -10.95 -0.46
C ALA A 63 34.04 -11.97 0.65
N LEU A 64 32.79 -12.45 0.71
CA LEU A 64 32.38 -13.48 1.68
C LEU A 64 33.17 -14.78 1.48
N LEU A 65 33.17 -15.30 0.26
CA LEU A 65 33.81 -16.59 -0.01
C LEU A 65 35.32 -16.51 0.13
N GLY A 66 35.89 -15.36 -0.19
CA GLY A 66 37.32 -15.13 -0.10
C GLY A 66 38.06 -15.39 -1.41
N ASP A 67 37.48 -14.93 -2.51
CA ASP A 67 38.16 -14.79 -3.81
C ASP A 67 39.45 -13.95 -3.54
N PRO A 68 40.65 -14.41 -3.98
CA PRO A 68 41.91 -13.75 -3.58
C PRO A 68 41.99 -12.24 -3.81
N HIS A 69 41.50 -11.74 -4.94
CA HIS A 69 41.50 -10.28 -5.16
C HIS A 69 40.53 -9.52 -4.23
N CYS A 70 39.68 -10.25 -3.50
CA CYS A 70 38.81 -9.68 -2.47
C CYS A 70 39.30 -9.91 -1.03
N ASP A 71 40.53 -10.40 -0.85
CA ASP A 71 41.10 -10.67 0.49
C ASP A 71 41.12 -9.44 1.37
N VAL A 72 41.29 -8.26 0.77
CA VAL A 72 41.25 -7.01 1.51
C VAL A 72 39.94 -6.78 2.29
N PHE A 73 38.85 -7.44 1.90
CA PHE A 73 37.57 -7.31 2.62
C PHE A 73 37.38 -8.24 3.83
N GLN A 74 38.38 -9.06 4.14
CA GLN A 74 38.28 -9.97 5.29
C GLN A 74 37.91 -9.21 6.54
N ASN A 75 36.94 -9.75 7.28
CA ASN A 75 36.48 -9.16 8.53
C ASN A 75 35.95 -7.72 8.41
N GLU A 76 35.63 -7.25 7.21
CA GLU A 76 35.13 -5.88 7.06
C GLU A 76 33.73 -5.72 7.63
N THR A 77 33.35 -4.49 7.90
CA THR A 77 31.99 -4.16 8.32
C THR A 77 31.47 -2.96 7.53
N TRP A 78 30.16 -2.76 7.56
CA TRP A 78 29.54 -1.66 6.81
C TRP A 78 28.16 -1.33 7.36
N ASP A 79 27.73 -0.10 7.14
CA ASP A 79 26.31 0.22 7.12
C ASP A 79 25.78 0.01 5.70
N LEU A 80 26.52 0.47 4.70
CA LEU A 80 26.12 0.25 3.30
C LEU A 80 27.28 -0.27 2.48
N PHE A 81 27.13 -1.51 1.99
CA PHE A 81 28.07 -2.10 1.04
C PHE A 81 27.66 -1.65 -0.36
N VAL A 82 28.58 -1.07 -1.12
CA VAL A 82 28.34 -0.58 -2.46
C VAL A 82 28.99 -1.50 -3.48
N GLU A 83 28.18 -2.13 -4.32
CA GLU A 83 28.67 -2.99 -5.39
C GLU A 83 28.74 -2.21 -6.69
N ARG A 84 29.87 -2.32 -7.37
CA ARG A 84 30.17 -1.58 -8.59
C ARG A 84 29.93 -2.46 -9.80
N SER A 85 29.55 -1.83 -10.91
CA SER A 85 29.31 -2.55 -12.16
C SER A 85 30.61 -3.15 -12.74
N LYS A 86 31.77 -2.61 -12.39
CA LYS A 86 33.07 -3.19 -12.79
C LYS A 86 33.50 -4.44 -12.00
N ALA A 87 32.74 -4.88 -11.00
CA ALA A 87 33.15 -6.04 -10.18
C ALA A 87 33.31 -7.29 -11.04
N PHE A 88 34.26 -8.15 -10.68
CA PHE A 88 34.47 -9.41 -11.39
C PHE A 88 34.87 -10.49 -10.40
N SER A 89 34.58 -11.74 -10.76
CA SER A 89 35.04 -12.91 -10.02
C SER A 89 36.34 -13.41 -10.65
N ASN A 90 37.25 -13.95 -9.86
CA ASN A 90 38.52 -14.45 -10.38
C ASN A 90 39.04 -15.68 -9.63
N CYS A 91 38.13 -16.57 -9.26
CA CYS A 91 38.48 -17.77 -8.51
C CYS A 91 37.79 -18.97 -9.20
N TYR A 92 37.53 -20.05 -8.47
CA TYR A 92 36.91 -21.23 -9.07
C TYR A 92 35.48 -20.86 -9.48
N PRO A 93 35.05 -21.30 -10.69
CA PRO A 93 33.70 -20.91 -11.09
C PRO A 93 32.64 -21.55 -10.18
N TYR A 94 31.62 -20.77 -9.84
CA TYR A 94 30.65 -21.18 -8.85
C TYR A 94 29.27 -20.63 -9.15
N ASP A 95 28.25 -21.26 -8.57
CA ASP A 95 26.92 -20.65 -8.44
C ASP A 95 26.44 -20.74 -7.00
N VAL A 96 25.46 -19.93 -6.68
CA VAL A 96 24.78 -19.97 -5.40
C VAL A 96 23.30 -20.11 -5.69
N PRO A 97 22.74 -21.32 -5.48
CA PRO A 97 21.28 -21.41 -5.51
C PRO A 97 20.73 -20.46 -4.43
N ASP A 98 19.78 -19.64 -4.80
CA ASP A 98 19.33 -18.56 -3.91
C ASP A 98 20.44 -17.55 -3.55
N TYR A 99 21.25 -17.23 -4.55
CA TYR A 99 22.22 -16.13 -4.49
C TYR A 99 21.63 -14.89 -3.82
N ALA A 100 20.46 -14.46 -4.28
CA ALA A 100 19.87 -13.21 -3.79
C ALA A 100 19.61 -13.24 -2.28
N SER A 101 19.17 -14.39 -1.76
CA SER A 101 18.94 -14.52 -0.31
C SER A 101 20.23 -14.49 0.50
N LEU A 102 21.26 -15.17 0.03
CA LEU A 102 22.56 -15.15 0.74
C LEU A 102 23.15 -13.75 0.76
N ARG A 103 23.13 -13.09 -0.40
CA ARG A 103 23.59 -11.70 -0.50
C ARG A 103 22.78 -10.80 0.45
N SER A 104 21.47 -11.00 0.50
CA SER A 104 20.60 -10.19 1.36
C SER A 104 20.90 -10.37 2.84
N LEU A 105 20.97 -11.62 3.29
CA LEU A 105 21.15 -11.89 4.71
C LEU A 105 22.55 -11.44 5.18
N VAL A 106 23.58 -11.61 4.34
CA VAL A 106 24.91 -11.10 4.68
C VAL A 106 24.92 -9.57 4.67
N ALA A 107 24.34 -8.95 3.65
CA ALA A 107 24.28 -7.48 3.57
C ALA A 107 23.63 -6.89 4.82
N SER A 108 22.56 -7.53 5.25
CA SER A 108 21.78 -7.08 6.39
C SER A 108 22.49 -7.31 7.74
N SER A 109 23.33 -8.33 7.81
CA SER A 109 24.14 -8.61 8.98
C SER A 109 25.26 -7.58 9.18
N GLY A 110 25.80 -7.04 8.09
CA GLY A 110 26.71 -5.92 8.15
C GLY A 110 28.15 -6.22 8.49
N THR A 111 28.52 -7.50 8.50
CA THR A 111 29.87 -7.91 8.87
C THR A 111 30.31 -9.17 8.10
N LEU A 112 31.61 -9.28 7.85
CA LEU A 112 32.25 -10.50 7.38
C LEU A 112 33.18 -11.10 8.43
N GLU A 113 32.97 -10.75 9.70
CA GLU A 113 33.80 -11.26 10.78
C GLU A 113 33.76 -12.79 10.76
N PHE A 114 34.92 -13.40 10.58
CA PHE A 114 35.05 -14.85 10.44
C PHE A 114 35.85 -15.46 11.58
N ILE A 115 35.35 -16.55 12.15
CA ILE A 115 36.01 -17.24 13.26
C ILE A 115 36.34 -18.65 12.76
N THR A 116 37.61 -18.98 12.73
CA THR A 116 38.08 -20.29 12.30
C THR A 116 37.80 -21.32 13.40
N GLU A 117 37.34 -22.50 13.01
CA GLU A 117 37.08 -23.60 13.95
C GLU A 117 37.90 -24.81 13.58
N GLY A 118 38.28 -25.61 14.57
CA GLY A 118 39.14 -26.76 14.35
C GLY A 118 38.38 -28.00 13.91
N PHE A 119 37.88 -28.00 12.68
CA PHE A 119 37.28 -29.21 12.11
C PHE A 119 38.36 -30.26 11.93
N THR A 120 38.01 -31.52 12.22
CA THR A 120 38.91 -32.66 12.01
C THR A 120 38.39 -33.48 10.83
N TRP A 121 39.14 -33.47 9.74
CA TRP A 121 38.78 -34.18 8.52
C TRP A 121 39.66 -35.42 8.38
N THR A 122 39.27 -36.48 9.07
CA THR A 122 40.09 -37.70 9.13
C THR A 122 40.10 -38.48 7.80
N GLY A 123 41.31 -38.72 7.29
CA GLY A 123 41.53 -39.57 6.13
C GLY A 123 41.38 -38.91 4.77
N VAL A 124 41.39 -37.57 4.74
CA VAL A 124 41.35 -36.82 3.48
C VAL A 124 42.46 -35.78 3.43
N THR A 125 42.77 -35.32 2.22
CA THR A 125 43.73 -34.26 1.99
C THR A 125 42.98 -32.92 2.03
N GLN A 126 43.53 -31.95 2.74
CA GLN A 126 42.93 -30.63 2.89
C GLN A 126 43.60 -29.61 2.00
N ASN A 127 43.01 -28.42 1.93
CA ASN A 127 43.58 -27.24 1.26
C ASN A 127 43.83 -27.42 -0.24
N GLY A 128 42.91 -28.10 -0.92
CA GLY A 128 42.98 -28.21 -2.37
C GLY A 128 42.94 -26.85 -3.04
N GLY A 129 43.60 -26.75 -4.19
CA GLY A 129 43.73 -25.50 -4.93
C GLY A 129 43.64 -25.74 -6.43
N SER A 130 43.50 -24.65 -7.16
CA SER A 130 43.29 -24.69 -8.60
C SER A 130 43.98 -23.49 -9.23
N ASN A 131 44.42 -23.66 -10.47
CA ASN A 131 44.97 -22.54 -11.24
C ASN A 131 43.88 -21.54 -11.67
N ALA A 132 42.61 -21.95 -11.58
CA ALA A 132 41.48 -21.03 -11.75
C ALA A 132 41.42 -19.95 -10.65
N CYS A 133 42.12 -20.16 -9.53
CA CYS A 133 42.04 -19.28 -8.38
C CYS A 133 43.42 -19.07 -7.77
N LYS A 134 44.24 -18.30 -8.49
CA LYS A 134 45.62 -18.06 -8.09
C LYS A 134 45.76 -17.18 -6.86
N ARG A 135 46.71 -17.57 -6.01
CA ARG A 135 47.14 -16.84 -4.83
C ARG A 135 48.64 -16.67 -4.99
N GLY A 136 49.06 -15.44 -5.25
CA GLY A 136 50.43 -15.19 -5.70
C GLY A 136 50.68 -15.95 -7.00
N PRO A 137 51.86 -16.57 -7.13
CA PRO A 137 52.18 -17.26 -8.39
C PRO A 137 51.51 -18.63 -8.57
N GLY A 138 51.11 -19.28 -7.47
CA GLY A 138 50.63 -20.66 -7.50
C GLY A 138 49.14 -20.84 -7.31
N SER A 139 48.69 -22.08 -7.40
CA SER A 139 47.29 -22.39 -7.37
C SER A 139 46.73 -22.11 -5.97
N GLY A 140 45.44 -21.80 -5.90
CA GLY A 140 44.81 -21.48 -4.65
C GLY A 140 43.32 -21.67 -4.68
N PHE A 141 42.65 -21.07 -3.70
CA PHE A 141 41.24 -21.31 -3.48
C PHE A 141 40.62 -20.21 -2.64
N PHE A 142 39.28 -20.21 -2.57
CA PHE A 142 38.55 -19.33 -1.66
C PHE A 142 39.13 -19.46 -0.26
N SER A 143 39.47 -18.34 0.36
CA SER A 143 40.10 -18.35 1.68
C SER A 143 39.24 -19.00 2.77
N ARG A 144 37.91 -18.87 2.67
CA ARG A 144 37.02 -19.38 3.72
C ARG A 144 36.54 -20.83 3.54
N LEU A 145 36.96 -21.48 2.46
CA LEU A 145 36.54 -22.82 2.13
C LEU A 145 37.74 -23.75 2.02
N ASN A 146 37.51 -25.03 2.28
CA ASN A 146 38.56 -26.04 2.40
C ASN A 146 38.22 -27.19 1.45
N TRP A 147 38.94 -27.26 0.33
CA TRP A 147 38.67 -28.27 -0.69
C TRP A 147 39.31 -29.58 -0.26
N LEU A 148 38.46 -30.53 0.11
CA LEU A 148 38.89 -31.84 0.58
C LEU A 148 38.94 -32.82 -0.58
N THR A 149 40.02 -33.61 -0.64
CA THR A 149 40.17 -34.68 -1.62
C THR A 149 40.76 -35.94 -0.97
N LYS A 150 40.85 -37.02 -1.75
CA LYS A 150 41.35 -38.29 -1.25
C LYS A 150 42.76 -38.18 -0.63
N SER A 151 43.03 -39.07 0.32
CA SER A 151 44.34 -39.25 0.90
C SER A 151 44.78 -40.67 0.56
N GLY A 152 45.90 -40.80 -0.12
CA GLY A 152 46.30 -42.08 -0.71
C GLY A 152 45.31 -42.51 -1.78
N SER A 153 44.65 -43.64 -1.55
CA SER A 153 43.69 -44.18 -2.52
C SER A 153 42.25 -44.26 -1.96
N THR A 154 41.97 -43.53 -0.89
CA THR A 154 40.67 -43.59 -0.23
C THR A 154 40.16 -42.21 0.18
N TYR A 155 38.83 -42.09 0.17
CA TYR A 155 38.11 -40.94 0.71
C TYR A 155 37.04 -41.58 1.60
N PRO A 156 37.26 -41.61 2.92
CA PRO A 156 36.29 -42.28 3.79
C PRO A 156 35.04 -41.42 3.98
N VAL A 157 34.03 -41.99 4.62
CA VAL A 157 32.87 -41.22 5.02
C VAL A 157 33.37 -40.19 6.04
N LEU A 158 33.10 -38.92 5.77
CA LEU A 158 33.43 -37.84 6.70
C LEU A 158 32.19 -37.60 7.53
N ASN A 159 32.39 -37.50 8.84
CA ASN A 159 31.30 -37.31 9.76
C ASN A 159 31.79 -36.48 10.93
N VAL A 160 31.48 -35.18 10.89
CA VAL A 160 31.99 -34.24 11.90
C VAL A 160 30.89 -33.40 12.51
N THR A 161 31.19 -32.84 13.68
CA THR A 161 30.25 -32.01 14.40
C THR A 161 30.90 -30.75 14.95
N MET A 162 30.11 -29.70 15.09
CA MET A 162 30.53 -28.47 15.73
C MET A 162 29.32 -27.90 16.49
N PRO A 163 29.32 -28.00 17.84
CA PRO A 163 28.21 -27.41 18.57
C PRO A 163 28.38 -25.89 18.65
N ASN A 164 27.25 -25.19 18.74
CA ASN A 164 27.28 -23.78 19.05
C ASN A 164 27.00 -23.60 20.54
N ASN A 165 28.07 -23.38 21.30
CA ASN A 165 27.99 -23.08 22.72
C ASN A 165 28.17 -21.59 23.02
N ASP A 166 28.11 -20.75 21.99
CA ASP A 166 28.10 -19.30 22.17
C ASP A 166 26.67 -18.83 22.32
N ASN A 167 26.49 -17.53 22.54
CA ASN A 167 25.16 -16.93 22.64
C ASN A 167 24.77 -16.09 21.41
N PHE A 168 25.44 -16.33 20.28
CA PHE A 168 25.14 -15.67 19.01
C PHE A 168 24.93 -16.72 17.93
N ASP A 169 24.28 -16.33 16.84
CA ASP A 169 24.10 -17.22 15.68
C ASP A 169 25.38 -17.32 14.86
N LYS A 170 25.68 -18.54 14.40
CA LYS A 170 26.80 -18.79 13.48
C LYS A 170 26.29 -19.01 12.06
N LEU A 171 26.89 -18.34 11.09
CA LEU A 171 26.62 -18.60 9.66
C LEU A 171 27.76 -19.43 9.07
N TYR A 172 27.44 -20.64 8.62
CA TYR A 172 28.41 -21.50 7.93
C TYR A 172 28.16 -21.49 6.42
N ILE A 173 29.22 -21.23 5.68
CA ILE A 173 29.21 -21.25 4.23
C ILE A 173 29.99 -22.48 3.81
N TRP A 174 29.39 -23.30 2.96
CA TRP A 174 30.00 -24.53 2.49
C TRP A 174 29.59 -24.75 1.04
N GLY A 175 30.09 -25.82 0.43
CA GLY A 175 29.77 -26.08 -0.95
C GLY A 175 29.90 -27.52 -1.38
N VAL A 176 29.55 -27.75 -2.64
CA VAL A 176 29.61 -29.04 -3.27
C VAL A 176 30.28 -28.89 -4.63
N HIS A 177 31.25 -29.76 -4.91
CA HIS A 177 31.95 -29.74 -6.17
C HIS A 177 31.23 -30.62 -7.19
N HIS A 178 30.99 -30.05 -8.37
CA HIS A 178 30.40 -30.73 -9.52
C HIS A 178 31.51 -30.92 -10.56
N PRO A 179 32.13 -32.12 -10.60
CA PRO A 179 33.16 -32.35 -11.62
C PRO A 179 32.57 -32.41 -13.02
N SER A 180 33.39 -32.12 -14.02
CA SER A 180 32.91 -32.18 -15.40
C SER A 180 32.95 -33.57 -16.02
N THR A 181 33.79 -34.48 -15.49
CA THR A 181 33.92 -35.85 -16.00
C THR A 181 33.96 -36.86 -14.86
N ASN A 182 33.63 -38.11 -15.19
CA ASN A 182 33.74 -39.23 -14.24
C ASN A 182 35.19 -39.44 -13.79
N GLN A 183 36.14 -39.19 -14.71
CA GLN A 183 37.56 -39.32 -14.40
C GLN A 183 37.94 -38.40 -13.27
N GLU A 184 37.52 -37.14 -13.36
CA GLU A 184 37.77 -36.12 -12.32
C GLU A 184 37.14 -36.52 -10.99
N GLN A 185 35.88 -36.94 -11.03
CA GLN A 185 35.15 -37.42 -9.84
C GLN A 185 35.95 -38.48 -9.10
N THR A 186 36.36 -39.54 -9.81
CA THR A 186 37.02 -40.69 -9.16
C THR A 186 38.45 -40.36 -8.75
N SER A 187 39.14 -39.54 -9.54
CA SER A 187 40.52 -39.12 -9.21
C SER A 187 40.55 -38.32 -7.92
N LEU A 188 39.59 -37.42 -7.76
CA LEU A 188 39.53 -36.56 -6.56
C LEU A 188 38.90 -37.25 -5.34
N TYR A 189 37.79 -37.96 -5.54
CA TYR A 189 36.97 -38.45 -4.43
C TYR A 189 36.78 -39.96 -4.34
N VAL A 190 37.38 -40.71 -5.27
CA VAL A 190 37.34 -42.18 -5.31
C VAL A 190 35.96 -42.73 -5.64
N GLN A 191 34.97 -42.48 -4.78
CA GLN A 191 33.59 -42.88 -5.02
C GLN A 191 33.10 -42.27 -6.33
N ALA A 192 32.33 -43.05 -7.09
CA ALA A 192 31.82 -42.65 -8.41
C ALA A 192 30.74 -41.56 -8.31
N SER A 193 30.03 -41.52 -7.18
CA SER A 193 29.07 -40.47 -6.89
C SER A 193 29.22 -40.03 -5.44
N GLY A 194 29.35 -38.73 -5.22
CA GLY A 194 29.47 -38.18 -3.88
C GLY A 194 28.13 -37.77 -3.28
N ARG A 195 28.21 -37.18 -2.09
CA ARG A 195 27.03 -36.70 -1.39
C ARG A 195 27.47 -35.78 -0.25
N VAL A 196 26.72 -34.72 -0.02
CA VAL A 196 26.95 -33.83 1.11
C VAL A 196 25.64 -33.60 1.86
N THR A 197 25.67 -33.91 3.15
CA THR A 197 24.53 -33.70 4.04
C THR A 197 25.00 -32.85 5.21
N VAL A 198 24.40 -31.66 5.33
CA VAL A 198 24.69 -30.73 6.39
C VAL A 198 23.40 -30.49 7.15
N SER A 199 23.45 -30.65 8.46
CA SER A 199 22.23 -30.59 9.26
C SER A 199 22.45 -29.99 10.64
N THR A 200 21.33 -29.53 11.20
CA THR A 200 21.23 -29.13 12.59
C THR A 200 20.11 -29.99 13.20
N ARG A 201 19.74 -29.72 14.46
CA ARG A 201 18.63 -30.46 15.08
C ARG A 201 17.32 -30.38 14.30
N ARG A 202 17.01 -29.22 13.72
CA ARG A 202 15.69 -28.96 13.12
C ARG A 202 15.68 -28.89 11.60
N SER A 203 16.84 -28.86 10.95
CA SER A 203 16.86 -28.81 9.49
C SER A 203 18.01 -29.61 8.91
N GLN A 204 17.90 -29.88 7.62
CA GLN A 204 18.92 -30.62 6.88
C GLN A 204 18.90 -30.24 5.41
N GLN A 205 20.06 -30.29 4.79
CA GLN A 205 20.22 -30.06 3.36
C GLN A 205 21.06 -31.21 2.84
N THR A 206 20.54 -31.96 1.88
CA THR A 206 21.36 -32.97 1.19
C THR A 206 21.48 -32.62 -0.27
N ILE A 207 22.73 -32.59 -0.75
CA ILE A 207 23.04 -32.23 -2.11
C ILE A 207 23.81 -33.37 -2.74
N ILE A 208 23.34 -33.82 -3.90
CA ILE A 208 24.03 -34.83 -4.70
C ILE A 208 24.73 -34.08 -5.83
N PRO A 209 26.04 -34.32 -6.04
CA PRO A 209 26.69 -33.69 -7.19
C PRO A 209 26.20 -34.29 -8.51
N ASN A 210 26.20 -33.45 -9.54
CA ASN A 210 25.98 -33.82 -10.91
C ASN A 210 27.28 -33.68 -11.73
N ILE A 211 27.68 -34.76 -12.36
CA ILE A 211 28.85 -34.78 -13.21
C ILE A 211 28.45 -34.35 -14.63
N GLY A 212 29.24 -33.46 -15.22
CA GLY A 212 28.98 -32.95 -16.58
C GLY A 212 29.66 -31.62 -16.85
N SER A 213 29.90 -31.29 -18.12
CA SER A 213 30.46 -30.00 -18.48
C SER A 213 29.42 -28.88 -18.33
N ARG A 214 29.93 -27.76 -17.83
CA ARG A 214 29.29 -26.45 -17.86
C ARG A 214 30.23 -25.56 -18.69
N PRO A 215 29.81 -24.33 -19.03
CA PRO A 215 30.70 -23.54 -19.89
C PRO A 215 32.03 -23.27 -19.24
N TRP A 216 33.10 -23.41 -20.02
CA TRP A 216 34.47 -23.18 -19.56
C TRP A 216 34.60 -21.74 -19.06
N VAL A 217 35.01 -21.59 -17.81
CA VAL A 217 35.20 -20.29 -17.17
C VAL A 217 36.48 -20.38 -16.36
N ARG A 218 37.43 -19.48 -16.64
CA ARG A 218 38.69 -19.42 -15.89
C ARG A 218 39.27 -20.82 -15.69
N GLN A 219 39.42 -21.52 -16.82
CA GLN A 219 40.04 -22.85 -16.94
C GLN A 219 39.26 -24.10 -16.45
N ALA A 220 38.01 -23.95 -15.99
CA ALA A 220 37.27 -25.11 -15.54
C ALA A 220 35.91 -25.19 -16.21
N SER A 221 35.55 -26.42 -16.60
CA SER A 221 34.21 -26.79 -16.95
C SER A 221 33.44 -27.29 -15.75
N SER A 222 34.12 -27.47 -14.64
CA SER A 222 33.50 -27.89 -13.39
C SER A 222 32.92 -26.67 -12.67
N ARG A 223 32.13 -26.95 -11.64
CA ARG A 223 31.58 -25.90 -10.79
C ARG A 223 31.59 -26.27 -9.32
N ILE A 224 31.50 -25.24 -8.50
CA ILE A 224 31.13 -25.40 -7.11
C ILE A 224 29.80 -24.70 -6.89
N SER A 225 28.90 -25.38 -6.17
CA SER A 225 27.64 -24.77 -5.74
C SER A 225 27.76 -24.44 -4.26
N ILE A 226 27.37 -23.23 -3.89
CA ILE A 226 27.51 -22.71 -2.55
C ILE A 226 26.19 -22.76 -1.78
N TYR A 227 26.27 -23.25 -0.55
CA TYR A 227 25.12 -23.37 0.37
C TYR A 227 25.47 -22.74 1.70
N TRP A 228 24.46 -22.48 2.51
CA TRP A 228 24.68 -21.94 3.85
C TRP A 228 23.75 -22.55 4.88
N THR A 229 24.21 -22.54 6.12
CA THR A 229 23.47 -23.06 7.26
C THR A 229 23.71 -22.16 8.44
N ILE A 230 22.63 -21.71 9.08
CA ILE A 230 22.72 -20.95 10.32
C ILE A 230 22.52 -21.87 11.52
N VAL A 231 23.40 -21.75 12.51
CA VAL A 231 23.32 -22.57 13.71
C VAL A 231 23.10 -21.66 14.92
N LYS A 232 21.97 -21.85 15.57
CA LYS A 232 21.58 -21.02 16.71
C LYS A 232 22.24 -21.49 18.00
N PRO A 233 22.28 -20.61 19.04
CA PRO A 233 22.83 -21.03 20.33
C PRO A 233 22.16 -22.30 20.83
N GLY A 234 22.96 -23.26 21.23
CA GLY A 234 22.45 -24.53 21.78
C GLY A 234 22.19 -25.60 20.74
N ASP A 235 22.25 -25.25 19.46
CA ASP A 235 22.08 -26.20 18.38
C ASP A 235 23.48 -26.71 17.98
N VAL A 236 23.53 -27.61 17.01
CA VAL A 236 24.78 -28.24 16.61
C VAL A 236 24.79 -28.46 15.11
N LEU A 237 25.96 -28.31 14.50
CA LEU A 237 26.14 -28.57 13.07
C LEU A 237 26.71 -29.97 12.91
N VAL A 238 26.16 -30.74 11.97
CA VAL A 238 26.79 -32.00 11.57
C VAL A 238 26.97 -31.97 10.07
N ILE A 239 28.14 -32.41 9.62
CA ILE A 239 28.47 -32.48 8.21
C ILE A 239 28.87 -33.90 7.91
N ASN A 240 28.22 -34.48 6.90
CA ASN A 240 28.39 -35.88 6.55
C ASN A 240 28.54 -35.99 5.04
N SER A 241 29.63 -36.60 4.59
CA SER A 241 29.94 -36.67 3.16
C SER A 241 30.83 -37.85 2.82
N ASN A 242 30.58 -38.48 1.68
CA ASN A 242 31.50 -39.49 1.12
C ASN A 242 32.11 -39.02 -0.21
N GLY A 243 32.19 -37.70 -0.38
CA GLY A 243 32.79 -37.11 -1.57
C GLY A 243 32.17 -35.77 -1.92
N ASN A 244 32.98 -34.91 -2.51
CA ASN A 244 32.57 -33.66 -3.16
C ASN A 244 32.30 -32.49 -2.21
N LEU A 245 32.62 -32.66 -0.93
CA LEU A 245 32.44 -31.62 0.07
C LEU A 245 33.49 -30.52 -0.13
N ILE A 246 33.00 -29.28 -0.24
CA ILE A 246 33.81 -28.07 -0.08
C ILE A 246 33.51 -27.58 1.33
N ALA A 247 34.42 -27.84 2.26
CA ALA A 247 34.14 -27.72 3.68
C ALA A 247 34.28 -26.28 4.18
N PRO A 248 33.49 -25.90 5.20
CA PRO A 248 33.71 -24.61 5.85
C PRO A 248 35.00 -24.66 6.68
N ARG A 249 35.64 -23.52 6.88
CA ARG A 249 36.80 -23.41 7.80
C ARG A 249 36.41 -22.85 9.16
N GLY A 250 35.14 -22.50 9.32
CA GLY A 250 34.67 -21.77 10.47
C GLY A 250 33.32 -21.15 10.15
N TYR A 251 32.97 -20.10 10.89
CA TYR A 251 31.68 -19.44 10.74
C TYR A 251 31.85 -17.93 10.69
N PHE A 252 30.85 -17.29 10.12
CA PHE A 252 30.71 -15.86 10.16
C PHE A 252 29.79 -15.50 11.32
N LYS A 253 30.16 -14.46 12.04
CA LYS A 253 29.34 -13.94 13.11
C LYS A 253 28.20 -13.13 12.52
N MET A 254 26.99 -13.48 12.87
CA MET A 254 25.81 -12.72 12.43
C MET A 254 25.43 -11.62 13.41
N ARG A 255 25.00 -10.50 12.88
CA ARG A 255 24.43 -9.40 13.66
C ARG A 255 23.10 -9.00 13.05
N THR A 256 22.34 -8.20 13.77
CA THR A 256 21.16 -7.53 13.23
C THR A 256 21.41 -6.04 13.41
N GLY A 257 20.78 -5.23 12.58
CA GLY A 257 20.96 -3.78 12.63
C GLY A 257 20.54 -3.13 11.32
N LYS A 258 21.13 -1.99 11.04
CA LYS A 258 20.70 -1.13 9.94
C LYS A 258 21.51 -1.32 8.63
N SER A 259 22.27 -2.41 8.52
CA SER A 259 23.15 -2.59 7.37
C SER A 259 22.38 -3.02 6.10
N SER A 260 22.87 -2.59 4.95
CA SER A 260 22.28 -2.99 3.66
C SER A 260 23.35 -2.99 2.56
N ILE A 261 22.88 -3.10 1.31
CA ILE A 261 23.74 -3.16 0.14
C ILE A 261 23.05 -2.38 -0.97
N MET A 262 23.85 -1.75 -1.82
CA MET A 262 23.33 -0.96 -2.96
C MET A 262 24.25 -1.13 -4.16
N ARG A 263 23.65 -1.21 -5.34
CA ARG A 263 24.38 -1.20 -6.62
C ARG A 263 24.48 0.25 -7.08
N SER A 264 25.69 0.74 -7.27
CA SER A 264 25.91 2.12 -7.70
C SER A 264 27.32 2.29 -8.20
N ASP A 265 27.48 3.17 -9.17
CA ASP A 265 28.78 3.58 -9.64
C ASP A 265 29.13 5.01 -9.21
N ALA A 266 28.34 5.61 -8.33
CA ALA A 266 28.62 6.98 -7.88
C ALA A 266 29.90 6.99 -7.02
N PRO A 267 30.78 7.98 -7.23
CA PRO A 267 31.96 8.05 -6.38
C PRO A 267 31.63 8.46 -4.93
N ILE A 268 32.48 8.01 -3.98
CA ILE A 268 32.30 8.33 -2.58
C ILE A 268 33.11 9.58 -2.27
N ASP A 269 32.52 10.53 -1.57
CA ASP A 269 33.12 11.87 -1.39
C ASP A 269 33.00 12.26 0.08
N THR A 270 33.74 13.27 0.50
CA THR A 270 33.72 13.76 1.87
C THR A 270 32.63 14.82 2.04
N CYS A 271 31.55 14.42 2.68
CA CYS A 271 30.41 15.27 3.00
C CYS A 271 29.50 14.42 3.92
N ILE A 272 28.41 15.05 4.36
CA ILE A 272 27.48 14.46 5.29
C ILE A 272 26.10 14.43 4.64
N SER A 273 25.52 13.24 4.53
CA SER A 273 24.15 13.12 4.06
C SER A 273 23.48 11.87 4.61
N GLU A 274 22.32 12.06 5.25
CA GLU A 274 21.53 10.95 5.78
C GLU A 274 21.03 10.03 4.67
N CYS A 275 20.62 10.59 3.55
CA CYS A 275 19.96 9.84 2.47
C CYS A 275 20.89 9.53 1.32
N ILE A 276 20.93 8.26 0.93
CA ILE A 276 21.77 7.79 -0.17
C ILE A 276 20.88 7.14 -1.22
N THR A 277 21.12 7.48 -2.48
CA THR A 277 20.53 6.78 -3.61
C THR A 277 21.66 6.29 -4.51
N PRO A 278 21.37 5.40 -5.46
CA PRO A 278 22.40 5.00 -6.42
C PRO A 278 22.96 6.14 -7.26
N ASN A 279 22.19 7.21 -7.43
CA ASN A 279 22.63 8.40 -8.16
C ASN A 279 23.59 9.27 -7.32
N GLY A 280 23.69 8.99 -6.03
CA GLY A 280 24.40 9.84 -5.09
C GLY A 280 23.48 10.21 -3.92
N SER A 281 24.07 10.86 -2.94
CA SER A 281 23.32 11.36 -1.80
C SER A 281 22.36 12.44 -2.24
N ILE A 282 21.25 12.58 -1.53
CA ILE A 282 20.31 13.68 -1.76
C ILE A 282 19.95 14.31 -0.44
N PRO A 283 19.66 15.62 -0.46
CA PRO A 283 19.16 16.26 0.76
C PRO A 283 17.82 15.66 1.16
N ASN A 284 17.50 15.72 2.46
CA ASN A 284 16.24 15.19 2.97
C ASN A 284 15.35 16.25 3.67
N ASP A 285 15.50 17.52 3.28
CA ASP A 285 14.64 18.59 3.79
C ASP A 285 13.22 18.56 3.19
N LYS A 286 13.06 17.99 2.00
CA LYS A 286 11.74 17.89 1.35
C LYS A 286 11.08 16.54 1.65
N PRO A 287 9.74 16.50 1.68
CA PRO A 287 9.07 15.24 2.05
C PRO A 287 9.04 14.18 0.93
N PHE A 288 9.19 14.61 -0.33
CA PHE A 288 9.16 13.70 -1.47
C PHE A 288 10.41 13.84 -2.33
N GLN A 289 10.67 12.81 -3.13
CA GLN A 289 11.78 12.86 -4.08
C GLN A 289 11.45 11.99 -5.29
N ASN A 290 12.09 12.36 -6.39
CA ASN A 290 11.88 11.72 -7.70
C ASN A 290 13.24 11.27 -8.27
N VAL A 291 14.26 11.17 -7.41
CA VAL A 291 15.60 10.82 -7.87
C VAL A 291 15.68 9.32 -8.14
N ASN A 292 15.30 8.50 -7.17
CA ASN A 292 15.38 7.05 -7.33
C ASN A 292 14.52 6.37 -6.28
N LYS A 293 13.79 5.36 -6.71
CA LYS A 293 13.02 4.54 -5.77
C LYS A 293 13.91 3.72 -4.83
N ILE A 294 15.16 3.46 -5.22
CA ILE A 294 16.14 2.81 -4.36
C ILE A 294 16.79 3.87 -3.49
N THR A 295 16.59 3.73 -2.17
CA THR A 295 17.23 4.61 -1.21
C THR A 295 17.66 3.85 0.05
N TYR A 296 18.52 4.51 0.82
CA TYR A 296 19.02 4.03 2.11
C TYR A 296 19.14 5.26 3.03
N GLY A 297 18.60 5.14 4.25
CA GLY A 297 18.69 6.19 5.27
C GLY A 297 17.43 7.02 5.41
N ALA A 298 17.57 8.18 6.06
CA ALA A 298 16.44 9.07 6.32
C ALA A 298 16.20 9.87 5.04
N CYS A 299 15.21 9.40 4.25
CA CYS A 299 15.00 9.87 2.90
C CYS A 299 13.60 10.41 2.70
N PRO A 300 13.44 11.37 1.77
CA PRO A 300 12.09 11.70 1.30
C PRO A 300 11.47 10.47 0.63
N LYS A 301 10.14 10.43 0.58
CA LYS A 301 9.45 9.33 -0.07
C LYS A 301 9.45 9.48 -1.59
N TYR A 302 9.71 8.39 -2.29
CA TYR A 302 9.72 8.42 -3.76
C TYR A 302 8.30 8.60 -4.33
N VAL A 303 8.18 9.56 -5.25
CA VAL A 303 6.94 9.80 -5.97
C VAL A 303 7.28 9.92 -7.47
N LYS A 304 6.25 9.81 -8.30
CA LYS A 304 6.40 9.94 -9.74
C LYS A 304 6.50 11.38 -10.23
N GLN A 305 5.92 12.32 -9.49
CA GLN A 305 5.97 13.74 -9.90
C GLN A 305 7.41 14.28 -9.80
N ASN A 306 7.83 15.06 -10.79
CA ASN A 306 9.14 15.70 -10.72
C ASN A 306 9.09 17.07 -10.03
N THR A 307 7.89 17.61 -9.84
CA THR A 307 7.69 18.85 -9.08
C THR A 307 6.31 18.87 -8.44
N LEU A 308 6.24 19.41 -7.23
CA LEU A 308 4.99 19.70 -6.55
C LEU A 308 5.19 20.96 -5.72
N LYS A 309 4.39 21.98 -5.99
CA LYS A 309 4.55 23.29 -5.35
C LYS A 309 3.54 23.48 -4.24
N LEU A 310 4.03 23.72 -3.03
CA LEU A 310 3.19 24.10 -1.90
C LEU A 310 3.14 25.62 -1.85
N ALA A 311 1.95 26.18 -1.99
CA ALA A 311 1.73 27.62 -1.89
C ALA A 311 2.16 28.14 -0.53
N THR A 312 2.95 29.21 -0.53
CA THR A 312 3.39 29.85 0.70
C THR A 312 2.95 31.31 0.74
N GLY A 313 1.91 31.64 -0.02
CA GLY A 313 1.39 32.99 -0.04
C GLY A 313 0.01 33.05 -0.63
N MET A 314 -0.59 34.23 -0.55
CA MET A 314 -1.90 34.47 -1.12
C MET A 314 -1.93 34.41 -2.64
N ARG A 315 -3.14 34.38 -3.14
CA ARG A 315 -3.47 34.63 -4.52
C ARG A 315 -2.84 35.93 -5.05
N ASN A 316 -2.11 35.86 -6.16
CA ASN A 316 -1.41 37.02 -6.72
C ASN A 316 -2.30 37.66 -7.78
N VAL A 317 -2.80 38.87 -7.48
CA VAL A 317 -3.71 39.61 -8.33
C VAL A 317 -3.02 40.91 -8.72
N PRO A 318 -2.37 40.94 -9.91
CA PRO A 318 -1.85 42.22 -10.38
C PRO A 318 -2.94 43.19 -10.86
N GLU A 319 -2.60 44.46 -10.95
CA GLU A 319 -3.54 45.47 -11.45
C GLU A 319 -3.99 45.06 -12.84
N LYS A 320 -5.25 45.36 -13.19
CA LYS A 320 -5.78 45.03 -14.50
C LYS A 320 -4.86 45.69 -15.53
N GLN A 321 -4.35 44.90 -16.46
CA GLN A 321 -3.30 45.36 -17.38
C GLN A 321 -3.88 46.25 -18.48
N THR A 322 -3.24 47.40 -18.70
CA THR A 322 -3.67 48.35 -19.73
C THR A 322 -2.99 48.06 -21.09
N ARG A 323 -2.17 47.01 -21.14
CA ARG A 323 -1.57 46.55 -22.37
C ARG A 323 -1.38 45.04 -22.28
N GLY B 1 -11.65 32.80 -3.68
CA GLY B 1 -11.73 32.15 -2.34
C GLY B 1 -13.12 32.21 -1.73
N LEU B 2 -13.28 31.52 -0.61
CA LEU B 2 -14.57 31.37 0.05
C LEU B 2 -15.16 32.69 0.61
N PHE B 3 -14.31 33.66 0.90
CA PHE B 3 -14.75 34.90 1.53
C PHE B 3 -15.00 36.07 0.56
N GLY B 4 -14.52 35.93 -0.66
CA GLY B 4 -14.85 36.88 -1.72
C GLY B 4 -14.14 38.22 -1.66
N ALA B 5 -13.05 38.29 -0.93
CA ALA B 5 -12.28 39.54 -0.80
C ALA B 5 -11.16 39.55 -1.82
N ILE B 6 -10.17 38.68 -1.65
CA ILE B 6 -9.03 38.61 -2.57
C ILE B 6 -9.53 38.01 -3.90
N ALA B 7 -9.24 38.69 -5.00
CA ALA B 7 -9.83 38.40 -6.31
C ALA B 7 -11.36 38.45 -6.27
N GLY B 8 -11.90 39.29 -5.41
CA GLY B 8 -13.35 39.40 -5.21
C GLY B 8 -13.73 40.86 -5.17
N PHE B 9 -14.24 41.34 -4.03
CA PHE B 9 -14.66 42.75 -3.92
C PHE B 9 -13.47 43.72 -3.88
N ILE B 10 -12.30 43.22 -3.50
CA ILE B 10 -11.05 43.96 -3.72
C ILE B 10 -10.54 43.61 -5.11
N GLU B 11 -10.50 44.63 -5.97
CA GLU B 11 -10.19 44.49 -7.41
C GLU B 11 -8.86 43.81 -7.67
N ASN B 12 -7.82 44.26 -6.97
CA ASN B 12 -6.50 43.70 -7.16
C ASN B 12 -5.60 44.01 -5.98
N GLY B 13 -4.40 43.42 -6.02
CA GLY B 13 -3.39 43.64 -5.00
C GLY B 13 -2.53 44.85 -5.29
N TRP B 14 -1.67 45.18 -4.33
CA TRP B 14 -0.80 46.34 -4.41
C TRP B 14 0.66 45.91 -4.51
N GLU B 15 1.25 46.09 -5.68
CA GLU B 15 2.68 45.79 -5.86
C GLU B 15 3.58 46.71 -5.02
N GLY B 16 3.09 47.94 -4.79
CA GLY B 16 3.77 48.91 -3.94
C GLY B 16 3.91 48.54 -2.48
N MET B 17 2.98 47.73 -1.94
CA MET B 17 3.08 47.34 -0.54
C MET B 17 4.12 46.24 -0.38
N ILE B 18 5.31 46.64 0.04
CA ILE B 18 6.45 45.73 0.18
C ILE B 18 6.83 45.45 1.64
N ASP B 19 6.14 46.07 2.60
CA ASP B 19 6.47 45.91 4.04
C ASP B 19 5.38 45.14 4.82
N GLY B 20 4.39 44.62 4.10
CA GLY B 20 3.39 43.75 4.72
C GLY B 20 2.55 43.06 3.65
N TRP B 21 1.67 42.18 4.10
CA TRP B 21 0.80 41.39 3.23
C TRP B 21 -0.57 42.02 3.06
N TYR B 22 -1.07 42.65 4.12
CA TYR B 22 -2.33 43.38 4.13
C TYR B 22 -2.07 44.77 4.68
N GLY B 23 -2.91 45.73 4.31
CA GLY B 23 -2.78 47.08 4.86
C GLY B 23 -3.77 48.11 4.36
N PHE B 24 -3.42 49.37 4.59
CA PHE B 24 -4.32 50.52 4.41
C PHE B 24 -3.76 51.53 3.41
N ARG B 25 -4.63 52.02 2.52
CA ARG B 25 -4.38 53.24 1.75
C ARG B 25 -5.47 54.25 2.04
N HIS B 26 -5.08 55.52 2.18
CA HIS B 26 -6.01 56.58 2.53
C HIS B 26 -5.87 57.81 1.65
N GLN B 27 -6.95 58.57 1.54
CA GLN B 27 -6.91 59.94 1.06
C GLN B 27 -7.65 60.82 2.07
N ASN B 28 -7.00 61.90 2.50
CA ASN B 28 -7.61 62.92 3.35
C ASN B 28 -7.13 64.31 2.87
N SER B 29 -7.43 65.35 3.64
CA SER B 29 -7.02 66.72 3.27
C SER B 29 -5.50 66.94 3.23
N GLU B 30 -4.75 66.17 4.03
CA GLU B 30 -3.28 66.24 4.04
C GLU B 30 -2.57 65.46 2.92
N GLY B 31 -3.34 64.71 2.12
CA GLY B 31 -2.78 63.95 0.99
C GLY B 31 -3.14 62.48 1.06
N THR B 32 -2.23 61.64 0.55
CA THR B 32 -2.46 60.19 0.47
C THR B 32 -1.27 59.41 1.00
N GLY B 33 -1.55 58.19 1.49
CA GLY B 33 -0.51 57.35 2.07
C GLY B 33 -0.87 55.89 2.20
N GLN B 34 0.14 55.09 2.56
CA GLN B 34 0.05 53.64 2.64
C GLN B 34 0.73 53.15 3.92
N ALA B 35 0.11 52.18 4.58
CA ALA B 35 0.73 51.51 5.75
C ALA B 35 0.31 50.03 5.83
N ALA B 36 1.27 49.17 6.12
CA ALA B 36 1.02 47.74 6.32
C ALA B 36 0.34 47.50 7.66
N ASP B 37 -0.58 46.54 7.71
CA ASP B 37 -1.13 46.03 8.97
C ASP B 37 -0.31 44.82 9.39
N LEU B 38 0.37 44.94 10.52
CA LEU B 38 1.31 43.90 10.99
C LEU B 38 0.57 42.65 11.48
N LYS B 39 -0.56 42.86 12.16
CA LYS B 39 -1.26 41.77 12.83
C LYS B 39 -1.85 40.75 11.86
N SER B 40 -2.60 41.24 10.88
CA SER B 40 -3.14 40.40 9.81
C SER B 40 -2.03 39.72 9.04
N THR B 41 -0.99 40.49 8.67
CA THR B 41 0.17 39.96 7.95
C THR B 41 0.78 38.79 8.71
N GLN B 42 1.00 38.98 10.00
CA GLN B 42 1.62 37.97 10.84
C GLN B 42 0.72 36.74 11.06
N ALA B 43 -0.60 36.95 11.16
CA ALA B 43 -1.54 35.84 11.30
C ALA B 43 -1.51 34.89 10.09
N ALA B 44 -1.42 35.46 8.89
CA ALA B 44 -1.32 34.68 7.66
C ALA B 44 0.01 33.93 7.59
N ILE B 45 1.10 34.67 7.81
CA ILE B 45 2.45 34.11 7.79
C ILE B 45 2.60 32.99 8.81
N ASP B 46 2.12 33.19 10.05
CA ASP B 46 2.21 32.15 11.09
C ASP B 46 1.47 30.89 10.71
N GLN B 47 0.30 31.02 10.11
CA GLN B 47 -0.47 29.86 9.67
C GLN B 47 0.24 29.12 8.54
N ILE B 48 0.83 29.86 7.61
CA ILE B 48 1.54 29.26 6.50
C ILE B 48 2.85 28.58 6.95
N ASN B 49 3.58 29.23 7.86
CA ASN B 49 4.75 28.59 8.46
C ASN B 49 4.38 27.32 9.22
N GLY B 50 3.26 27.38 9.92
CA GLY B 50 2.74 26.23 10.65
C GLY B 50 2.51 25.04 9.74
N LYS B 51 1.81 25.24 8.63
CA LYS B 51 1.55 24.13 7.69
C LYS B 51 2.80 23.65 6.98
N LEU B 52 3.69 24.59 6.62
CA LEU B 52 4.95 24.22 6.00
C LEU B 52 5.77 23.31 6.91
N ASN B 53 5.86 23.68 8.19
CA ASN B 53 6.62 22.89 9.16
C ASN B 53 6.00 21.51 9.43
N ARG B 54 4.68 21.42 9.42
CA ARG B 54 4.00 20.11 9.50
C ARG B 54 4.30 19.22 8.30
N VAL B 55 4.25 19.80 7.11
CA VAL B 55 4.50 19.07 5.85
C VAL B 55 5.94 18.54 5.74
N ILE B 56 6.94 19.36 6.08
CA ILE B 56 8.34 18.94 5.95
C ILE B 56 8.88 18.18 7.17
N GLU B 57 7.99 17.83 8.10
CA GLU B 57 8.35 17.05 9.27
C GLU B 57 8.94 15.70 8.84
N LYS B 58 10.25 15.54 9.00
CA LYS B 58 10.91 14.27 8.66
C LYS B 58 10.33 13.12 9.46
N THR B 59 9.75 12.14 8.77
CA THR B 59 9.13 10.99 9.44
C THR B 59 9.56 9.60 8.97
N ASN B 60 10.38 9.49 7.92
CA ASN B 60 10.77 8.13 7.49
C ASN B 60 12.25 7.90 7.21
N GLU B 61 12.71 6.78 7.74
CA GLU B 61 14.10 6.34 7.67
C GLU B 61 14.09 4.83 7.47
N LYS B 62 14.64 4.37 6.35
CA LYS B 62 14.62 2.95 6.01
C LYS B 62 16.02 2.46 5.68
N PHE B 63 16.28 1.21 5.99
CA PHE B 63 17.60 0.64 5.82
C PHE B 63 17.54 -0.50 4.80
N HIS B 64 17.69 -1.74 5.20
CA HIS B 64 17.57 -2.86 4.27
C HIS B 64 16.12 -3.06 3.87
N GLN B 65 15.86 -3.14 2.57
CA GLN B 65 14.49 -3.23 2.04
C GLN B 65 14.45 -4.38 1.03
N ILE B 66 13.70 -4.24 -0.05
CA ILE B 66 13.71 -5.24 -1.12
C ILE B 66 14.48 -4.65 -2.30
N GLU B 67 14.96 -5.52 -3.16
CA GLU B 67 15.55 -5.11 -4.43
C GLU B 67 14.42 -4.56 -5.34
N LYS B 68 14.79 -3.59 -6.17
CA LYS B 68 13.86 -2.88 -7.02
C LYS B 68 14.27 -2.80 -8.50
N GLU B 69 15.46 -3.28 -8.82
CA GLU B 69 15.94 -3.46 -10.18
C GLU B 69 16.53 -4.85 -10.26
N PHE B 70 16.47 -5.44 -11.45
CA PHE B 70 16.77 -6.86 -11.62
C PHE B 70 17.51 -7.08 -12.91
N SER B 71 18.60 -7.83 -12.86
CA SER B 71 19.38 -8.11 -14.05
C SER B 71 18.92 -9.38 -14.79
N GLU B 72 18.10 -10.23 -14.16
CA GLU B 72 17.60 -11.48 -14.79
C GLU B 72 16.08 -11.53 -14.78
N VAL B 73 15.51 -12.20 -15.77
CA VAL B 73 14.08 -12.54 -15.79
C VAL B 73 13.88 -13.71 -14.81
N GLU B 74 12.93 -13.58 -13.89
CA GLU B 74 12.66 -14.64 -12.89
C GLU B 74 11.21 -15.13 -12.80
N GLY B 75 10.25 -14.30 -13.17
CA GLY B 75 8.85 -14.68 -13.09
C GLY B 75 8.24 -14.28 -11.76
N ARG B 76 7.56 -15.22 -11.12
CA ARG B 76 6.56 -14.95 -10.07
C ARG B 76 7.05 -14.07 -8.90
N ILE B 77 8.18 -14.41 -8.31
CA ILE B 77 8.71 -13.65 -7.16
C ILE B 77 9.05 -12.22 -7.57
N GLN B 78 9.68 -12.07 -8.73
CA GLN B 78 10.05 -10.74 -9.24
C GLN B 78 8.82 -9.93 -9.63
N ASP B 79 7.81 -10.58 -10.23
CA ASP B 79 6.54 -9.90 -10.54
C ASP B 79 5.97 -9.28 -9.27
N LEU B 80 6.01 -10.06 -8.19
CA LEU B 80 5.46 -9.60 -6.90
C LEU B 80 6.27 -8.45 -6.30
N GLU B 81 7.59 -8.59 -6.29
CA GLU B 81 8.48 -7.52 -5.83
C GLU B 81 8.23 -6.20 -6.56
N LYS B 82 8.12 -6.27 -7.89
CA LYS B 82 7.87 -5.07 -8.70
C LYS B 82 6.51 -4.48 -8.45
N TYR B 83 5.50 -5.36 -8.33
CA TYR B 83 4.12 -4.90 -8.10
C TYR B 83 3.99 -4.25 -6.73
N VAL B 84 4.63 -4.82 -5.71
CA VAL B 84 4.62 -4.21 -4.37
C VAL B 84 5.16 -2.77 -4.41
N GLU B 85 6.30 -2.60 -5.06
CA GLU B 85 6.94 -1.27 -5.17
C GLU B 85 6.12 -0.30 -6.00
N ASP B 86 5.65 -0.75 -7.16
CA ASP B 86 4.82 0.08 -8.02
C ASP B 86 3.53 0.55 -7.29
N THR B 87 2.90 -0.38 -6.58
CA THR B 87 1.74 -0.10 -5.75
C THR B 87 2.02 0.99 -4.71
N LYS B 88 3.13 0.82 -3.98
CA LYS B 88 3.58 1.80 -2.97
C LYS B 88 3.78 3.18 -3.57
N ILE B 89 4.51 3.22 -4.69
CA ILE B 89 4.84 4.49 -5.36
C ILE B 89 3.59 5.22 -5.84
N ASP B 90 2.63 4.49 -6.41
CA ASP B 90 1.37 5.10 -6.84
C ASP B 90 0.57 5.64 -5.67
N LEU B 91 0.53 4.91 -4.57
CA LEU B 91 -0.16 5.39 -3.38
C LEU B 91 0.49 6.64 -2.79
N TRP B 92 1.82 6.65 -2.70
CA TRP B 92 2.53 7.86 -2.23
C TRP B 92 2.40 9.04 -3.19
N SER B 93 2.44 8.77 -4.50
CA SER B 93 2.27 9.83 -5.49
C SER B 93 0.89 10.46 -5.36
N TYR B 94 -0.14 9.63 -5.14
CA TYR B 94 -1.48 10.12 -4.85
C TYR B 94 -1.51 10.96 -3.56
N ASN B 95 -0.93 10.46 -2.48
CA ASN B 95 -0.89 11.24 -1.25
C ASN B 95 -0.29 12.63 -1.48
N ALA B 96 0.81 12.67 -2.22
CA ALA B 96 1.50 13.94 -2.47
C ALA B 96 0.62 14.90 -3.27
N GLU B 97 -0.01 14.39 -4.34
CA GLU B 97 -0.92 15.18 -5.17
C GLU B 97 -2.09 15.76 -4.37
N LEU B 98 -2.75 14.90 -3.60
CA LEU B 98 -3.87 15.32 -2.77
C LEU B 98 -3.43 16.35 -1.72
N LEU B 99 -2.30 16.07 -1.05
CA LEU B 99 -1.81 16.94 0.01
C LEU B 99 -1.65 18.37 -0.50
N VAL B 100 -0.96 18.54 -1.64
CA VAL B 100 -0.70 19.90 -2.13
C VAL B 100 -2.00 20.58 -2.57
N ALA B 101 -2.90 19.83 -3.20
CA ALA B 101 -4.19 20.38 -3.62
C ALA B 101 -5.00 20.91 -2.42
N LEU B 102 -5.11 20.11 -1.37
CA LEU B 102 -5.86 20.53 -0.16
C LEU B 102 -5.18 21.69 0.56
N GLU B 103 -3.86 21.58 0.74
CA GLU B 103 -3.09 22.63 1.38
C GLU B 103 -3.26 23.96 0.65
N ASN B 104 -3.17 23.93 -0.67
CA ASN B 104 -3.17 25.15 -1.48
C ASN B 104 -4.56 25.79 -1.54
N GLN B 105 -5.60 24.98 -1.68
CA GLN B 105 -6.97 25.49 -1.58
C GLN B 105 -7.15 26.22 -0.25
N HIS B 106 -6.72 25.57 0.82
CA HIS B 106 -6.81 26.11 2.16
C HIS B 106 -5.96 27.36 2.39
N THR B 107 -4.76 27.41 1.81
CA THR B 107 -3.90 28.58 1.92
C THR B 107 -4.53 29.81 1.24
N ILE B 108 -5.14 29.59 0.07
CA ILE B 108 -5.85 30.64 -0.63
C ILE B 108 -7.06 31.11 0.20
N ASP B 109 -7.84 30.17 0.72
CA ASP B 109 -8.99 30.50 1.58
C ASP B 109 -8.61 31.20 2.88
N LEU B 110 -7.53 30.78 3.53
CA LEU B 110 -7.14 31.42 4.80
C LEU B 110 -6.58 32.82 4.57
N THR B 111 -5.89 33.05 3.45
CA THR B 111 -5.39 34.40 3.15
C THR B 111 -6.53 35.34 2.79
N ASP B 112 -7.50 34.83 2.03
CA ASP B 112 -8.75 35.52 1.72
C ASP B 112 -9.49 35.87 3.01
N SER B 113 -9.57 34.88 3.91
CA SER B 113 -10.17 35.05 5.23
C SER B 113 -9.54 36.20 6.03
N GLU B 114 -8.21 36.26 6.06
CA GLU B 114 -7.53 37.29 6.85
C GLU B 114 -7.76 38.70 6.31
N MET B 115 -7.85 38.83 4.98
CA MET B 115 -8.25 40.10 4.36
C MET B 115 -9.61 40.51 4.87
N ASN B 116 -10.54 39.57 4.81
CA ASN B 116 -11.91 39.80 5.23
C ASN B 116 -12.03 40.15 6.71
N LYS B 117 -11.28 39.46 7.56
CA LYS B 117 -11.25 39.77 9.00
C LYS B 117 -10.83 41.21 9.25
N LEU B 118 -9.80 41.68 8.53
CA LEU B 118 -9.30 43.04 8.70
C LEU B 118 -10.33 44.07 8.25
N PHE B 119 -10.95 43.81 7.10
CA PHE B 119 -11.99 44.67 6.59
C PHE B 119 -13.20 44.79 7.54
N GLU B 120 -13.65 43.66 8.07
CA GLU B 120 -14.80 43.63 8.99
C GLU B 120 -14.49 44.31 10.32
N LYS B 121 -13.26 44.13 10.79
CA LYS B 121 -12.76 44.75 12.01
C LYS B 121 -12.73 46.28 11.89
N THR B 122 -12.25 46.74 10.73
CA THR B 122 -12.14 48.17 10.45
C THR B 122 -13.53 48.79 10.41
N GLY B 123 -14.42 48.19 9.62
CA GLY B 123 -15.84 48.56 9.57
C GLY B 123 -16.48 48.70 10.95
N ARG B 124 -16.22 47.73 11.81
CA ARG B 124 -16.74 47.76 13.20
C ARG B 124 -16.18 48.90 14.03
N GLN B 125 -14.90 49.19 13.83
CA GLN B 125 -14.22 50.30 14.49
C GLN B 125 -14.88 51.65 14.16
N LEU B 126 -15.20 51.84 12.89
CA LEU B 126 -15.79 53.07 12.39
C LEU B 126 -17.26 53.31 12.76
N ARG B 127 -17.95 52.27 13.25
CA ARG B 127 -19.34 52.37 13.70
C ARG B 127 -20.22 53.13 12.69
N GLU B 128 -20.74 54.31 13.04
CA GLU B 128 -21.67 55.05 12.18
C GLU B 128 -21.00 56.20 11.43
N ASN B 129 -19.68 56.34 11.59
CA ASN B 129 -18.95 57.47 11.00
C ASN B 129 -18.39 57.15 9.61
N ALA B 130 -18.77 56.02 9.02
CA ALA B 130 -18.29 55.62 7.70
C ALA B 130 -19.24 54.69 6.97
N GLU B 131 -19.05 54.58 5.65
CA GLU B 131 -19.85 53.67 4.83
C GLU B 131 -18.98 52.83 3.88
N ASP B 132 -19.39 51.59 3.71
CA ASP B 132 -18.73 50.61 2.85
C ASP B 132 -19.06 50.89 1.39
N MET B 133 -18.06 51.34 0.62
CA MET B 133 -18.25 51.63 -0.81
C MET B 133 -18.40 50.38 -1.67
N GLY B 134 -18.00 49.21 -1.15
CA GLY B 134 -18.20 47.93 -1.84
C GLY B 134 -16.98 47.41 -2.59
N ASN B 135 -15.88 48.15 -2.54
CA ASN B 135 -14.62 47.82 -3.22
C ASN B 135 -13.47 47.75 -2.22
N GLY B 136 -13.80 47.45 -0.97
CA GLY B 136 -12.82 47.47 0.12
C GLY B 136 -12.46 48.84 0.65
N CYS B 137 -13.19 49.89 0.23
CA CYS B 137 -12.94 51.27 0.70
C CYS B 137 -14.09 51.81 1.53
N PHE B 138 -13.75 52.43 2.64
CA PHE B 138 -14.69 53.13 3.48
C PHE B 138 -14.66 54.61 3.14
N LYS B 139 -15.83 55.18 2.87
CA LYS B 139 -15.97 56.64 2.83
C LYS B 139 -16.19 57.09 4.27
N ILE B 140 -15.27 57.90 4.78
CA ILE B 140 -15.32 58.41 6.16
C ILE B 140 -15.91 59.82 6.08
N TYR B 141 -17.02 60.05 6.80
CA TYR B 141 -17.78 61.30 6.69
C TYR B 141 -17.37 62.36 7.72
N HIS B 142 -16.07 62.56 7.91
CA HIS B 142 -15.58 63.64 8.75
C HIS B 142 -14.12 63.95 8.43
N LYS B 143 -13.62 65.05 8.99
CA LYS B 143 -12.22 65.42 8.85
C LYS B 143 -11.42 64.37 9.59
N CYS B 144 -10.58 63.66 8.84
CA CYS B 144 -9.71 62.64 9.43
C CYS B 144 -8.28 62.93 8.99
N ASP B 145 -7.64 63.79 9.78
CA ASP B 145 -6.20 64.08 9.67
C ASP B 145 -5.34 62.84 9.88
N ASN B 146 -4.05 62.97 9.63
CA ASN B 146 -3.12 61.82 9.71
C ASN B 146 -3.08 61.16 11.09
N ALA B 147 -3.21 61.95 12.16
CA ALA B 147 -3.35 61.43 13.52
C ALA B 147 -4.60 60.55 13.65
N CYS B 148 -5.69 60.97 13.01
CA CYS B 148 -6.95 60.23 12.99
C CYS B 148 -6.84 58.91 12.19
N ILE B 149 -6.14 58.94 11.06
CA ILE B 149 -5.95 57.74 10.22
C ILE B 149 -5.14 56.72 11.01
N GLU B 150 -3.96 57.14 11.48
CA GLU B 150 -3.11 56.30 12.33
C GLU B 150 -3.88 55.75 13.56
N SER B 151 -4.82 56.52 14.10
CA SER B 151 -5.66 56.04 15.21
C SER B 151 -6.53 54.84 14.82
N ILE B 152 -7.05 54.87 13.59
CA ILE B 152 -7.83 53.75 13.04
C ILE B 152 -6.90 52.54 12.85
N ARG B 153 -5.74 52.77 12.25
CA ARG B 153 -4.80 51.70 11.93
C ARG B 153 -4.16 51.06 13.17
N ASN B 154 -3.91 51.85 14.23
CA ASN B 154 -3.35 51.30 15.48
C ASN B 154 -4.38 51.03 16.60
N GLY B 155 -5.67 51.00 16.25
CA GLY B 155 -6.71 50.55 17.15
C GLY B 155 -7.18 51.50 18.25
N THR B 156 -6.91 52.81 18.12
CA THR B 156 -7.30 53.80 19.15
C THR B 156 -8.45 54.76 18.76
N TYR B 157 -8.87 54.74 17.50
CA TYR B 157 -9.96 55.60 17.00
C TYR B 157 -11.22 55.52 17.87
N ASP B 158 -11.53 56.60 18.57
CA ASP B 158 -12.80 56.71 19.30
C ASP B 158 -13.83 57.28 18.34
N HIS B 159 -14.85 56.48 18.03
CA HIS B 159 -15.90 56.91 17.12
C HIS B 159 -16.84 57.97 17.72
N ASP B 160 -16.99 58.01 19.05
CA ASP B 160 -17.85 59.01 19.70
C ASP B 160 -17.41 60.44 19.41
N VAL B 161 -16.10 60.66 19.46
CA VAL B 161 -15.47 61.96 19.17
C VAL B 161 -16.03 62.60 17.89
N TYR B 162 -16.07 61.81 16.82
CA TYR B 162 -16.45 62.31 15.49
C TYR B 162 -17.90 62.02 15.08
N ARG B 163 -18.69 61.41 15.96
CA ARG B 163 -20.00 60.87 15.57
C ARG B 163 -21.00 61.93 15.08
N ASP B 164 -21.17 62.99 15.88
CA ASP B 164 -22.10 64.08 15.53
C ASP B 164 -21.77 64.68 14.17
N GLU B 165 -20.49 65.04 13.99
CA GLU B 165 -19.99 65.54 12.71
C GLU B 165 -20.36 64.58 11.58
N ALA B 166 -20.00 63.31 11.73
CA ALA B 166 -20.18 62.31 10.68
C ALA B 166 -21.64 61.99 10.38
N LEU B 167 -22.44 61.80 11.43
CA LEU B 167 -23.88 61.56 11.30
C LEU B 167 -24.55 62.67 10.48
N ASN B 168 -24.15 63.92 10.75
CA ASN B 168 -24.70 65.07 10.05
C ASN B 168 -24.38 65.06 8.55
N ASN B 169 -23.12 64.84 8.22
CA ASN B 169 -22.69 64.73 6.82
C ASN B 169 -23.37 63.58 6.07
N ARG B 170 -23.66 62.49 6.76
CA ARG B 170 -24.32 61.32 6.17
C ARG B 170 -25.81 61.52 5.88
N PHE B 171 -26.55 62.15 6.77
CA PHE B 171 -28.02 62.24 6.58
C PHE B 171 -28.45 63.65 6.16
N GLN B 172 -27.83 64.12 5.08
CA GLN B 172 -28.08 65.42 4.48
C GLN B 172 -28.57 65.21 3.05
N PRO C 3 -31.35 55.59 27.95
CA PRO C 3 -30.88 54.49 28.81
C PRO C 3 -31.31 53.12 28.27
N GLY C 4 -30.39 52.43 27.60
CA GLY C 4 -30.70 51.22 26.83
C GLY C 4 -30.27 49.90 27.45
N ALA C 5 -29.62 49.06 26.64
CA ALA C 5 -29.24 47.70 27.06
C ALA C 5 -28.11 47.15 26.20
N THR C 6 -27.34 46.22 26.76
CA THR C 6 -26.29 45.51 26.03
C THR C 6 -26.68 44.04 25.88
N LEU C 7 -26.42 43.47 24.71
CA LEU C 7 -26.60 42.04 24.45
C LEU C 7 -25.35 41.50 23.78
N CYS C 8 -24.63 40.67 24.52
CA CYS C 8 -23.38 40.08 24.05
C CYS C 8 -23.57 38.63 23.64
N LEU C 9 -23.07 38.29 22.44
CA LEU C 9 -22.99 36.92 21.97
C LEU C 9 -21.65 36.33 22.35
N GLY C 10 -21.66 35.06 22.75
CA GLY C 10 -20.45 34.38 23.18
C GLY C 10 -20.53 32.87 23.04
N HIS C 11 -19.47 32.23 23.48
CA HIS C 11 -19.33 30.79 23.42
C HIS C 11 -18.72 30.30 24.72
N HIS C 12 -18.87 29.02 24.98
CA HIS C 12 -18.32 28.43 26.20
C HIS C 12 -16.81 28.24 26.13
N ALA C 13 -16.22 27.99 27.28
CA ALA C 13 -14.82 27.59 27.42
C ALA C 13 -14.76 26.69 28.64
N VAL C 14 -13.65 26.00 28.81
CA VAL C 14 -13.46 25.09 29.94
C VAL C 14 -12.11 25.39 30.58
N PRO C 15 -11.93 25.03 31.87
CA PRO C 15 -10.66 25.33 32.54
C PRO C 15 -9.50 24.44 32.08
N ASN C 16 -9.78 23.16 31.83
CA ASN C 16 -8.77 22.19 31.35
C ASN C 16 -9.15 21.65 29.95
N GLY C 17 -8.69 22.35 28.91
CA GLY C 17 -8.86 21.89 27.51
C GLY C 17 -7.90 20.78 27.13
N THR C 18 -7.92 20.40 25.85
CA THR C 18 -7.03 19.34 25.31
C THR C 18 -6.31 19.83 24.08
N LEU C 19 -5.04 19.44 23.95
CA LEU C 19 -4.24 19.78 22.77
C LEU C 19 -4.47 18.80 21.63
N VAL C 20 -4.70 19.33 20.43
CA VAL C 20 -4.88 18.53 19.22
C VAL C 20 -4.03 19.11 18.11
N LYS C 21 -3.90 18.32 17.05
CA LYS C 21 -3.16 18.71 15.86
C LYS C 21 -4.11 19.09 14.74
N THR C 22 -3.71 20.08 13.95
CA THR C 22 -4.46 20.53 12.78
C THR C 22 -3.52 20.62 11.57
N ILE C 23 -4.01 21.20 10.48
CA ILE C 23 -3.21 21.47 9.29
C ILE C 23 -2.12 22.52 9.60
N THR C 24 -2.50 23.57 10.33
CA THR C 24 -1.58 24.69 10.59
C THR C 24 -0.85 24.62 11.94
N ASP C 25 -1.34 23.81 12.88
CA ASP C 25 -0.77 23.74 14.23
C ASP C 25 -0.47 22.32 14.68
N ASP C 26 0.75 22.08 15.16
CA ASP C 26 1.04 20.77 15.79
C ASP C 26 0.41 20.60 17.18
N GLN C 27 0.07 21.69 17.86
CA GLN C 27 -0.65 21.64 19.12
C GLN C 27 -1.51 22.88 19.22
N ILE C 28 -2.81 22.70 19.34
CA ILE C 28 -3.72 23.80 19.62
C ILE C 28 -4.84 23.29 20.53
N GLU C 29 -5.33 24.16 21.39
CA GLU C 29 -6.23 23.78 22.47
C GLU C 29 -7.70 23.89 22.06
N VAL C 30 -8.42 22.79 22.25
CA VAL C 30 -9.86 22.73 22.05
C VAL C 30 -10.52 22.31 23.36
N THR C 31 -11.84 22.43 23.42
CA THR C 31 -12.58 22.17 24.67
C THR C 31 -12.64 20.69 25.02
N ASN C 32 -12.59 19.82 24.01
CA ASN C 32 -12.60 18.38 24.22
C ASN C 32 -12.09 17.64 22.99
N ALA C 33 -11.65 16.40 23.21
CA ALA C 33 -11.22 15.54 22.13
C ALA C 33 -11.39 14.10 22.53
N THR C 34 -11.30 13.20 21.55
CA THR C 34 -11.43 11.78 21.79
C THR C 34 -10.29 11.01 21.11
N GLU C 35 -9.87 9.92 21.75
CA GLU C 35 -8.71 9.16 21.33
C GLU C 35 -9.07 8.20 20.19
N LEU C 36 -8.30 8.24 19.10
CA LEU C 36 -8.55 7.36 17.94
C LEU C 36 -7.63 6.13 17.85
N VAL C 37 -6.61 6.05 18.72
CA VAL C 37 -5.68 4.93 18.73
C VAL C 37 -5.88 4.09 19.99
N GLN C 38 -6.26 2.83 19.80
CA GLN C 38 -6.31 1.86 20.89
C GLN C 38 -4.90 1.44 21.24
N SER C 39 -4.45 1.74 22.46
CA SER C 39 -3.07 1.45 22.86
C SER C 39 -2.96 0.47 24.02
N SER C 40 -4.08 -0.10 24.46
CA SER C 40 -4.05 -1.03 25.57
C SER C 40 -4.88 -2.27 25.25
N SER C 41 -4.53 -3.34 25.95
CA SER C 41 -5.22 -4.63 25.94
C SER C 41 -5.44 -5.06 27.37
N THR C 42 -6.43 -5.92 27.59
CA THR C 42 -6.61 -6.62 28.87
C THR C 42 -5.48 -7.60 29.18
N GLY C 43 -4.76 -8.05 28.15
CA GLY C 43 -3.76 -9.10 28.33
C GLY C 43 -4.35 -10.51 28.22
N LYS C 44 -5.63 -10.64 27.88
CA LYS C 44 -6.28 -11.93 27.78
C LYS C 44 -7.02 -12.06 26.44
N ILE C 45 -7.03 -13.26 25.89
CA ILE C 45 -7.76 -13.58 24.68
C ILE C 45 -9.18 -14.03 25.05
N CYS C 46 -10.17 -13.24 24.64
CA CYS C 46 -11.56 -13.58 24.90
C CYS C 46 -11.99 -14.82 24.10
N ASN C 47 -12.65 -15.75 24.78
CA ASN C 47 -13.08 -17.02 24.14
C ASN C 47 -14.33 -16.94 23.24
N ASN C 48 -14.96 -15.77 23.18
CA ASN C 48 -16.06 -15.49 22.23
C ASN C 48 -15.81 -14.15 21.55
N PRO C 49 -16.38 -13.92 20.35
CA PRO C 49 -17.27 -14.86 19.62
C PRO C 49 -16.55 -15.84 18.67
N HIS C 50 -15.22 -15.82 18.60
CA HIS C 50 -14.48 -16.75 17.75
C HIS C 50 -14.17 -18.03 18.52
N ARG C 51 -14.22 -19.17 17.85
CA ARG C 51 -13.76 -20.44 18.45
C ARG C 51 -12.22 -20.45 18.58
N ILE C 52 -11.74 -20.33 19.80
CA ILE C 52 -10.32 -20.32 20.12
C ILE C 52 -9.90 -21.71 20.56
N LEU C 53 -8.89 -22.28 19.88
CA LEU C 53 -8.33 -23.55 20.29
C LEU C 53 -6.92 -23.31 20.81
N ASP C 54 -6.74 -23.53 22.09
CA ASP C 54 -5.44 -23.40 22.73
C ASP C 54 -4.59 -24.63 22.41
N GLY C 55 -3.47 -24.44 21.72
CA GLY C 55 -2.55 -25.55 21.43
C GLY C 55 -1.85 -26.13 22.66
N ILE C 56 -1.77 -25.36 23.74
CA ILE C 56 -1.09 -25.75 24.99
C ILE C 56 0.35 -26.17 24.66
N ASP C 57 0.67 -27.46 24.76
CA ASP C 57 2.02 -27.98 24.52
C ASP C 57 2.28 -28.35 23.05
N CYS C 58 1.37 -28.03 22.14
CA CYS C 58 1.38 -28.56 20.79
C CYS C 58 1.35 -27.47 19.73
N THR C 59 2.22 -27.61 18.72
CA THR C 59 2.08 -26.83 17.50
C THR C 59 0.97 -27.45 16.69
N LEU C 60 0.45 -26.67 15.74
CA LEU C 60 -0.57 -27.17 14.84
C LEU C 60 -0.04 -28.36 14.03
N ILE C 61 1.21 -28.29 13.59
CA ILE C 61 1.79 -29.39 12.83
C ILE C 61 1.89 -30.68 13.66
N ASP C 62 2.27 -30.57 14.93
CA ASP C 62 2.33 -31.76 15.80
C ASP C 62 0.92 -32.36 16.06
N ALA C 63 -0.08 -31.50 16.18
CA ALA C 63 -1.47 -31.95 16.30
C ALA C 63 -1.92 -32.63 15.00
N LEU C 64 -1.50 -32.07 13.87
CA LEU C 64 -1.80 -32.64 12.54
C LEU C 64 -1.21 -34.04 12.38
N LEU C 65 0.09 -34.17 12.63
CA LEU C 65 0.78 -35.45 12.43
C LEU C 65 0.31 -36.50 13.43
N GLY C 66 -0.04 -36.06 14.64
CA GLY C 66 -0.50 -36.95 15.70
C GLY C 66 0.58 -37.40 16.64
N ASP C 67 1.46 -36.49 17.03
CA ASP C 67 2.38 -36.64 18.16
C ASP C 67 1.52 -37.04 19.38
N PRO C 68 1.86 -38.14 20.10
CA PRO C 68 0.97 -38.68 21.16
C PRO C 68 0.48 -37.68 22.20
N HIS C 69 1.34 -36.80 22.69
CA HIS C 69 0.89 -35.77 23.65
C HIS C 69 -0.06 -34.73 23.02
N CYS C 70 -0.22 -34.75 21.69
CA CYS C 70 -1.19 -33.93 20.97
C CYS C 70 -2.45 -34.69 20.51
N ASP C 71 -2.63 -35.94 20.97
CA ASP C 71 -3.79 -36.76 20.57
C ASP C 71 -5.12 -36.12 20.91
N VAL C 72 -5.14 -35.34 21.99
CA VAL C 72 -6.34 -34.60 22.40
C VAL C 72 -6.87 -33.65 21.30
N PHE C 73 -6.02 -33.24 20.35
CA PHE C 73 -6.47 -32.36 19.25
C PHE C 73 -7.08 -33.07 18.03
N GLN C 74 -7.19 -34.40 18.07
CA GLN C 74 -7.75 -35.15 16.95
C GLN C 74 -9.10 -34.61 16.56
N ASN C 75 -9.30 -34.41 15.25
CA ASN C 75 -10.57 -33.91 14.73
C ASN C 75 -11.02 -32.54 15.26
N GLU C 76 -10.10 -31.78 15.86
CA GLU C 76 -10.49 -30.48 16.40
C GLU C 76 -10.78 -29.48 15.29
N THR C 77 -11.49 -28.40 15.64
CA THR C 77 -11.73 -27.30 14.73
C THR C 77 -11.46 -26.00 15.47
N TRP C 78 -11.30 -24.92 14.69
CA TRP C 78 -11.02 -23.61 15.26
C TRP C 78 -11.36 -22.49 14.28
N ASP C 79 -11.63 -21.32 14.83
CA ASP C 79 -11.47 -20.08 14.09
C ASP C 79 -10.04 -19.58 14.26
N LEU C 80 -9.51 -19.64 15.49
CA LEU C 80 -8.12 -19.24 15.73
C LEU C 80 -7.41 -20.30 16.57
N PHE C 81 -6.40 -20.92 15.98
CA PHE C 81 -5.50 -21.83 16.69
C PHE C 81 -4.40 -20.97 17.31
N VAL C 82 -4.19 -21.13 18.62
CA VAL C 82 -3.18 -20.37 19.35
C VAL C 82 -2.01 -21.29 19.71
N GLU C 83 -0.83 -20.98 19.16
CA GLU C 83 0.39 -21.73 19.46
C GLU C 83 1.16 -21.01 20.56
N ARG C 84 1.57 -21.79 21.56
CA ARG C 84 2.28 -21.27 22.74
C ARG C 84 3.78 -21.44 22.60
N SER C 85 4.54 -20.54 23.21
CA SER C 85 6.00 -20.63 23.17
C SER C 85 6.53 -21.84 23.93
N LYS C 86 5.76 -22.36 24.89
CA LYS C 86 6.12 -23.60 25.59
C LYS C 86 5.91 -24.90 24.79
N ALA C 87 5.37 -24.84 23.57
CA ALA C 87 5.09 -26.06 22.80
C ALA C 87 6.35 -26.85 22.53
N PHE C 88 6.24 -28.17 22.52
CA PHE C 88 7.37 -29.04 22.23
C PHE C 88 6.90 -30.23 21.42
N SER C 89 7.82 -30.79 20.65
CA SER C 89 7.63 -32.05 19.95
C SER C 89 8.15 -33.18 20.81
N ASN C 90 7.50 -34.34 20.77
CA ASN C 90 7.93 -35.49 21.57
C ASN C 90 7.71 -36.82 20.85
N CYS C 91 7.98 -36.83 19.55
CA CYS C 91 7.79 -38.01 18.73
C CYS C 91 9.05 -38.19 17.89
N TYR C 92 8.95 -38.89 16.75
CA TYR C 92 10.14 -39.13 15.93
C TYR C 92 10.65 -37.78 15.37
N PRO C 93 11.97 -37.55 15.38
CA PRO C 93 12.42 -36.27 14.85
C PRO C 93 12.13 -36.10 13.37
N TYR C 94 11.68 -34.91 12.98
CA TYR C 94 11.20 -34.67 11.63
C TYR C 94 11.50 -33.27 11.16
N ASP C 95 11.46 -33.09 9.84
CA ASP C 95 11.35 -31.76 9.25
C ASP C 95 10.24 -31.74 8.19
N VAL C 96 9.81 -30.53 7.87
CA VAL C 96 8.84 -30.31 6.81
C VAL C 96 9.46 -29.30 5.86
N PRO C 97 9.92 -29.74 4.68
CA PRO C 97 10.26 -28.76 3.66
C PRO C 97 9.01 -27.90 3.38
N ASP C 98 9.16 -26.60 3.40
CA ASP C 98 8.00 -25.69 3.35
C ASP C 98 7.02 -25.89 4.51
N TYR C 99 7.58 -26.09 5.71
CA TYR C 99 6.85 -26.05 6.97
C TYR C 99 5.82 -24.92 7.01
N ALA C 100 6.28 -23.70 6.69
CA ALA C 100 5.42 -22.52 6.81
C ALA C 100 4.16 -22.61 5.94
N SER C 101 4.29 -23.17 4.74
CA SER C 101 3.14 -23.34 3.85
C SER C 101 2.15 -24.38 4.37
N LEU C 102 2.66 -25.50 4.88
CA LEU C 102 1.77 -26.55 5.40
C LEU C 102 1.01 -26.02 6.64
N ARG C 103 1.74 -25.37 7.54
CA ARG C 103 1.11 -24.74 8.71
C ARG C 103 0.04 -23.74 8.27
N SER C 104 0.36 -22.92 7.27
CA SER C 104 -0.59 -21.91 6.80
C SER C 104 -1.86 -22.50 6.20
N LEU C 105 -1.70 -23.47 5.30
CA LEU C 105 -2.86 -24.05 4.63
C LEU C 105 -3.75 -24.83 5.59
N VAL C 106 -3.15 -25.54 6.57
CA VAL C 106 -3.94 -26.21 7.60
C VAL C 106 -4.63 -25.19 8.50
N ALA C 107 -3.90 -24.17 8.96
CA ALA C 107 -4.48 -23.14 9.82
C ALA C 107 -5.71 -22.50 9.18
N SER C 108 -5.58 -22.23 7.87
CA SER C 108 -6.62 -21.58 7.12
C SER C 108 -7.83 -22.48 6.82
N SER C 109 -7.59 -23.79 6.74
CA SER C 109 -8.66 -24.77 6.56
C SER C 109 -9.52 -24.91 7.83
N GLY C 110 -8.92 -24.75 9.01
CA GLY C 110 -9.68 -24.65 10.25
C GLY C 110 -10.15 -25.95 10.87
N THR C 111 -9.65 -27.07 10.37
CA THR C 111 -10.06 -28.38 10.86
C THR C 111 -8.91 -29.39 10.77
N LEU C 112 -8.92 -30.35 11.70
CA LEU C 112 -8.08 -31.55 11.63
C LEU C 112 -8.93 -32.80 11.43
N GLU C 113 -10.15 -32.64 10.92
CA GLU C 113 -11.03 -33.76 10.66
C GLU C 113 -10.32 -34.72 9.73
N PHE C 114 -10.13 -35.95 10.22
CA PHE C 114 -9.39 -36.98 9.53
C PHE C 114 -10.29 -38.17 9.21
N ILE C 115 -10.19 -38.65 7.97
CA ILE C 115 -10.97 -39.78 7.52
C ILE C 115 -9.98 -40.88 7.15
N THR C 116 -10.08 -42.01 7.85
CA THR C 116 -9.22 -43.16 7.62
C THR C 116 -9.66 -43.87 6.34
N GLU C 117 -8.69 -44.28 5.52
CA GLU C 117 -8.97 -45.00 4.28
C GLU C 117 -8.28 -46.35 4.32
N GLY C 118 -8.86 -47.33 3.64
CA GLY C 118 -8.34 -48.68 3.64
C GLY C 118 -7.24 -48.91 2.64
N PHE C 119 -6.06 -48.31 2.87
CA PHE C 119 -4.90 -48.62 2.03
C PHE C 119 -4.50 -50.08 2.26
N THR C 120 -4.12 -50.77 1.20
CA THR C 120 -3.62 -52.14 1.27
C THR C 120 -2.13 -52.12 0.95
N TRP C 121 -1.30 -52.40 1.95
CA TRP C 121 0.15 -52.42 1.81
C TRP C 121 0.64 -53.86 1.75
N THR C 122 0.59 -54.44 0.57
CA THR C 122 0.86 -55.87 0.39
C THR C 122 2.35 -56.22 0.58
N GLY C 123 2.63 -57.14 1.49
CA GLY C 123 3.96 -57.70 1.68
C GLY C 123 4.90 -56.91 2.59
N VAL C 124 4.35 -55.97 3.37
CA VAL C 124 5.13 -55.22 4.35
C VAL C 124 4.47 -55.26 5.72
N THR C 125 5.25 -54.95 6.75
CA THR C 125 4.76 -54.84 8.11
C THR C 125 4.32 -53.40 8.35
N GLN C 126 3.14 -53.25 8.94
CA GLN C 126 2.55 -51.95 9.23
C GLN C 126 2.75 -51.57 10.70
N ASN C 127 2.42 -50.33 11.01
CA ASN C 127 2.38 -49.80 12.39
C ASN C 127 3.72 -49.85 13.13
N GLY C 128 4.80 -49.54 12.41
CA GLY C 128 6.11 -49.43 13.03
C GLY C 128 6.12 -48.34 14.10
N GLY C 129 6.97 -48.55 15.10
CA GLY C 129 7.06 -47.65 16.25
C GLY C 129 8.48 -47.47 16.71
N SER C 130 8.67 -46.47 17.57
CA SER C 130 9.98 -46.08 18.07
C SER C 130 9.85 -45.63 19.51
N ASN C 131 10.92 -45.84 20.28
CA ASN C 131 11.00 -45.30 21.64
C ASN C 131 11.14 -43.78 21.67
N ALA C 132 11.49 -43.18 20.54
CA ALA C 132 11.44 -41.72 20.37
C ALA C 132 10.02 -41.15 20.46
N CYS C 133 9.00 -42.00 20.31
CA CYS C 133 7.63 -41.57 20.23
C CYS C 133 6.70 -42.50 21.00
N LYS C 134 6.80 -42.43 22.33
CA LYS C 134 6.04 -43.30 23.22
C LYS C 134 4.55 -43.04 23.24
N ARG C 135 3.80 -44.13 23.25
CA ARG C 135 2.35 -44.17 23.39
C ARG C 135 2.09 -45.08 24.58
N GLY C 136 1.63 -44.51 25.69
CA GLY C 136 1.61 -45.20 26.95
C GLY C 136 3.04 -45.63 27.31
N PRO C 137 3.21 -46.85 27.82
CA PRO C 137 4.55 -47.29 28.25
C PRO C 137 5.48 -47.71 27.10
N GLY C 138 4.92 -48.09 25.95
CA GLY C 138 5.69 -48.69 24.86
C GLY C 138 5.90 -47.81 23.65
N SER C 139 6.65 -48.33 22.68
CA SER C 139 7.06 -47.57 21.53
C SER C 139 5.83 -47.26 20.67
N GLY C 140 5.90 -46.14 19.95
CA GLY C 140 4.77 -45.71 19.14
C GLY C 140 5.20 -44.79 18.03
N PHE C 141 4.22 -44.08 17.48
CA PHE C 141 4.41 -43.28 16.30
C PHE C 141 3.30 -42.26 16.13
N PHE C 142 3.50 -41.32 15.20
CA PHE C 142 2.47 -40.37 14.79
C PHE C 142 1.18 -41.13 14.48
N SER C 143 0.07 -40.73 15.08
CA SER C 143 -1.20 -41.42 14.88
C SER C 143 -1.69 -41.43 13.44
N ARG C 144 -1.40 -40.39 12.66
CA ARG C 144 -1.92 -40.30 11.28
C ARG C 144 -0.99 -40.87 10.20
N LEU C 145 0.15 -41.41 10.62
CA LEU C 145 1.13 -41.98 9.71
C LEU C 145 1.37 -43.44 10.06
N ASN C 146 1.78 -44.20 9.04
CA ASN C 146 1.90 -45.64 9.14
C ASN C 146 3.30 -46.02 8.66
N TRP C 147 4.17 -46.36 9.62
CA TRP C 147 5.56 -46.68 9.32
C TRP C 147 5.63 -48.11 8.82
N LEU C 148 5.90 -48.24 7.51
CA LEU C 148 5.98 -49.53 6.86
C LEU C 148 7.41 -50.04 6.85
N THR C 149 7.57 -51.32 7.16
CA THR C 149 8.87 -51.99 7.12
C THR C 149 8.74 -53.39 6.49
N LYS C 150 9.87 -54.05 6.31
CA LYS C 150 9.90 -55.38 5.71
C LYS C 150 9.02 -56.39 6.45
N SER C 151 8.52 -57.36 5.69
CA SER C 151 7.80 -58.52 6.22
C SER C 151 8.65 -59.74 5.88
N GLY C 152 9.05 -60.48 6.90
CA GLY C 152 10.07 -61.50 6.76
C GLY C 152 11.40 -60.91 6.33
N SER C 153 11.86 -61.28 5.13
CA SER C 153 13.14 -60.80 4.58
C SER C 153 12.97 -59.99 3.30
N THR C 154 11.76 -59.50 3.02
CA THR C 154 11.49 -58.76 1.77
C THR C 154 10.62 -57.51 2.01
N TYR C 155 10.86 -56.50 1.17
CA TYR C 155 10.03 -55.30 1.09
C TYR C 155 9.77 -55.14 -0.41
N PRO C 156 8.58 -55.57 -0.88
CA PRO C 156 8.33 -55.48 -2.33
C PRO C 156 8.03 -54.06 -2.76
N VAL C 157 7.94 -53.86 -4.07
CA VAL C 157 7.47 -52.59 -4.61
C VAL C 157 6.03 -52.40 -4.13
N LEU C 158 5.77 -51.28 -3.48
CA LEU C 158 4.42 -50.92 -3.06
C LEU C 158 3.84 -50.05 -4.14
N ASN C 159 2.62 -50.35 -4.55
CA ASN C 159 1.97 -49.61 -5.61
C ASN C 159 0.47 -49.59 -5.33
N VAL C 160 -0.02 -48.48 -4.77
CA VAL C 160 -1.42 -48.37 -4.38
C VAL C 160 -2.08 -47.12 -4.92
N THR C 161 -3.42 -47.15 -4.95
CA THR C 161 -4.22 -46.05 -5.42
C THR C 161 -5.38 -45.75 -4.48
N MET C 162 -5.79 -44.48 -4.48
CA MET C 162 -6.97 -44.05 -3.76
C MET C 162 -7.65 -42.94 -4.58
N PRO C 163 -8.78 -43.26 -5.24
CA PRO C 163 -9.47 -42.21 -5.97
C PRO C 163 -10.24 -41.30 -5.05
N ASN C 164 -10.39 -40.04 -5.45
CA ASN C 164 -11.29 -39.14 -4.78
C ASN C 164 -12.61 -39.10 -5.55
N ASN C 165 -13.59 -39.84 -5.04
CA ASN C 165 -14.94 -39.84 -5.57
C ASN C 165 -15.91 -39.01 -4.71
N ASP C 166 -15.37 -38.19 -3.81
CA ASP C 166 -16.16 -37.23 -3.06
C ASP C 166 -16.21 -35.92 -3.82
N ASN C 167 -16.95 -34.95 -3.30
CA ASN C 167 -17.04 -33.63 -3.90
C ASN C 167 -16.27 -32.55 -3.13
N PHE C 168 -15.30 -32.96 -2.31
CA PHE C 168 -14.42 -32.04 -1.56
C PHE C 168 -12.96 -32.42 -1.82
N ASP C 169 -12.05 -31.50 -1.55
CA ASP C 169 -10.61 -31.78 -1.65
C ASP C 169 -10.11 -32.60 -0.46
N LYS C 170 -9.23 -33.57 -0.73
CA LYS C 170 -8.56 -34.35 0.30
C LYS C 170 -7.12 -33.89 0.47
N LEU C 171 -6.69 -33.68 1.72
CA LEU C 171 -5.28 -33.40 2.04
C LEU C 171 -4.62 -34.67 2.59
N TYR C 172 -3.62 -35.20 1.87
CA TYR C 172 -2.84 -36.34 2.36
C TYR C 172 -1.49 -35.88 2.88
N ILE C 173 -1.17 -36.32 4.09
CA ILE C 173 0.11 -36.07 4.72
C ILE C 173 0.85 -37.40 4.71
N TRP C 174 2.08 -37.39 4.22
CA TRP C 174 2.92 -38.57 4.15
C TRP C 174 4.37 -38.18 4.40
N GLY C 175 5.26 -39.16 4.39
CA GLY C 175 6.66 -38.87 4.65
C GLY C 175 7.64 -39.86 4.10
N VAL C 176 8.91 -39.55 4.31
CA VAL C 176 10.03 -40.36 3.89
C VAL C 176 11.01 -40.49 5.06
N HIS C 177 11.44 -41.72 5.33
CA HIS C 177 12.41 -41.97 6.39
C HIS C 177 13.83 -41.88 5.84
N HIS C 178 14.65 -41.12 6.55
CA HIS C 178 16.08 -40.96 6.29
C HIS C 178 16.86 -41.68 7.38
N PRO C 179 17.28 -42.93 7.13
CA PRO C 179 18.08 -43.64 8.14
C PRO C 179 19.45 -43.01 8.33
N SER C 180 20.03 -43.22 9.51
CA SER C 180 21.37 -42.69 9.78
C SER C 180 22.51 -43.58 9.27
N THR C 181 22.25 -44.89 9.08
CA THR C 181 23.27 -45.84 8.61
C THR C 181 22.71 -46.78 7.55
N ASN C 182 23.61 -47.34 6.74
CA ASN C 182 23.25 -48.38 5.78
C ASN C 182 22.65 -49.60 6.45
N GLN C 183 23.16 -49.93 7.64
CA GLN C 183 22.66 -51.08 8.41
C GLN C 183 21.16 -50.90 8.71
N GLU C 184 20.79 -49.71 9.16
CA GLU C 184 19.40 -49.36 9.47
C GLU C 184 18.52 -49.44 8.20
N GLN C 185 19.01 -48.84 7.12
CA GLN C 185 18.33 -48.89 5.81
C GLN C 185 17.97 -50.31 5.41
N THR C 186 18.97 -51.21 5.41
CA THR C 186 18.76 -52.58 4.93
C THR C 186 17.95 -53.43 5.91
N SER C 187 18.15 -53.20 7.21
CA SER C 187 17.40 -53.91 8.25
C SER C 187 15.91 -53.61 8.15
N LEU C 188 15.56 -52.34 7.92
CA LEU C 188 14.16 -51.93 7.83
C LEU C 188 13.52 -52.19 6.46
N TYR C 189 14.24 -51.88 5.38
CA TYR C 189 13.65 -51.84 4.03
C TYR C 189 14.27 -52.77 3.00
N VAL C 190 15.29 -53.54 3.41
CA VAL C 190 15.97 -54.53 2.55
C VAL C 190 16.80 -53.89 1.44
N GLN C 191 16.13 -53.18 0.52
CA GLN C 191 16.82 -52.44 -0.53
C GLN C 191 17.80 -51.44 0.07
N ALA C 192 18.97 -51.31 -0.56
CA ALA C 192 20.05 -50.44 -0.10
C ALA C 192 19.71 -48.96 -0.26
N SER C 193 18.85 -48.64 -1.23
CA SER C 193 18.35 -47.29 -1.41
C SER C 193 16.86 -47.34 -1.70
N GLY C 194 16.06 -46.56 -0.96
CA GLY C 194 14.63 -46.48 -1.17
C GLY C 194 14.21 -45.40 -2.13
N ARG C 195 12.90 -45.24 -2.27
CA ARG C 195 12.32 -44.20 -3.10
C ARG C 195 10.82 -44.08 -2.80
N VAL C 196 10.32 -42.85 -2.82
CA VAL C 196 8.90 -42.60 -2.63
C VAL C 196 8.40 -41.66 -3.74
N THR C 197 7.39 -42.13 -4.47
CA THR C 197 6.75 -41.36 -5.52
C THR C 197 5.25 -41.30 -5.23
N VAL C 198 4.75 -40.08 -5.04
CA VAL C 198 3.36 -39.83 -4.77
C VAL C 198 2.87 -38.90 -5.87
N SER C 199 1.77 -39.27 -6.52
CA SER C 199 1.31 -38.53 -7.68
C SER C 199 -0.20 -38.51 -7.82
N THR C 200 -0.67 -37.50 -8.55
CA THR C 200 -2.04 -37.41 -9.02
C THR C 200 -1.96 -37.31 -10.55
N ARG C 201 -3.09 -37.08 -11.21
CA ARG C 201 -3.09 -36.86 -12.65
C ARG C 201 -2.23 -35.66 -13.08
N ARG C 202 -2.19 -34.61 -12.27
CA ARG C 202 -1.60 -33.33 -12.59
C ARG C 202 -0.28 -33.00 -11.88
N SER C 203 0.12 -33.78 -10.90
CA SER C 203 1.39 -33.51 -10.21
C SER C 203 2.06 -34.79 -9.77
N GLN C 204 3.34 -34.68 -9.46
CA GLN C 204 4.09 -35.79 -8.91
C GLN C 204 5.24 -35.28 -8.06
N GLN C 205 5.56 -36.03 -7.01
CA GLN C 205 6.66 -35.72 -6.11
C GLN C 205 7.44 -37.01 -5.96
N THR C 206 8.71 -37.02 -6.33
CA THR C 206 9.58 -38.16 -6.02
C THR C 206 10.69 -37.72 -5.09
N ILE C 207 10.84 -38.48 -4.01
CA ILE C 207 11.81 -38.18 -2.97
C ILE C 207 12.70 -39.39 -2.82
N ILE C 208 14.01 -39.17 -2.85
CA ILE C 208 15.01 -40.20 -2.57
C ILE C 208 15.50 -39.98 -1.14
N PRO C 209 15.50 -41.03 -0.30
CA PRO C 209 16.09 -40.85 1.02
C PRO C 209 17.60 -40.69 0.95
N ASN C 210 18.12 -39.92 1.92
CA ASN C 210 19.53 -39.73 2.15
C ASN C 210 19.96 -40.37 3.46
N ILE C 211 20.90 -41.30 3.37
CA ILE C 211 21.40 -42.02 4.54
C ILE C 211 22.54 -41.21 5.13
N GLY C 212 22.53 -41.04 6.46
CA GLY C 212 23.57 -40.27 7.17
C GLY C 212 23.12 -39.79 8.54
N SER C 213 24.07 -39.53 9.43
CA SER C 213 23.74 -39.01 10.76
C SER C 213 23.34 -37.54 10.68
N ARG C 214 22.32 -37.23 11.46
CA ARG C 214 21.94 -35.87 11.83
C ARG C 214 22.12 -35.82 13.35
N PRO C 215 22.04 -34.62 13.97
CA PRO C 215 22.19 -34.59 15.41
C PRO C 215 21.11 -35.42 16.11
N TRP C 216 21.55 -36.13 17.15
CA TRP C 216 20.71 -36.90 18.04
C TRP C 216 19.58 -36.02 18.60
N VAL C 217 18.35 -36.44 18.39
CA VAL C 217 17.15 -35.80 18.95
C VAL C 217 16.23 -36.92 19.44
N ARG C 218 15.90 -36.90 20.72
CA ARG C 218 14.98 -37.87 21.31
C ARG C 218 15.31 -39.28 20.84
N GLN C 219 16.58 -39.65 21.03
CA GLN C 219 17.10 -41.01 20.76
C GLN C 219 17.40 -41.41 19.29
N ALA C 220 17.20 -40.54 18.32
CA ALA C 220 17.47 -40.90 16.93
C ALA C 220 18.40 -39.89 16.26
N SER C 221 19.31 -40.42 15.47
CA SER C 221 20.10 -39.67 14.52
C SER C 221 19.43 -39.66 13.16
N SER C 222 18.38 -40.45 13.01
CA SER C 222 17.61 -40.52 11.78
C SER C 222 16.56 -39.41 11.78
N ARG C 223 15.92 -39.24 10.63
CA ARG C 223 14.85 -38.25 10.46
C ARG C 223 13.73 -38.75 9.57
N ILE C 224 12.58 -38.12 9.71
CA ILE C 224 11.50 -38.24 8.75
C ILE C 224 11.27 -36.85 8.13
N SER C 225 11.11 -36.82 6.82
CA SER C 225 10.70 -35.61 6.10
C SER C 225 9.24 -35.74 5.73
N ILE C 226 8.47 -34.70 6.01
CA ILE C 226 7.02 -34.68 5.81
C ILE C 226 6.66 -33.91 4.54
N TYR C 227 5.78 -34.53 3.74
CA TYR C 227 5.27 -33.94 2.50
C TYR C 227 3.75 -34.00 2.49
N TRP C 228 3.16 -33.23 1.58
CA TRP C 228 1.71 -33.26 1.43
C TRP C 228 1.26 -33.21 -0.02
N THR C 229 0.08 -33.75 -0.27
CA THR C 229 -0.52 -33.79 -1.59
C THR C 229 -2.02 -33.55 -1.44
N ILE C 230 -2.56 -32.61 -2.21
CA ILE C 230 -3.99 -32.39 -2.28
C ILE C 230 -4.58 -33.13 -3.49
N VAL C 231 -5.68 -33.83 -3.26
CA VAL C 231 -6.36 -34.55 -4.33
C VAL C 231 -7.77 -33.99 -4.53
N LYS C 232 -8.02 -33.46 -5.70
CA LYS C 232 -9.30 -32.81 -6.00
C LYS C 232 -10.37 -33.84 -6.42
N PRO C 233 -11.66 -33.46 -6.37
CA PRO C 233 -12.71 -34.37 -6.81
C PRO C 233 -12.45 -34.86 -8.22
N GLY C 234 -12.53 -36.17 -8.42
CA GLY C 234 -12.34 -36.78 -9.73
C GLY C 234 -10.90 -37.14 -10.05
N ASP C 235 -9.96 -36.71 -9.22
CA ASP C 235 -8.57 -37.06 -9.39
C ASP C 235 -8.28 -38.30 -8.55
N VAL C 236 -7.04 -38.77 -8.57
CA VAL C 236 -6.68 -40.04 -7.95
C VAL C 236 -5.26 -39.91 -7.37
N LEU C 237 -5.03 -40.54 -6.22
CA LEU C 237 -3.72 -40.57 -5.60
C LEU C 237 -3.06 -41.89 -5.92
N VAL C 238 -1.80 -41.87 -6.31
CA VAL C 238 -1.03 -43.10 -6.46
C VAL C 238 0.23 -42.94 -5.63
N ILE C 239 0.56 -44.00 -4.88
CA ILE C 239 1.75 -44.03 -4.03
C ILE C 239 2.56 -45.24 -4.44
N ASN C 240 3.84 -45.00 -4.74
CA ASN C 240 4.73 -46.01 -5.27
C ASN C 240 6.07 -45.92 -4.54
N SER C 241 6.52 -47.04 -3.97
CA SER C 241 7.73 -47.04 -3.14
C SER C 241 8.36 -48.42 -3.07
N ASN C 242 9.68 -48.48 -3.09
CA ASN C 242 10.42 -49.72 -2.80
C ASN C 242 11.25 -49.59 -1.50
N GLY C 243 10.81 -48.69 -0.62
CA GLY C 243 11.45 -48.50 0.67
C GLY C 243 11.29 -47.07 1.16
N ASN C 244 11.25 -46.93 2.49
CA ASN C 244 11.35 -45.67 3.23
C ASN C 244 10.06 -44.84 3.28
N LEU C 245 8.96 -45.42 2.80
CA LEU C 245 7.67 -44.75 2.82
C LEU C 245 7.12 -44.68 4.25
N ILE C 246 6.78 -43.46 4.67
CA ILE C 246 5.94 -43.24 5.85
C ILE C 246 4.55 -42.93 5.29
N ALA C 247 3.68 -43.92 5.34
CA ALA C 247 2.43 -43.91 4.58
C ALA C 247 1.33 -43.12 5.27
N PRO C 248 0.43 -42.48 4.50
CA PRO C 248 -0.76 -41.88 5.08
C PRO C 248 -1.73 -42.97 5.53
N ARG C 249 -2.54 -42.67 6.55
CA ARG C 249 -3.63 -43.58 6.97
C ARG C 249 -4.99 -43.16 6.41
N GLY C 250 -5.02 -42.05 5.69
CA GLY C 250 -6.26 -41.43 5.27
C GLY C 250 -5.97 -39.99 4.86
N TYR C 251 -7.01 -39.16 4.89
CA TYR C 251 -6.90 -37.76 4.48
C TYR C 251 -7.56 -36.84 5.49
N PHE C 252 -7.14 -35.59 5.43
CA PHE C 252 -7.79 -34.51 6.16
C PHE C 252 -8.76 -33.83 5.21
N LYS C 253 -9.93 -33.53 5.74
CA LYS C 253 -10.93 -32.80 4.99
C LYS C 253 -10.55 -31.33 4.97
N MET C 254 -10.44 -30.75 3.78
CA MET C 254 -10.15 -29.32 3.65
C MET C 254 -11.40 -28.48 3.57
N ARG C 255 -11.36 -27.31 4.19
CA ARG C 255 -12.42 -26.31 4.11
C ARG C 255 -11.79 -24.97 3.76
N THR C 256 -12.61 -24.01 3.39
CA THR C 256 -12.20 -22.62 3.28
C THR C 256 -13.11 -21.85 4.22
N GLY C 257 -12.64 -20.72 4.69
CA GLY C 257 -13.38 -19.90 5.65
C GLY C 257 -12.47 -18.92 6.35
N LYS C 258 -12.87 -18.52 7.56
CA LYS C 258 -12.21 -17.47 8.31
C LYS C 258 -11.14 -17.94 9.31
N SER C 259 -10.70 -19.19 9.21
CA SER C 259 -9.78 -19.74 10.22
C SER C 259 -8.34 -19.23 10.03
N SER C 260 -7.62 -19.09 11.14
CA SER C 260 -6.21 -18.70 11.12
C SER C 260 -5.47 -19.28 12.32
N ILE C 261 -4.24 -18.81 12.51
CA ILE C 261 -3.37 -19.26 13.59
C ILE C 261 -2.61 -18.05 14.10
N MET C 262 -2.31 -18.03 15.39
CA MET C 262 -1.56 -16.94 16.02
C MET C 262 -0.62 -17.51 17.08
N ARG C 263 0.58 -16.93 17.17
CA ARG C 263 1.53 -17.21 18.24
C ARG C 263 1.28 -16.23 19.38
N SER C 264 0.98 -16.74 20.56
CA SER C 264 0.68 -15.90 21.71
C SER C 264 0.77 -16.71 22.97
N ASP C 265 1.21 -16.05 24.04
CA ASP C 265 1.19 -16.63 25.37
C ASP C 265 0.12 -16.01 26.26
N ALA C 266 -0.76 -15.18 25.70
CA ALA C 266 -1.82 -14.58 26.50
C ALA C 266 -2.82 -15.65 26.95
N PRO C 267 -3.25 -15.62 28.23
CA PRO C 267 -4.24 -16.60 28.65
C PRO C 267 -5.63 -16.37 28.02
N ILE C 268 -6.40 -17.45 27.89
CA ILE C 268 -7.75 -17.38 27.36
C ILE C 268 -8.71 -17.15 28.51
N ASP C 269 -9.66 -16.25 28.32
CA ASP C 269 -10.60 -15.87 29.37
C ASP C 269 -12.03 -15.92 28.82
N THR C 270 -13.00 -15.93 29.72
CA THR C 270 -14.42 -15.94 29.31
C THR C 270 -14.88 -14.48 29.21
N CYS C 271 -15.03 -14.03 27.98
CA CYS C 271 -15.46 -12.66 27.66
C CYS C 271 -15.71 -12.61 26.15
N ILE C 272 -16.14 -11.46 25.65
CA ILE C 272 -16.48 -11.28 24.25
C ILE C 272 -15.63 -10.18 23.66
N SER C 273 -14.89 -10.50 22.60
CA SER C 273 -14.16 -9.49 21.86
C SER C 273 -13.94 -9.91 20.41
N GLU C 274 -14.36 -9.06 19.48
CA GLU C 274 -14.19 -9.30 18.05
C GLU C 274 -12.71 -9.33 17.65
N CYS C 275 -11.90 -8.45 18.24
CA CYS C 275 -10.50 -8.30 17.83
C CYS C 275 -9.53 -8.98 18.77
N ILE C 276 -8.63 -9.78 18.22
CA ILE C 276 -7.61 -10.49 18.98
C ILE C 276 -6.23 -10.09 18.46
N THR C 277 -5.32 -9.84 19.40
CA THR C 277 -3.91 -9.66 19.09
C THR C 277 -3.13 -10.64 19.95
N PRO C 278 -1.84 -10.85 19.65
CA PRO C 278 -1.02 -11.69 20.52
C PRO C 278 -0.89 -11.19 21.96
N ASN C 279 -1.09 -9.89 22.18
CA ASN C 279 -1.08 -9.30 23.52
C ASN C 279 -2.38 -9.57 24.29
N GLY C 280 -3.40 -10.05 23.59
CA GLY C 280 -4.74 -10.19 24.14
C GLY C 280 -5.74 -9.50 23.24
N SER C 281 -7.01 -9.67 23.57
CA SER C 281 -8.08 -9.00 22.87
C SER C 281 -7.99 -7.49 23.08
N ILE C 282 -8.46 -6.73 22.11
CA ILE C 282 -8.56 -5.28 22.24
C ILE C 282 -9.94 -4.84 21.80
N PRO C 283 -10.45 -3.74 22.40
CA PRO C 283 -11.69 -3.16 21.89
C PRO C 283 -11.53 -2.67 20.46
N ASN C 284 -12.61 -2.64 19.71
CA ASN C 284 -12.59 -2.17 18.31
C ASN C 284 -13.52 -0.96 18.07
N ASP C 285 -13.79 -0.16 19.10
CA ASP C 285 -14.54 1.10 18.92
C ASP C 285 -13.70 2.20 18.24
N LYS C 286 -12.37 2.13 18.33
CA LYS C 286 -11.51 3.13 17.70
C LYS C 286 -11.05 2.65 16.31
N PRO C 287 -10.79 3.58 15.38
CA PRO C 287 -10.39 3.19 14.02
C PRO C 287 -8.95 2.71 13.89
N PHE C 288 -8.07 3.12 14.80
CA PHE C 288 -6.65 2.76 14.75
C PHE C 288 -6.20 2.09 16.05
N GLN C 289 -5.09 1.38 15.98
CA GLN C 289 -4.48 0.78 17.16
C GLN C 289 -2.98 0.66 16.99
N ASN C 290 -2.30 0.64 18.13
CA ASN C 290 -0.84 0.59 18.21
C ASN C 290 -0.41 -0.59 19.09
N VAL C 291 -1.32 -1.53 19.32
CA VAL C 291 -1.02 -2.65 20.21
C VAL C 291 -0.12 -3.67 19.49
N ASN C 292 -0.52 -4.10 18.29
CA ASN C 292 0.24 -5.09 17.56
C ASN C 292 -0.20 -5.11 16.11
N LYS C 293 0.78 -5.18 15.20
CA LYS C 293 0.48 -5.34 13.79
C LYS C 293 -0.17 -6.69 13.46
N ILE C 294 0.04 -7.69 14.31
CA ILE C 294 -0.62 -8.99 14.18
C ILE C 294 -1.98 -8.90 14.85
N THR C 295 -3.04 -9.08 14.05
CA THR C 295 -4.40 -9.13 14.55
C THR C 295 -5.25 -10.16 13.80
N TYR C 296 -6.39 -10.50 14.42
CA TYR C 296 -7.40 -11.39 13.87
C TYR C 296 -8.77 -10.84 14.26
N GLY C 297 -9.67 -10.75 13.29
CA GLY C 297 -11.04 -10.30 13.52
C GLY C 297 -11.31 -8.87 13.10
N ALA C 298 -12.43 -8.34 13.57
CA ALA C 298 -12.83 -6.96 13.27
C ALA C 298 -12.02 -6.03 14.16
N CYS C 299 -10.95 -5.49 13.59
CA CYS C 299 -9.91 -4.79 14.34
C CYS C 299 -9.68 -3.37 13.82
N PRO C 300 -9.27 -2.46 14.71
CA PRO C 300 -8.72 -1.20 14.24
C PRO C 300 -7.46 -1.45 13.41
N LYS C 301 -7.14 -0.50 12.54
CA LYS C 301 -5.96 -0.62 11.70
C LYS C 301 -4.70 -0.24 12.48
N TYR C 302 -3.64 -1.01 12.32
CA TYR C 302 -2.37 -0.74 13.00
C TYR C 302 -1.69 0.52 12.44
N VAL C 303 -1.30 1.41 13.34
CA VAL C 303 -0.53 2.60 13.00
C VAL C 303 0.64 2.72 13.98
N LYS C 304 1.62 3.54 13.62
CA LYS C 304 2.80 3.78 14.47
C LYS C 304 2.54 4.75 15.61
N GLN C 305 1.57 5.66 15.47
CA GLN C 305 1.28 6.64 16.52
C GLN C 305 0.68 5.94 17.74
N ASN C 306 1.09 6.35 18.93
CA ASN C 306 0.49 5.81 20.15
C ASN C 306 -0.72 6.64 20.62
N THR C 307 -0.92 7.82 20.05
CA THR C 307 -2.08 8.65 20.31
C THR C 307 -2.40 9.54 19.13
N LEU C 308 -3.69 9.70 18.84
CA LEU C 308 -4.18 10.68 17.88
C LEU C 308 -5.52 11.20 18.38
N LYS C 309 -5.61 12.51 18.59
CA LYS C 309 -6.80 13.12 19.18
C LYS C 309 -7.69 13.76 18.13
N LEU C 310 -8.94 13.31 18.06
CA LEU C 310 -9.95 13.94 17.23
C LEU C 310 -10.69 14.96 18.08
N ALA C 311 -10.62 16.23 17.68
CA ALA C 311 -11.33 17.30 18.35
C ALA C 311 -12.83 17.05 18.32
N THR C 312 -13.46 17.20 19.48
CA THR C 312 -14.90 17.07 19.61
C THR C 312 -15.52 18.34 20.14
N GLY C 313 -14.82 19.45 19.99
CA GLY C 313 -15.32 20.74 20.44
C GLY C 313 -14.55 21.88 19.82
N MET C 314 -15.04 23.08 20.06
CA MET C 314 -14.41 24.30 19.58
C MET C 314 -13.05 24.58 20.22
N ARG C 315 -12.38 25.54 19.62
CA ARG C 315 -11.22 26.22 20.18
C ARG C 315 -11.51 26.73 21.61
N ASN C 316 -10.64 26.38 22.57
CA ASN C 316 -10.83 26.76 23.96
C ASN C 316 -10.06 28.05 24.22
N VAL C 317 -10.80 29.12 24.50
CA VAL C 317 -10.24 30.45 24.79
C VAL C 317 -10.64 30.82 26.21
N PRO C 318 -9.80 30.49 27.21
CA PRO C 318 -10.28 30.59 28.58
C PRO C 318 -10.23 32.00 29.12
N GLU C 319 -10.88 32.17 30.27
CA GLU C 319 -10.67 33.31 31.22
C GLU C 319 -11.36 34.57 30.74
N GLY D 1 -9.73 30.72 13.66
CA GLY D 1 -10.54 30.11 12.57
C GLY D 1 -10.81 31.07 11.41
N LEU D 2 -11.42 30.53 10.35
CA LEU D 2 -11.64 31.28 9.12
C LEU D 2 -12.62 32.44 9.24
N PHE D 3 -13.50 32.40 10.23
CA PHE D 3 -14.56 33.42 10.38
C PHE D 3 -14.23 34.54 11.36
N GLY D 4 -13.21 34.33 12.19
CA GLY D 4 -12.67 35.40 13.02
C GLY D 4 -13.50 35.75 14.24
N ALA D 5 -14.39 34.84 14.66
CA ALA D 5 -15.21 35.08 15.85
C ALA D 5 -14.56 34.46 17.07
N ILE D 6 -14.50 33.13 17.12
CA ILE D 6 -13.88 32.42 18.23
C ILE D 6 -12.36 32.64 18.17
N ALA D 7 -11.79 33.08 19.29
CA ALA D 7 -10.40 33.57 19.35
C ALA D 7 -10.16 34.71 18.36
N GLY D 8 -11.19 35.51 18.10
CA GLY D 8 -11.13 36.58 17.13
C GLY D 8 -11.77 37.82 17.71
N PHE D 9 -12.88 38.30 17.13
CA PHE D 9 -13.54 39.52 17.64
C PHE D 9 -14.26 39.27 18.98
N ILE D 10 -14.59 38.01 19.28
CA ILE D 10 -14.98 37.64 20.64
C ILE D 10 -13.71 37.29 21.40
N GLU D 11 -13.42 38.09 22.43
CA GLU D 11 -12.15 38.04 23.17
C GLU D 11 -11.85 36.68 23.76
N ASN D 12 -12.85 36.09 24.41
CA ASN D 12 -12.68 34.79 25.03
C ASN D 12 -14.01 34.11 25.26
N GLY D 13 -13.92 32.87 25.72
CA GLY D 13 -15.09 32.06 26.05
C GLY D 13 -15.56 32.30 27.47
N TRP D 14 -16.71 31.69 27.78
CA TRP D 14 -17.34 31.80 29.07
C TRP D 14 -17.31 30.45 29.78
N GLU D 15 -16.48 30.33 30.82
CA GLU D 15 -16.44 29.11 31.62
C GLU D 15 -17.76 28.85 32.36
N GLY D 16 -18.44 29.95 32.71
CA GLY D 16 -19.76 29.89 33.35
C GLY D 16 -20.87 29.28 32.52
N MET D 17 -20.80 29.38 31.19
CA MET D 17 -21.84 28.80 30.35
C MET D 17 -21.66 27.28 30.25
N ILE D 18 -22.42 26.56 31.07
CA ILE D 18 -22.33 25.10 31.16
C ILE D 18 -23.53 24.38 30.55
N ASP D 19 -24.54 25.11 30.08
CA ASP D 19 -25.77 24.52 29.55
C ASP D 19 -25.95 24.68 28.04
N GLY D 20 -24.91 25.19 27.38
CA GLY D 20 -24.87 25.29 25.93
C GLY D 20 -23.47 25.67 25.48
N TRP D 21 -23.27 25.67 24.17
CA TRP D 21 -21.98 25.97 23.55
C TRP D 21 -21.87 27.43 23.14
N TYR D 22 -22.98 28.01 22.70
CA TYR D 22 -23.08 29.42 22.33
C TYR D 22 -24.27 30.00 23.09
N GLY D 23 -24.24 31.32 23.31
CA GLY D 23 -25.37 31.98 23.96
C GLY D 23 -25.26 33.47 24.18
N PHE D 24 -26.10 33.98 25.08
CA PHE D 24 -26.32 35.41 25.28
C PHE D 24 -26.01 35.84 26.73
N ARG D 25 -25.30 36.95 26.87
CA ARG D 25 -25.23 37.69 28.13
C ARG D 25 -25.76 39.11 27.91
N HIS D 26 -26.55 39.59 28.86
CA HIS D 26 -27.19 40.90 28.74
C HIS D 26 -27.02 41.75 29.99
N GLN D 27 -27.07 43.06 29.80
CA GLN D 27 -27.30 44.01 30.89
C GLN D 27 -28.44 44.94 30.48
N ASN D 28 -29.42 45.06 31.35
CA ASN D 28 -30.53 46.02 31.19
C ASN D 28 -30.84 46.65 32.56
N SER D 29 -31.93 47.41 32.66
CA SER D 29 -32.30 48.06 33.92
C SER D 29 -32.65 47.09 35.05
N GLU D 30 -33.13 45.89 34.71
CA GLU D 30 -33.45 44.84 35.70
C GLU D 30 -32.25 44.02 36.19
N GLY D 31 -31.06 44.24 35.59
CA GLY D 31 -29.84 43.55 36.02
C GLY D 31 -29.15 42.85 34.87
N THR D 32 -28.48 41.74 35.17
CA THR D 32 -27.70 40.98 34.18
C THR D 32 -28.01 39.50 34.23
N GLY D 33 -27.83 38.83 33.09
CA GLY D 33 -28.12 37.40 32.99
C GLY D 33 -27.49 36.70 31.80
N GLN D 34 -27.59 35.38 31.81
CA GLN D 34 -26.99 34.50 30.81
C GLN D 34 -28.00 33.44 30.38
N ALA D 35 -28.02 33.15 29.08
CA ALA D 35 -28.83 32.04 28.54
C ALA D 35 -28.15 31.40 27.32
N ALA D 36 -28.19 30.06 27.27
CA ALA D 36 -27.64 29.31 26.15
C ALA D 36 -28.57 29.41 24.94
N ASP D 37 -28.00 29.48 23.73
CA ASP D 37 -28.77 29.32 22.49
C ASP D 37 -28.72 27.85 22.09
N LEU D 38 -29.89 27.20 22.09
CA LEU D 38 -29.97 25.77 21.83
C LEU D 38 -29.69 25.43 20.36
N LYS D 39 -30.18 26.26 19.44
CA LYS D 39 -30.16 25.95 18.02
C LYS D 39 -28.73 25.92 17.45
N SER D 40 -27.97 26.97 17.72
CA SER D 40 -26.56 27.03 17.33
C SER D 40 -25.77 25.91 17.98
N THR D 41 -25.98 25.73 19.29
CA THR D 41 -25.32 24.67 20.06
C THR D 41 -25.55 23.31 19.40
N GLN D 42 -26.80 23.02 19.07
CA GLN D 42 -27.17 21.75 18.48
C GLN D 42 -26.67 21.57 17.05
N ALA D 43 -26.62 22.65 16.28
CA ALA D 43 -26.05 22.60 14.92
C ALA D 43 -24.57 22.17 14.91
N ALA D 44 -23.80 22.71 15.86
CA ALA D 44 -22.39 22.36 16.01
C ALA D 44 -22.23 20.90 16.47
N ILE D 45 -22.97 20.55 17.53
CA ILE D 45 -22.94 19.20 18.09
C ILE D 45 -23.36 18.16 17.05
N ASP D 46 -24.43 18.41 16.30
CA ASP D 46 -24.88 17.46 15.25
C ASP D 46 -23.82 17.24 14.17
N GLN D 47 -23.15 18.31 13.75
CA GLN D 47 -22.09 18.18 12.77
C GLN D 47 -20.90 17.39 13.32
N ILE D 48 -20.54 17.63 14.57
CA ILE D 48 -19.44 16.92 15.23
C ILE D 48 -19.77 15.45 15.47
N ASN D 49 -21.00 15.16 15.91
CA ASN D 49 -21.45 13.76 16.01
C ASN D 49 -21.40 13.05 14.65
N GLY D 50 -21.83 13.77 13.61
CA GLY D 50 -21.79 13.25 12.27
C GLY D 50 -20.39 12.81 11.85
N LYS D 51 -19.41 13.70 12.04
CA LYS D 51 -18.03 13.35 11.67
C LYS D 51 -17.41 12.27 12.56
N LEU D 52 -17.73 12.30 13.85
CA LEU D 52 -17.25 11.29 14.79
C LEU D 52 -17.75 9.90 14.36
N ASN D 53 -19.03 9.81 14.02
CA ASN D 53 -19.62 8.54 13.61
C ASN D 53 -19.06 8.03 12.27
N ARG D 54 -18.76 8.94 11.34
CA ARG D 54 -18.08 8.56 10.09
C ARG D 54 -16.68 8.02 10.34
N VAL D 55 -15.93 8.68 11.22
CA VAL D 55 -14.55 8.28 11.53
C VAL D 55 -14.46 6.91 12.22
N ILE D 56 -15.33 6.64 13.19
CA ILE D 56 -15.27 5.37 13.91
C ILE D 56 -16.07 4.24 13.25
N GLU D 57 -16.53 4.47 12.03
CA GLU D 57 -17.25 3.46 11.26
C GLU D 57 -16.36 2.25 11.05
N LYS D 58 -16.68 1.15 11.73
CA LYS D 58 -15.93 -0.10 11.57
C LYS D 58 -16.00 -0.57 10.12
N THR D 59 -14.83 -0.66 9.48
CA THR D 59 -14.73 -1.09 8.08
C THR D 59 -13.72 -2.21 7.80
N ASN D 60 -13.03 -2.71 8.81
CA ASN D 60 -11.92 -3.61 8.64
C ASN D 60 -12.01 -4.93 9.46
N GLU D 61 -12.19 -6.05 8.76
CA GLU D 61 -12.24 -7.35 9.38
C GLU D 61 -11.40 -8.32 8.56
N LYS D 62 -10.32 -8.83 9.16
CA LYS D 62 -9.37 -9.68 8.45
C LYS D 62 -9.14 -10.95 9.24
N PHE D 63 -8.89 -12.03 8.51
CA PHE D 63 -8.74 -13.33 9.12
C PHE D 63 -7.32 -13.85 8.87
N HIS D 64 -7.13 -14.88 8.05
CA HIS D 64 -5.79 -15.36 7.75
C HIS D 64 -5.06 -14.37 6.85
N GLN D 65 -3.84 -14.01 7.22
CA GLN D 65 -3.08 -12.98 6.50
C GLN D 65 -1.67 -13.53 6.24
N ILE D 66 -0.65 -12.70 6.36
CA ILE D 66 0.73 -13.15 6.26
C ILE D 66 1.33 -13.13 7.65
N GLU D 67 2.40 -13.90 7.83
CA GLU D 67 3.18 -13.81 9.04
C GLU D 67 3.95 -12.48 9.08
N LYS D 68 4.14 -11.95 10.28
CA LYS D 68 4.76 -10.65 10.50
C LYS D 68 5.92 -10.65 11.49
N GLU D 69 6.17 -11.78 12.14
CA GLU D 69 7.34 -12.01 12.97
C GLU D 69 7.92 -13.34 12.56
N PHE D 70 9.23 -13.48 12.71
CA PHE D 70 9.97 -14.60 12.13
C PHE D 70 11.06 -15.01 13.10
N SER D 71 11.18 -16.30 13.36
CA SER D 71 12.17 -16.81 14.28
C SER D 71 13.50 -17.17 13.60
N GLU D 72 13.52 -17.28 12.27
CA GLU D 72 14.75 -17.62 11.52
C GLU D 72 15.04 -16.57 10.44
N VAL D 73 16.33 -16.40 10.12
CA VAL D 73 16.76 -15.62 8.97
C VAL D 73 16.50 -16.43 7.72
N GLU D 74 15.82 -15.84 6.74
CA GLU D 74 15.51 -16.53 5.47
C GLU D 74 15.95 -15.81 4.18
N GLY D 75 16.06 -14.49 4.21
CA GLY D 75 16.43 -13.74 3.02
C GLY D 75 15.22 -13.27 2.26
N ARG D 76 15.23 -13.52 0.95
CA ARG D 76 14.42 -12.80 -0.03
C ARG D 76 12.90 -12.78 0.26
N ILE D 77 12.30 -13.95 0.51
CA ILE D 77 10.87 -14.03 0.78
C ILE D 77 10.49 -13.25 2.04
N GLN D 78 11.30 -13.40 3.09
CA GLN D 78 11.05 -12.71 4.35
C GLN D 78 11.25 -11.21 4.20
N ASP D 79 12.27 -10.79 3.45
CA ASP D 79 12.48 -9.35 3.16
C ASP D 79 11.22 -8.76 2.56
N LEU D 80 10.63 -9.50 1.62
CA LEU D 80 9.42 -9.03 0.94
C LEU D 80 8.20 -8.98 1.87
N GLU D 81 8.00 -10.03 2.65
CA GLU D 81 6.91 -10.06 3.64
C GLU D 81 6.99 -8.86 4.60
N LYS D 82 8.19 -8.59 5.11
CA LYS D 82 8.39 -7.47 6.04
C LYS D 82 8.18 -6.12 5.38
N TYR D 83 8.68 -5.98 4.15
CA TYR D 83 8.55 -4.74 3.41
C TYR D 83 7.09 -4.45 3.05
N VAL D 84 6.35 -5.48 2.67
CA VAL D 84 4.90 -5.33 2.40
C VAL D 84 4.17 -4.76 3.61
N GLU D 85 4.41 -5.36 4.77
CA GLU D 85 3.76 -4.92 6.01
C GLU D 85 4.20 -3.53 6.45
N ASP D 86 5.50 -3.27 6.42
CA ASP D 86 6.03 -1.95 6.77
C ASP D 86 5.45 -0.84 5.85
N THR D 87 5.40 -1.12 4.56
CA THR D 87 4.77 -0.24 3.56
C THR D 87 3.31 0.07 3.91
N LYS D 88 2.54 -0.98 4.20
CA LYS D 88 1.14 -0.84 4.59
C LYS D 88 0.98 0.03 5.83
N ILE D 89 1.78 -0.26 6.85
CA ILE D 89 1.71 0.46 8.13
C ILE D 89 2.04 1.94 7.96
N ASP D 90 3.06 2.26 7.18
CA ASP D 90 3.42 3.66 6.92
C ASP D 90 2.31 4.39 6.18
N LEU D 91 1.70 3.73 5.19
CA LEU D 91 0.59 4.34 4.48
C LEU D 91 -0.63 4.57 5.38
N TRP D 92 -0.98 3.60 6.22
CA TRP D 92 -2.07 3.79 7.17
C TRP D 92 -1.77 4.85 8.23
N SER D 93 -0.52 4.87 8.72
CA SER D 93 -0.11 5.87 9.71
C SER D 93 -0.24 7.28 9.11
N TYR D 94 0.15 7.44 7.84
CA TYR D 94 -0.06 8.69 7.12
C TYR D 94 -1.55 9.03 7.00
N ASN D 95 -2.37 8.08 6.58
CA ASN D 95 -3.81 8.33 6.48
C ASN D 95 -4.37 8.84 7.81
N ALA D 96 -3.97 8.21 8.90
CA ALA D 96 -4.46 8.57 10.23
C ALA D 96 -4.04 9.99 10.61
N GLU D 97 -2.76 10.32 10.39
CA GLU D 97 -2.24 11.66 10.69
C GLU D 97 -2.97 12.74 9.88
N LEU D 98 -3.11 12.52 8.57
CA LEU D 98 -3.81 13.47 7.72
C LEU D 98 -5.28 13.62 8.13
N LEU D 99 -5.94 12.49 8.37
CA LEU D 99 -7.36 12.50 8.74
C LEU D 99 -7.61 13.40 9.94
N VAL D 100 -6.85 13.22 11.01
CA VAL D 100 -7.10 14.01 12.22
C VAL D 100 -6.77 15.49 11.99
N ALA D 101 -5.71 15.78 11.24
CA ALA D 101 -5.37 17.17 10.91
C ALA D 101 -6.50 17.88 10.16
N LEU D 102 -7.02 17.24 9.12
CA LEU D 102 -8.12 17.82 8.32
C LEU D 102 -9.40 17.95 9.13
N GLU D 103 -9.76 16.88 9.85
CA GLU D 103 -10.95 16.88 10.69
C GLU D 103 -10.90 18.01 11.72
N ASN D 104 -9.76 18.18 12.36
CA ASN D 104 -9.61 19.14 13.45
C ASN D 104 -9.60 20.58 12.98
N GLN D 105 -8.90 20.85 11.87
CA GLN D 105 -8.97 22.15 11.22
C GLN D 105 -10.44 22.51 10.94
N HIS D 106 -11.15 21.56 10.33
CA HIS D 106 -12.55 21.72 9.97
C HIS D 106 -13.49 21.88 11.17
N THR D 107 -13.22 21.16 12.26
CA THR D 107 -14.04 21.27 13.46
C THR D 107 -13.90 22.66 14.09
N ILE D 108 -12.68 23.18 14.12
CA ILE D 108 -12.42 24.52 14.61
C ILE D 108 -13.13 25.55 13.72
N ASP D 109 -13.00 25.41 12.40
CA ASP D 109 -13.66 26.32 11.47
C ASP D 109 -15.19 26.26 11.51
N LEU D 110 -15.77 25.07 11.66
CA LEU D 110 -17.23 24.96 11.71
C LEU D 110 -17.80 25.51 13.01
N THR D 111 -17.08 25.35 14.12
CA THR D 111 -17.53 25.91 15.40
C THR D 111 -17.45 27.44 15.39
N ASP D 112 -16.36 27.96 14.82
CA ASP D 112 -16.18 29.39 14.57
C ASP D 112 -17.32 29.91 13.69
N SER D 113 -17.61 29.17 12.62
CA SER D 113 -18.72 29.48 11.72
C SER D 113 -20.07 29.61 12.44
N GLU D 114 -20.38 28.67 13.32
CA GLU D 114 -21.68 28.68 14.02
C GLU D 114 -21.81 29.87 14.97
N MET D 115 -20.71 30.27 15.61
CA MET D 115 -20.69 31.50 16.42
C MET D 115 -21.06 32.69 15.54
N ASN D 116 -20.39 32.77 14.40
CA ASN D 116 -20.61 33.86 13.45
C ASN D 116 -22.03 33.89 12.90
N LYS D 117 -22.59 32.73 12.56
CA LYS D 117 -23.97 32.64 12.11
C LYS D 117 -24.96 33.20 13.14
N LEU D 118 -24.73 32.87 14.41
CA LEU D 118 -25.60 33.36 15.49
C LEU D 118 -25.50 34.87 15.65
N PHE D 119 -24.27 35.38 15.62
CA PHE D 119 -24.04 36.81 15.70
C PHE D 119 -24.70 37.59 14.55
N GLU D 120 -24.55 37.10 13.32
CA GLU D 120 -25.13 37.75 12.14
C GLU D 120 -26.66 37.70 12.17
N LYS D 121 -27.21 36.58 12.63
CA LYS D 121 -28.64 36.38 12.76
C LYS D 121 -29.25 37.36 13.78
N THR D 122 -28.55 37.54 14.90
CA THR D 122 -28.99 38.41 15.97
C THR D 122 -29.00 39.85 15.48
N GLY D 123 -27.88 40.27 14.89
CA GLY D 123 -27.76 41.58 14.22
C GLY D 123 -28.91 41.87 13.26
N ARG D 124 -29.25 40.89 12.43
CA ARG D 124 -30.39 41.02 11.50
C ARG D 124 -31.74 41.17 12.19
N GLN D 125 -31.91 40.45 13.28
CA GLN D 125 -33.13 40.52 14.10
C GLN D 125 -33.36 41.94 14.64
N LEU D 126 -32.28 42.56 15.13
CA LEU D 126 -32.32 43.88 15.73
C LEU D 126 -32.49 45.05 14.74
N ARG D 127 -32.31 44.79 13.45
CA ARG D 127 -32.49 45.80 12.38
C ARG D 127 -31.80 47.12 12.74
N GLU D 128 -32.56 48.21 12.94
CA GLU D 128 -31.97 49.53 13.18
C GLU D 128 -31.98 49.93 14.65
N ASN D 129 -32.43 49.03 15.53
CA ASN D 129 -32.56 49.34 16.95
C ASN D 129 -31.31 48.99 17.75
N ALA D 130 -30.21 48.65 17.08
CA ALA D 130 -28.97 48.27 17.77
C ALA D 130 -27.72 48.52 16.91
N GLU D 131 -26.57 48.56 17.57
CA GLU D 131 -25.28 48.72 16.88
C GLU D 131 -24.24 47.72 17.37
N ASP D 132 -23.42 47.26 16.43
CA ASP D 132 -22.35 46.30 16.65
C ASP D 132 -21.15 47.02 17.28
N MET D 133 -20.87 46.72 18.56
CA MET D 133 -19.74 47.33 19.26
C MET D 133 -18.38 46.81 18.79
N GLY D 134 -18.35 45.66 18.11
CA GLY D 134 -17.13 45.11 17.53
C GLY D 134 -16.44 44.01 18.34
N ASN D 135 -17.04 43.68 19.48
CA ASN D 135 -16.51 42.67 20.41
C ASN D 135 -17.56 41.57 20.66
N GLY D 136 -18.44 41.36 19.69
CA GLY D 136 -19.56 40.45 19.84
C GLY D 136 -20.73 40.97 20.68
N CYS D 137 -20.73 42.26 21.01
CA CYS D 137 -21.82 42.86 21.78
C CYS D 137 -22.59 43.90 20.99
N PHE D 138 -23.91 43.83 21.09
CA PHE D 138 -24.79 44.83 20.52
C PHE D 138 -25.18 45.83 21.59
N LYS D 139 -25.01 47.11 21.31
CA LYS D 139 -25.64 48.16 22.12
C LYS D 139 -27.05 48.34 21.59
N ILE D 140 -28.04 48.09 22.44
CA ILE D 140 -29.45 48.21 22.09
C ILE D 140 -29.94 49.57 22.60
N TYR D 141 -30.45 50.40 21.69
CA TYR D 141 -30.79 51.79 21.99
C TYR D 141 -32.25 51.99 22.43
N HIS D 142 -32.76 51.12 23.30
CA HIS D 142 -34.08 51.31 23.90
C HIS D 142 -34.20 50.51 25.19
N LYS D 143 -35.29 50.77 25.92
CA LYS D 143 -35.60 50.01 27.12
C LYS D 143 -35.91 48.59 26.67
N CYS D 144 -35.09 47.65 27.14
CA CYS D 144 -35.29 46.24 26.84
C CYS D 144 -35.30 45.47 28.14
N ASP D 145 -36.51 45.41 28.72
CA ASP D 145 -36.82 44.57 29.88
C ASP D 145 -36.58 43.08 29.60
N ASN D 146 -36.67 42.26 30.64
CA ASN D 146 -36.38 40.83 30.51
C ASN D 146 -37.30 40.09 29.51
N ALA D 147 -38.56 40.51 29.41
CA ALA D 147 -39.47 40.01 28.38
C ALA D 147 -38.95 40.33 26.98
N CYS D 148 -38.38 41.53 26.82
CA CYS D 148 -37.78 41.96 25.54
C CYS D 148 -36.50 41.18 25.20
N ILE D 149 -35.66 40.90 26.20
CA ILE D 149 -34.42 40.14 25.97
C ILE D 149 -34.78 38.73 25.53
N GLU D 150 -35.60 38.05 26.34
CA GLU D 150 -36.10 36.72 25.99
C GLU D 150 -36.77 36.68 24.61
N SER D 151 -37.44 37.77 24.20
CA SER D 151 -38.02 37.87 22.85
C SER D 151 -36.95 37.78 21.74
N ILE D 152 -35.81 38.43 21.98
CA ILE D 152 -34.68 38.37 21.05
C ILE D 152 -34.12 36.95 21.02
N ARG D 153 -33.92 36.36 22.20
CA ARG D 153 -33.32 35.03 22.31
C ARG D 153 -34.22 33.90 21.77
N ASN D 154 -35.53 34.03 21.92
CA ASN D 154 -36.48 33.02 21.39
C ASN D 154 -37.13 33.39 20.05
N GLY D 155 -36.57 34.39 19.36
CA GLY D 155 -36.97 34.68 17.97
C GLY D 155 -38.27 35.43 17.73
N THR D 156 -38.80 36.11 18.76
CA THR D 156 -40.09 36.85 18.63
C THR D 156 -39.99 38.38 18.63
N TYR D 157 -38.81 38.93 18.92
CA TYR D 157 -38.58 40.38 18.96
C TYR D 157 -39.05 41.07 17.68
N ASP D 158 -40.10 41.88 17.80
CA ASP D 158 -40.55 42.73 16.71
C ASP D 158 -39.80 44.05 16.82
N HIS D 159 -38.97 44.34 15.82
CA HIS D 159 -38.19 45.57 15.80
C HIS D 159 -39.02 46.84 15.56
N ASP D 160 -40.17 46.72 14.88
CA ASP D 160 -41.03 47.88 14.61
C ASP D 160 -41.53 48.54 15.89
N VAL D 161 -41.90 47.71 16.87
CA VAL D 161 -42.37 48.16 18.19
C VAL D 161 -41.45 49.23 18.79
N TYR D 162 -40.14 48.95 18.79
CA TYR D 162 -39.15 49.80 19.44
C TYR D 162 -38.38 50.75 18.50
N ARG D 163 -38.73 50.77 17.22
CA ARG D 163 -37.90 51.45 16.20
C ARG D 163 -37.79 52.96 16.42
N ASP D 164 -38.94 53.62 16.58
CA ASP D 164 -38.98 55.09 16.78
C ASP D 164 -38.12 55.49 17.99
N GLU D 165 -38.37 54.82 19.11
CA GLU D 165 -37.58 55.01 20.32
C GLU D 165 -36.09 54.89 20.04
N ALA D 166 -35.70 53.76 19.43
CA ALA D 166 -34.29 53.45 19.20
C ALA D 166 -33.62 54.37 18.19
N LEU D 167 -34.29 54.62 17.07
CA LEU D 167 -33.80 55.56 16.05
C LEU D 167 -33.48 56.93 16.65
N ASN D 168 -34.37 57.40 17.54
CA ASN D 168 -34.20 58.69 18.20
C ASN D 168 -32.95 58.73 19.07
N ASN D 169 -32.79 57.72 19.93
CA ASN D 169 -31.60 57.60 20.79
C ASN D 169 -30.30 57.51 19.99
N ARG D 170 -30.34 56.87 18.83
CA ARG D 170 -29.16 56.71 17.97
C ARG D 170 -28.77 57.99 17.24
N PHE D 171 -29.79 58.73 16.79
CA PHE D 171 -29.61 59.97 16.02
C PHE D 171 -30.25 61.16 16.74
N PRO E 3 -44.27 53.88 -0.28
CA PRO E 3 -44.53 52.64 -1.02
C PRO E 3 -43.33 52.21 -1.88
N GLY E 4 -42.55 51.27 -1.37
CA GLY E 4 -41.25 50.90 -1.95
C GLY E 4 -41.21 49.58 -2.72
N ALA E 5 -40.23 48.74 -2.41
CA ALA E 5 -40.01 47.48 -3.12
C ALA E 5 -39.26 46.46 -2.29
N THR E 6 -39.43 45.19 -2.61
CA THR E 6 -38.68 44.09 -2.00
C THR E 6 -37.77 43.46 -3.06
N LEU E 7 -36.54 43.10 -2.66
CA LEU E 7 -35.60 42.38 -3.53
C LEU E 7 -35.03 41.21 -2.73
N CYS E 8 -35.41 40.01 -3.12
CA CYS E 8 -34.99 38.78 -2.46
C CYS E 8 -33.92 38.07 -3.25
N LEU E 9 -32.84 37.69 -2.56
CA LEU E 9 -31.79 36.83 -3.11
C LEU E 9 -32.12 35.38 -2.78
N GLY E 10 -31.88 34.49 -3.73
CA GLY E 10 -32.11 33.08 -3.54
C GLY E 10 -31.31 32.21 -4.50
N HIS E 11 -31.59 30.92 -4.43
CA HIS E 11 -30.88 29.92 -5.19
C HIS E 11 -31.87 28.89 -5.71
N HIS E 12 -31.46 28.13 -6.70
CA HIS E 12 -32.32 27.12 -7.30
C HIS E 12 -32.44 25.88 -6.40
N ALA E 13 -33.44 25.06 -6.74
CA ALA E 13 -33.64 23.76 -6.16
C ALA E 13 -34.28 22.90 -7.23
N VAL E 14 -34.34 21.58 -6.98
CA VAL E 14 -35.02 20.66 -7.87
C VAL E 14 -35.94 19.77 -7.05
N PRO E 15 -36.94 19.14 -7.68
CA PRO E 15 -37.85 18.27 -6.91
C PRO E 15 -37.21 16.94 -6.46
N ASN E 16 -36.39 16.34 -7.31
CA ASN E 16 -35.73 15.05 -7.03
C ASN E 16 -34.20 15.22 -7.06
N GLY E 17 -33.61 15.54 -5.92
CA GLY E 17 -32.15 15.66 -5.75
C GLY E 17 -31.45 14.31 -5.64
N THR E 18 -30.16 14.34 -5.30
CA THR E 18 -29.33 13.12 -5.19
C THR E 18 -28.58 13.13 -3.86
N LEU E 19 -28.43 11.95 -3.28
CA LEU E 19 -27.74 11.79 -1.99
C LEU E 19 -26.24 11.64 -2.21
N VAL E 20 -25.47 12.38 -1.43
CA VAL E 20 -24.01 12.25 -1.41
C VAL E 20 -23.53 12.14 0.02
N LYS E 21 -22.27 11.74 0.17
CA LYS E 21 -21.60 11.65 1.46
C LYS E 21 -20.63 12.82 1.61
N THR E 22 -20.49 13.31 2.84
CA THR E 22 -19.56 14.37 3.17
C THR E 22 -18.75 13.96 4.41
N ILE E 23 -17.99 14.89 4.96
CA ILE E 23 -17.26 14.70 6.22
C ILE E 23 -18.22 14.52 7.40
N THR E 24 -19.27 15.33 7.44
CA THR E 24 -20.21 15.33 8.57
C THR E 24 -21.47 14.48 8.36
N ASP E 25 -21.80 14.15 7.11
CA ASP E 25 -23.05 13.43 6.78
C ASP E 25 -22.82 12.21 5.90
N ASP E 26 -23.37 11.07 6.32
CA ASP E 26 -23.50 9.89 5.49
C ASP E 26 -24.33 10.00 4.24
N GLN E 27 -25.35 10.84 4.33
CA GLN E 27 -26.29 11.08 3.23
C GLN E 27 -26.78 12.50 3.39
N ILE E 28 -26.54 13.31 2.36
CA ILE E 28 -27.10 14.64 2.32
C ILE E 28 -27.44 14.96 0.88
N GLU E 29 -28.52 15.70 0.71
CA GLU E 29 -29.12 15.90 -0.61
C GLU E 29 -28.58 17.14 -1.29
N VAL E 30 -28.09 16.94 -2.52
CA VAL E 30 -27.62 18.02 -3.38
C VAL E 30 -28.41 17.98 -4.68
N THR E 31 -28.29 19.04 -5.48
CA THR E 31 -29.10 19.19 -6.69
C THR E 31 -28.67 18.21 -7.81
N ASN E 32 -27.40 17.81 -7.81
CA ASN E 32 -26.86 16.91 -8.82
C ASN E 32 -25.56 16.27 -8.32
N ALA E 33 -25.24 15.11 -8.90
CA ALA E 33 -23.98 14.44 -8.62
C ALA E 33 -23.60 13.58 -9.81
N THR E 34 -22.35 13.11 -9.82
CA THR E 34 -21.86 12.26 -10.88
C THR E 34 -21.13 11.05 -10.28
N GLU E 35 -21.27 9.91 -10.96
CA GLU E 35 -20.81 8.61 -10.45
C GLU E 35 -19.30 8.44 -10.73
N LEU E 36 -18.54 8.09 -9.71
CA LEU E 36 -17.08 7.90 -9.85
C LEU E 36 -16.64 6.43 -9.93
N VAL E 37 -17.56 5.49 -9.72
CA VAL E 37 -17.25 4.06 -9.77
C VAL E 37 -17.93 3.42 -10.99
N GLN E 38 -17.12 2.89 -11.91
CA GLN E 38 -17.61 2.08 -13.00
C GLN E 38 -18.01 0.71 -12.47
N SER E 39 -19.29 0.38 -12.56
CA SER E 39 -19.78 -0.89 -12.01
C SER E 39 -20.37 -1.85 -13.05
N SER E 40 -20.28 -1.49 -14.32
CA SER E 40 -20.83 -2.33 -15.37
C SER E 40 -19.83 -2.50 -16.50
N SER E 41 -20.03 -3.61 -17.20
CA SER E 41 -19.29 -3.99 -18.39
C SER E 41 -20.29 -4.38 -19.47
N THR E 42 -19.88 -4.31 -20.73
CA THR E 42 -20.64 -4.89 -21.84
C THR E 42 -20.70 -6.41 -21.80
N GLY E 43 -19.75 -7.04 -21.11
CA GLY E 43 -19.64 -8.50 -21.14
C GLY E 43 -18.79 -9.02 -22.31
N LYS E 44 -18.18 -8.12 -23.09
CA LYS E 44 -17.36 -8.51 -24.22
C LYS E 44 -16.01 -7.83 -24.17
N ILE E 45 -14.97 -8.52 -24.64
CA ILE E 45 -13.63 -7.96 -24.74
C ILE E 45 -13.46 -7.33 -26.12
N CYS E 46 -13.28 -6.01 -26.14
CA CYS E 46 -13.08 -5.28 -27.38
C CYS E 46 -11.73 -5.65 -28.03
N ASN E 47 -11.77 -5.92 -29.34
CA ASN E 47 -10.57 -6.34 -30.06
C ASN E 47 -9.57 -5.22 -30.44
N ASN E 48 -9.92 -3.98 -30.13
CA ASN E 48 -9.01 -2.82 -30.27
C ASN E 48 -9.07 -1.98 -28.99
N PRO E 49 -8.00 -1.23 -28.68
CA PRO E 49 -6.79 -1.08 -29.48
C PRO E 49 -5.66 -2.09 -29.18
N HIS E 50 -5.88 -3.03 -28.27
CA HIS E 50 -4.86 -4.02 -27.93
C HIS E 50 -5.01 -5.25 -28.82
N ARG E 51 -3.90 -5.85 -29.24
CA ARG E 51 -3.92 -7.14 -29.94
C ARG E 51 -4.33 -8.27 -28.98
N ILE E 52 -5.56 -8.77 -29.16
CA ILE E 52 -6.10 -9.85 -28.33
C ILE E 52 -5.91 -11.18 -29.05
N LEU E 53 -5.25 -12.14 -28.41
CA LEU E 53 -5.12 -13.48 -28.96
C LEU E 53 -5.95 -14.43 -28.10
N ASP E 54 -7.02 -14.95 -28.68
CA ASP E 54 -7.86 -15.93 -28.03
C ASP E 54 -7.18 -17.30 -28.04
N GLY E 55 -6.90 -17.85 -26.86
CA GLY E 55 -6.33 -19.19 -26.76
C GLY E 55 -7.26 -20.32 -27.21
N ILE E 56 -8.56 -20.08 -27.17
CA ILE E 56 -9.59 -21.07 -27.53
C ILE E 56 -9.39 -22.35 -26.67
N ASP E 57 -8.93 -23.44 -27.26
CA ASP E 57 -8.73 -24.71 -26.58
C ASP E 57 -7.33 -24.86 -25.95
N CYS E 58 -6.52 -23.80 -25.97
CA CYS E 58 -5.11 -23.91 -25.63
C CYS E 58 -4.70 -22.95 -24.52
N THR E 59 -3.96 -23.46 -23.55
CA THR E 59 -3.25 -22.60 -22.62
C THR E 59 -2.02 -22.06 -23.33
N LEU E 60 -1.49 -20.98 -22.79
CA LEU E 60 -0.27 -20.40 -23.33
C LEU E 60 0.89 -21.41 -23.27
N ILE E 61 0.98 -22.16 -22.18
CA ILE E 61 2.04 -23.16 -22.04
C ILE E 61 1.92 -24.29 -23.10
N ASP E 62 0.70 -24.74 -23.38
CA ASP E 62 0.52 -25.76 -24.41
C ASP E 62 0.85 -25.23 -25.83
N ALA E 63 0.56 -23.95 -26.07
CA ALA E 63 0.94 -23.31 -27.33
C ALA E 63 2.48 -23.18 -27.41
N LEU E 64 3.10 -22.86 -26.28
CA LEU E 64 4.56 -22.75 -26.18
C LEU E 64 5.24 -24.10 -26.49
N LEU E 65 4.81 -25.15 -25.79
CA LEU E 65 5.45 -26.46 -25.95
C LEU E 65 5.20 -27.05 -27.33
N GLY E 66 4.04 -26.78 -27.89
CA GLY E 66 3.66 -27.26 -29.21
C GLY E 66 2.85 -28.55 -29.16
N ASP E 67 1.89 -28.62 -28.24
CA ASP E 67 0.81 -29.62 -28.23
C ASP E 67 0.12 -29.51 -29.63
N PRO E 68 -0.05 -30.65 -30.36
CA PRO E 68 -0.53 -30.59 -31.76
C PRO E 68 -1.78 -29.76 -32.02
N HIS E 69 -2.80 -29.85 -31.17
CA HIS E 69 -4.01 -29.03 -31.36
C HIS E 69 -3.75 -27.51 -31.12
N CYS E 70 -2.57 -27.17 -30.60
CA CYS E 70 -2.14 -25.78 -30.46
C CYS E 70 -1.11 -25.32 -31.51
N ASP E 71 -0.85 -26.14 -32.54
CA ASP E 71 0.12 -25.80 -33.59
C ASP E 71 -0.23 -24.50 -34.30
N VAL E 72 -1.52 -24.19 -34.40
CA VAL E 72 -1.96 -22.94 -35.01
C VAL E 72 -1.40 -21.68 -34.31
N PHE E 73 -0.98 -21.79 -33.05
CA PHE E 73 -0.38 -20.65 -32.32
C PHE E 73 1.12 -20.42 -32.56
N GLN E 74 1.76 -21.27 -33.37
CA GLN E 74 3.20 -21.13 -33.63
C GLN E 74 3.52 -19.72 -34.09
N ASN E 75 4.57 -19.15 -33.51
CA ASN E 75 5.03 -17.81 -33.82
C ASN E 75 3.98 -16.69 -33.63
N GLU E 76 2.90 -16.94 -32.89
CA GLU E 76 1.88 -15.90 -32.69
C GLU E 76 2.40 -14.81 -31.75
N THR E 77 1.74 -13.66 -31.78
CA THR E 77 2.04 -12.55 -30.88
C THR E 77 0.76 -12.00 -30.28
N TRP E 78 0.90 -11.22 -29.20
CA TRP E 78 -0.25 -10.64 -28.50
C TRP E 78 0.17 -9.45 -27.63
N ASP E 79 -0.79 -8.56 -27.38
CA ASP E 79 -0.75 -7.71 -26.21
C ASP E 79 -1.41 -8.42 -25.04
N LEU E 80 -2.55 -9.06 -25.28
CA LEU E 80 -3.22 -9.84 -24.23
C LEU E 80 -3.61 -11.22 -24.74
N PHE E 81 -3.00 -12.25 -24.14
CA PHE E 81 -3.39 -13.63 -24.38
C PHE E 81 -4.53 -13.98 -23.45
N VAL E 82 -5.63 -14.48 -23.99
CA VAL E 82 -6.82 -14.84 -23.21
C VAL E 82 -6.94 -16.36 -23.12
N GLU E 83 -6.84 -16.89 -21.91
CA GLU E 83 -6.99 -18.33 -21.66
C GLU E 83 -8.42 -18.60 -21.24
N ARG E 84 -9.01 -19.62 -21.86
CA ARG E 84 -10.40 -20.01 -21.65
C ARG E 84 -10.49 -21.18 -20.69
N SER E 85 -11.57 -21.24 -19.93
CA SER E 85 -11.78 -22.34 -18.99
C SER E 85 -11.96 -23.69 -19.69
N LYS E 86 -12.41 -23.70 -20.95
CA LYS E 86 -12.49 -24.92 -21.75
C LYS E 86 -11.15 -25.48 -22.28
N ALA E 87 -10.02 -24.78 -22.05
CA ALA E 87 -8.73 -25.23 -22.62
C ALA E 87 -8.36 -26.63 -22.08
N PHE E 88 -7.72 -27.44 -22.91
CA PHE E 88 -7.30 -28.77 -22.51
C PHE E 88 -5.96 -29.11 -23.11
N SER E 89 -5.23 -30.01 -22.44
CA SER E 89 -3.98 -30.57 -22.94
C SER E 89 -4.29 -31.89 -23.64
N ASN E 90 -3.57 -32.19 -24.72
CA ASN E 90 -3.79 -33.44 -25.45
C ASN E 90 -2.50 -34.03 -26.03
N CYS E 91 -1.43 -33.95 -25.25
CA CYS E 91 -0.12 -34.46 -25.67
C CYS E 91 0.46 -35.29 -24.52
N TYR E 92 1.77 -35.45 -24.45
CA TYR E 92 2.38 -36.28 -23.39
C TYR E 92 2.09 -35.63 -22.02
N PRO E 93 1.72 -36.44 -21.00
CA PRO E 93 1.44 -35.80 -19.71
C PRO E 93 2.70 -35.16 -19.11
N TYR E 94 2.54 -33.97 -18.55
CA TYR E 94 3.67 -33.19 -18.09
C TYR E 94 3.33 -32.36 -16.88
N ASP E 95 4.35 -31.93 -16.16
CA ASP E 95 4.23 -30.83 -15.21
C ASP E 95 5.34 -29.80 -15.46
N VAL E 96 5.14 -28.60 -14.93
CA VAL E 96 6.14 -27.56 -14.95
C VAL E 96 6.33 -27.12 -13.51
N PRO E 97 7.45 -27.51 -12.88
CA PRO E 97 7.79 -26.90 -11.60
C PRO E 97 7.90 -25.38 -11.84
N ASP E 98 7.24 -24.61 -11.01
CA ASP E 98 7.13 -23.16 -11.27
C ASP E 98 6.43 -22.83 -12.61
N TYR E 99 5.37 -23.59 -12.90
CA TYR E 99 4.43 -23.29 -13.97
C TYR E 99 4.09 -21.81 -14.05
N ALA E 100 3.70 -21.24 -12.90
CA ALA E 100 3.23 -19.84 -12.87
C ALA E 100 4.29 -18.85 -13.38
N SER E 101 5.56 -19.09 -13.04
CA SER E 101 6.64 -18.22 -13.49
C SER E 101 6.87 -18.34 -15.00
N LEU E 102 6.86 -19.57 -15.53
CA LEU E 102 7.07 -19.73 -16.97
C LEU E 102 5.93 -19.09 -17.76
N ARG E 103 4.70 -19.34 -17.34
CA ARG E 103 3.53 -18.71 -17.92
C ARG E 103 3.65 -17.18 -17.89
N SER E 104 4.08 -16.64 -16.74
CA SER E 104 4.20 -15.20 -16.59
C SER E 104 5.27 -14.59 -17.52
N LEU E 105 6.45 -15.18 -17.54
CA LEU E 105 7.53 -14.60 -18.34
C LEU E 105 7.24 -14.71 -19.85
N VAL E 106 6.61 -15.80 -20.28
CA VAL E 106 6.19 -15.93 -21.69
C VAL E 106 5.06 -14.93 -22.01
N ALA E 107 4.06 -14.84 -21.14
CA ALA E 107 2.96 -13.90 -21.34
C ALA E 107 3.47 -12.47 -21.50
N SER E 108 4.46 -12.12 -20.67
CA SER E 108 5.03 -10.80 -20.65
C SER E 108 5.92 -10.50 -21.87
N SER E 109 6.55 -11.54 -22.43
CA SER E 109 7.35 -11.41 -23.63
C SER E 109 6.49 -11.14 -24.89
N GLY E 110 5.27 -11.69 -24.92
CA GLY E 110 4.30 -11.31 -25.92
C GLY E 110 4.44 -11.98 -27.29
N THR E 111 5.30 -13.00 -27.37
CA THR E 111 5.57 -13.69 -28.61
C THR E 111 5.91 -15.16 -28.37
N LEU E 112 5.57 -16.01 -29.36
CA LEU E 112 6.06 -17.40 -29.41
C LEU E 112 7.03 -17.61 -30.57
N GLU E 113 7.67 -16.54 -31.03
CA GLU E 113 8.59 -16.62 -32.15
C GLU E 113 9.71 -17.60 -31.81
N PHE E 114 9.83 -18.66 -32.59
CA PHE E 114 10.77 -19.73 -32.35
C PHE E 114 11.84 -19.82 -33.45
N ILE E 115 13.10 -19.92 -33.03
CA ILE E 115 14.22 -19.99 -33.96
C ILE E 115 14.91 -21.34 -33.72
N THR E 116 14.93 -22.17 -34.74
CA THR E 116 15.56 -23.49 -34.68
C THR E 116 17.08 -23.36 -34.68
N GLU E 117 17.75 -24.14 -33.85
CA GLU E 117 19.22 -24.17 -33.81
C GLU E 117 19.72 -25.57 -34.10
N GLY E 118 20.89 -25.66 -34.71
CA GLY E 118 21.43 -26.96 -35.11
C GLY E 118 22.19 -27.65 -34.00
N PHE E 119 21.47 -28.14 -32.98
CA PHE E 119 22.08 -28.97 -31.96
C PHE E 119 22.53 -30.29 -32.58
N THR E 120 23.69 -30.79 -32.18
CA THR E 120 24.19 -32.07 -32.66
C THR E 120 24.13 -33.09 -31.52
N TRP E 121 23.24 -34.07 -31.65
CA TRP E 121 23.03 -35.10 -30.65
C TRP E 121 23.65 -36.40 -31.15
N THR E 122 24.95 -36.52 -30.97
CA THR E 122 25.72 -37.65 -31.48
C THR E 122 25.44 -38.94 -30.70
N GLY E 123 25.05 -39.98 -31.43
CA GLY E 123 24.91 -41.32 -30.89
C GLY E 123 23.57 -41.63 -30.22
N VAL E 124 22.55 -40.80 -30.49
CA VAL E 124 21.20 -41.05 -29.99
C VAL E 124 20.19 -40.96 -31.11
N THR E 125 19.01 -41.53 -30.89
CA THR E 125 17.88 -41.45 -31.79
C THR E 125 17.06 -40.21 -31.44
N GLN E 126 16.70 -39.43 -32.46
CA GLN E 126 15.95 -38.18 -32.27
C GLN E 126 14.48 -38.37 -32.62
N ASN E 127 13.68 -37.36 -32.31
CA ASN E 127 12.26 -37.28 -32.70
C ASN E 127 11.37 -38.39 -32.15
N GLY E 128 11.61 -38.79 -30.90
CA GLY E 128 10.74 -39.74 -30.23
C GLY E 128 9.30 -39.25 -30.16
N GLY E 129 8.35 -40.18 -30.19
CA GLY E 129 6.93 -39.86 -30.15
C GLY E 129 6.17 -40.85 -29.29
N SER E 130 4.91 -40.52 -29.05
CA SER E 130 4.03 -41.31 -28.21
C SER E 130 2.60 -41.26 -28.75
N ASN E 131 1.84 -42.33 -28.50
CA ASN E 131 0.40 -42.33 -28.81
C ASN E 131 -0.40 -41.40 -27.91
N ALA E 132 0.19 -40.96 -26.80
CA ALA E 132 -0.38 -39.89 -25.99
C ALA E 132 -0.49 -38.55 -26.71
N CYS E 133 0.26 -38.38 -27.79
CA CYS E 133 0.35 -37.10 -28.49
C CYS E 133 0.37 -37.32 -30.00
N LYS E 134 -0.79 -37.70 -30.55
CA LYS E 134 -0.90 -38.11 -31.94
C LYS E 134 -0.77 -36.96 -32.93
N ARG E 135 -0.03 -37.26 -33.99
CA ARG E 135 0.22 -36.31 -35.09
C ARG E 135 -0.08 -37.05 -36.35
N GLY E 136 -1.15 -36.70 -37.02
CA GLY E 136 -1.46 -37.31 -38.33
C GLY E 136 -1.81 -38.76 -38.08
N PRO E 137 -1.29 -39.70 -38.90
CA PRO E 137 -1.59 -41.11 -38.71
C PRO E 137 -0.83 -41.78 -37.53
N GLY E 138 0.28 -41.22 -37.10
CA GLY E 138 1.12 -41.85 -36.10
C GLY E 138 1.16 -41.18 -34.73
N SER E 139 2.08 -41.72 -33.96
CA SER E 139 2.48 -41.13 -32.70
C SER E 139 3.25 -39.85 -32.96
N GLY E 140 3.27 -38.98 -31.97
CA GLY E 140 3.96 -37.69 -32.11
C GLY E 140 4.33 -37.10 -30.78
N PHE E 141 4.65 -35.81 -30.81
CA PHE E 141 5.23 -35.15 -29.65
C PHE E 141 5.11 -33.64 -29.76
N PHE E 142 5.40 -32.95 -28.66
CA PHE E 142 5.48 -31.48 -28.65
C PHE E 142 6.38 -31.03 -29.79
N SER E 143 5.89 -30.11 -30.61
CA SER E 143 6.66 -29.64 -31.75
C SER E 143 8.02 -29.00 -31.40
N ARG E 144 8.11 -28.34 -30.25
CA ARG E 144 9.35 -27.61 -29.89
C ARG E 144 10.38 -28.41 -29.09
N LEU E 145 10.07 -29.67 -28.80
CA LEU E 145 10.91 -30.54 -28.01
C LEU E 145 11.30 -31.77 -28.80
N ASN E 146 12.47 -32.33 -28.46
CA ASN E 146 13.09 -33.40 -29.22
C ASN E 146 13.39 -34.53 -28.24
N TRP E 147 12.58 -35.59 -28.29
CA TRP E 147 12.72 -36.71 -27.36
C TRP E 147 13.84 -37.62 -27.86
N LEU E 148 14.96 -37.61 -27.13
CA LEU E 148 16.13 -38.38 -27.47
C LEU E 148 16.10 -39.73 -26.77
N THR E 149 16.45 -40.78 -27.49
CA THR E 149 16.59 -42.13 -26.93
C THR E 149 17.83 -42.84 -27.50
N LYS E 150 18.13 -44.03 -26.99
CA LYS E 150 19.30 -44.79 -27.41
C LYS E 150 19.34 -45.04 -28.91
N SER E 151 20.54 -45.16 -29.44
CA SER E 151 20.80 -45.59 -30.80
C SER E 151 21.58 -46.89 -30.71
N GLY E 152 21.05 -47.95 -31.30
CA GLY E 152 21.59 -49.29 -31.11
C GLY E 152 21.44 -49.72 -29.66
N SER E 153 22.56 -49.96 -28.99
CA SER E 153 22.56 -50.42 -27.59
C SER E 153 23.22 -49.42 -26.63
N THR E 154 23.39 -48.16 -27.06
CA THR E 154 24.08 -47.16 -26.27
C THR E 154 23.38 -45.79 -26.30
N TYR E 155 23.53 -45.09 -25.19
CA TYR E 155 23.15 -43.69 -25.06
C TYR E 155 24.39 -43.04 -24.44
N PRO E 156 25.22 -42.37 -25.28
CA PRO E 156 26.45 -41.80 -24.74
C PRO E 156 26.17 -40.53 -23.96
N VAL E 157 27.19 -40.00 -23.30
CA VAL E 157 27.11 -38.70 -22.67
C VAL E 157 26.87 -37.67 -23.78
N LEU E 158 25.80 -36.91 -23.65
CA LEU E 158 25.50 -35.84 -24.59
C LEU E 158 26.07 -34.58 -24.00
N ASN E 159 26.78 -33.81 -24.82
CA ASN E 159 27.49 -32.65 -24.35
C ASN E 159 27.53 -31.61 -25.46
N VAL E 160 26.64 -30.64 -25.42
CA VAL E 160 26.52 -29.64 -26.49
C VAL E 160 26.53 -28.21 -25.95
N THR E 161 26.82 -27.29 -26.84
CA THR E 161 26.88 -25.86 -26.51
C THR E 161 26.24 -25.01 -27.58
N MET E 162 25.72 -23.86 -27.17
CA MET E 162 25.13 -22.91 -28.10
C MET E 162 25.35 -21.49 -27.51
N PRO E 163 26.25 -20.70 -28.11
CA PRO E 163 26.45 -19.34 -27.61
C PRO E 163 25.35 -18.40 -28.07
N ASN E 164 25.06 -17.39 -27.27
CA ASN E 164 24.19 -16.31 -27.70
C ASN E 164 25.02 -15.14 -28.18
N ASN E 165 25.15 -15.02 -29.50
CA ASN E 165 25.81 -13.89 -30.12
C ASN E 165 24.85 -12.87 -30.73
N ASP E 166 23.58 -12.96 -30.35
CA ASP E 166 22.59 -11.96 -30.73
C ASP E 166 22.54 -10.87 -29.65
N ASN E 167 21.73 -9.84 -29.87
CA ASN E 167 21.55 -8.78 -28.88
C ASN E 167 20.20 -8.85 -28.14
N PHE E 168 19.56 -10.03 -28.17
CA PHE E 168 18.31 -10.27 -27.46
C PHE E 168 18.50 -11.50 -26.57
N ASP E 169 17.62 -11.63 -25.57
CA ASP E 169 17.59 -12.83 -24.72
C ASP E 169 16.96 -14.01 -25.45
N LYS E 170 17.55 -15.20 -25.26
CA LYS E 170 17.00 -16.44 -25.76
C LYS E 170 16.35 -17.23 -24.63
N LEU E 171 15.12 -17.70 -24.85
CA LEU E 171 14.45 -18.61 -23.93
C LEU E 171 14.51 -20.03 -24.47
N TYR E 172 15.18 -20.92 -23.74
CA TYR E 172 15.21 -22.34 -24.06
C TYR E 172 14.27 -23.13 -23.17
N ILE E 173 13.41 -23.91 -23.78
CA ILE E 173 12.48 -24.79 -23.08
C ILE E 173 12.99 -26.20 -23.31
N TRP E 174 13.14 -26.94 -22.22
CA TRP E 174 13.63 -28.30 -22.26
C TRP E 174 12.93 -29.10 -21.18
N GLY E 175 13.24 -30.38 -21.09
CA GLY E 175 12.58 -31.22 -20.10
C GLY E 175 13.36 -32.46 -19.72
N VAL E 176 12.76 -33.20 -18.78
CA VAL E 176 13.31 -34.43 -18.28
C VAL E 176 12.18 -35.47 -18.26
N HIS E 177 12.48 -36.65 -18.79
CA HIS E 177 11.54 -37.75 -18.83
C HIS E 177 11.63 -38.58 -17.55
N HIS E 178 10.47 -38.82 -16.93
CA HIS E 178 10.31 -39.65 -15.76
C HIS E 178 9.63 -40.95 -16.16
N PRO E 179 10.42 -42.02 -16.37
CA PRO E 179 9.79 -43.30 -16.70
C PRO E 179 9.01 -43.89 -15.54
N SER E 180 8.03 -44.73 -15.84
CA SER E 180 7.26 -45.38 -14.78
C SER E 180 7.91 -46.65 -14.24
N THR E 181 8.82 -47.30 -14.99
CA THR E 181 9.52 -48.52 -14.52
C THR E 181 11.02 -48.49 -14.85
N ASN E 182 11.81 -49.27 -14.12
CA ASN E 182 13.22 -49.46 -14.44
C ASN E 182 13.44 -50.05 -15.82
N GLN E 183 12.54 -50.94 -16.23
CA GLN E 183 12.58 -51.56 -17.55
C GLN E 183 12.52 -50.49 -18.64
N GLU E 184 11.56 -49.57 -18.50
CA GLU E 184 11.40 -48.44 -19.43
C GLU E 184 12.65 -47.54 -19.46
N GLN E 185 13.16 -47.20 -18.28
CA GLN E 185 14.40 -46.41 -18.14
C GLN E 185 15.54 -47.02 -18.96
N THR E 186 15.82 -48.29 -18.75
CA THR E 186 16.96 -48.94 -19.40
C THR E 186 16.71 -49.20 -20.88
N SER E 187 15.48 -49.53 -21.25
CA SER E 187 15.11 -49.73 -22.65
C SER E 187 15.31 -48.45 -23.48
N LEU E 188 14.91 -47.32 -22.91
CA LEU E 188 15.03 -46.04 -23.61
C LEU E 188 16.42 -45.42 -23.54
N TYR E 189 17.04 -45.43 -22.37
CA TYR E 189 18.26 -44.65 -22.10
C TYR E 189 19.48 -45.45 -21.67
N VAL E 190 19.36 -46.78 -21.58
CA VAL E 190 20.46 -47.70 -21.25
C VAL E 190 20.90 -47.57 -19.79
N GLN E 191 21.44 -46.41 -19.42
CA GLN E 191 21.84 -46.14 -18.04
C GLN E 191 20.63 -46.29 -17.11
N ALA E 192 20.87 -46.87 -15.93
CA ALA E 192 19.82 -47.16 -14.95
C ALA E 192 19.25 -45.90 -14.29
N SER E 193 20.06 -44.85 -14.24
CA SER E 193 19.64 -43.55 -13.76
C SER E 193 20.20 -42.49 -14.70
N GLY E 194 19.34 -41.59 -15.17
CA GLY E 194 19.77 -40.50 -16.05
C GLY E 194 20.10 -39.23 -15.27
N ARG E 195 20.42 -38.20 -16.02
CA ARG E 195 20.74 -36.90 -15.46
C ARG E 195 20.69 -35.85 -16.55
N VAL E 196 20.19 -34.67 -16.20
CA VAL E 196 20.19 -33.54 -17.10
C VAL E 196 20.75 -32.32 -16.39
N THR E 197 21.80 -31.74 -16.97
CA THR E 197 22.43 -30.53 -16.46
C THR E 197 22.46 -29.49 -17.57
N VAL E 198 21.76 -28.40 -17.35
CA VAL E 198 21.68 -27.30 -18.30
C VAL E 198 22.20 -26.06 -17.59
N SER E 199 23.15 -25.38 -18.22
CA SER E 199 23.84 -24.29 -17.54
C SER E 199 24.23 -23.17 -18.48
N THR E 200 24.47 -22.01 -17.85
CA THR E 200 25.08 -20.85 -18.47
C THR E 200 26.35 -20.52 -17.66
N ARG E 201 27.01 -19.41 -17.96
CA ARG E 201 28.27 -19.12 -17.27
C ARG E 201 28.13 -19.02 -15.74
N ARG E 202 27.03 -18.45 -15.27
CA ARG E 202 26.86 -18.12 -13.84
C ARG E 202 25.83 -19.00 -13.11
N SER E 203 25.04 -19.78 -13.85
CA SER E 203 23.99 -20.56 -13.22
C SER E 203 23.80 -21.93 -13.86
N GLN E 204 23.12 -22.80 -13.13
CA GLN E 204 22.94 -24.17 -13.58
C GLN E 204 21.67 -24.78 -12.97
N GLN E 205 21.10 -25.76 -13.67
CA GLN E 205 20.02 -26.57 -13.17
C GLN E 205 20.41 -28.02 -13.41
N THR E 206 20.41 -28.83 -12.36
CA THR E 206 20.67 -30.26 -12.49
C THR E 206 19.47 -31.03 -11.99
N ILE E 207 18.93 -31.90 -12.82
CA ILE E 207 17.70 -32.62 -12.53
C ILE E 207 18.01 -34.11 -12.65
N ILE E 208 17.62 -34.87 -11.62
CA ILE E 208 17.65 -36.33 -11.64
C ILE E 208 16.23 -36.82 -11.93
N PRO E 209 16.07 -37.72 -12.90
CA PRO E 209 14.75 -38.32 -13.10
C PRO E 209 14.34 -39.23 -11.95
N ASN E 210 13.04 -39.34 -11.77
CA ASN E 210 12.41 -40.14 -10.74
C ASN E 210 11.53 -41.23 -11.38
N ILE E 211 11.89 -42.48 -11.16
CA ILE E 211 11.21 -43.61 -11.77
C ILE E 211 10.04 -44.02 -10.87
N GLY E 212 8.87 -44.25 -11.45
CA GLY E 212 7.70 -44.69 -10.68
C GLY E 212 6.36 -44.50 -11.36
N SER E 213 5.40 -45.34 -10.95
CA SER E 213 4.08 -45.35 -11.61
C SER E 213 3.25 -44.18 -11.11
N ARG E 214 2.57 -43.53 -12.06
CA ARG E 214 1.76 -42.36 -11.84
C ARG E 214 0.37 -42.72 -12.37
N PRO E 215 -0.66 -41.90 -12.06
CA PRO E 215 -1.95 -42.18 -12.69
C PRO E 215 -1.84 -42.07 -14.21
N TRP E 216 -2.48 -43.01 -14.89
CA TRP E 216 -2.60 -43.04 -16.34
C TRP E 216 -3.26 -41.74 -16.82
N VAL E 217 -2.59 -41.02 -17.71
CA VAL E 217 -3.14 -39.85 -18.38
C VAL E 217 -2.83 -39.99 -19.86
N ARG E 218 -3.90 -39.99 -20.68
CA ARG E 218 -3.75 -40.11 -22.12
C ARG E 218 -2.78 -41.24 -22.45
N GLN E 219 -3.03 -42.42 -21.86
CA GLN E 219 -2.30 -43.68 -22.07
C GLN E 219 -0.88 -43.85 -21.48
N ALA E 220 -0.38 -42.90 -20.70
CA ALA E 220 0.96 -43.05 -20.09
C ALA E 220 0.91 -42.86 -18.59
N SER E 221 1.65 -43.69 -17.89
CA SER E 221 1.96 -43.52 -16.48
C SER E 221 3.27 -42.76 -16.32
N SER E 222 4.00 -42.56 -17.42
CA SER E 222 5.23 -41.77 -17.36
C SER E 222 4.91 -40.29 -17.52
N ARG E 223 5.89 -39.44 -17.24
CA ARG E 223 5.71 -37.98 -17.23
C ARG E 223 6.95 -37.27 -17.75
N ILE E 224 6.74 -36.04 -18.21
CA ILE E 224 7.82 -35.13 -18.48
C ILE E 224 7.71 -33.95 -17.56
N SER E 225 8.84 -33.49 -17.01
CA SER E 225 8.91 -32.24 -16.27
C SER E 225 9.60 -31.20 -17.14
N ILE E 226 9.00 -30.02 -17.25
CA ILE E 226 9.47 -28.95 -18.11
C ILE E 226 10.26 -27.90 -17.32
N TYR E 227 11.41 -27.51 -17.88
CA TYR E 227 12.28 -26.48 -17.31
C TYR E 227 12.60 -25.46 -18.37
N TRP E 228 13.12 -24.32 -17.94
CA TRP E 228 13.54 -23.28 -18.87
C TRP E 228 14.83 -22.63 -18.43
N THR E 229 15.54 -22.08 -19.42
CA THR E 229 16.79 -21.36 -19.20
C THR E 229 16.82 -20.17 -20.13
N ILE E 230 17.04 -18.99 -19.56
CA ILE E 230 17.25 -17.79 -20.35
C ILE E 230 18.74 -17.55 -20.53
N VAL E 231 19.14 -17.27 -21.77
CA VAL E 231 20.54 -17.00 -22.09
C VAL E 231 20.66 -15.57 -22.61
N LYS E 232 21.40 -14.75 -21.90
CA LYS E 232 21.55 -13.34 -22.24
C LYS E 232 22.60 -13.14 -23.32
N PRO E 233 22.58 -11.98 -24.01
CA PRO E 233 23.63 -11.69 -24.99
C PRO E 233 25.01 -11.85 -24.38
N GLY E 234 25.88 -12.57 -25.08
CA GLY E 234 27.25 -12.77 -24.63
C GLY E 234 27.46 -13.98 -23.74
N ASP E 235 26.37 -14.60 -23.27
CA ASP E 235 26.46 -15.78 -22.43
C ASP E 235 26.35 -17.02 -23.36
N VAL E 236 26.40 -18.22 -22.79
CA VAL E 236 26.39 -19.43 -23.57
C VAL E 236 25.59 -20.53 -22.84
N LEU E 237 24.93 -21.40 -23.61
CA LEU E 237 24.18 -22.52 -23.06
C LEU E 237 25.04 -23.76 -23.19
N VAL E 238 25.09 -24.57 -22.13
CA VAL E 238 25.61 -25.93 -22.25
C VAL E 238 24.56 -26.90 -21.74
N ILE E 239 24.40 -28.01 -22.46
CA ILE E 239 23.50 -29.08 -22.06
C ILE E 239 24.29 -30.37 -21.97
N ASN E 240 24.17 -31.04 -20.84
CA ASN E 240 24.92 -32.25 -20.57
C ASN E 240 24.00 -33.29 -19.98
N SER E 241 23.93 -34.48 -20.59
CA SER E 241 23.05 -35.54 -20.11
C SER E 241 23.56 -36.92 -20.50
N ASN E 242 23.35 -37.90 -19.61
CA ASN E 242 23.58 -39.31 -19.92
C ASN E 242 22.26 -40.11 -19.90
N GLY E 243 21.15 -39.42 -20.14
CA GLY E 243 19.84 -40.06 -20.19
C GLY E 243 18.74 -39.12 -19.77
N ASN E 244 17.56 -39.32 -20.38
CA ASN E 244 16.28 -38.72 -19.98
C ASN E 244 16.07 -37.26 -20.40
N LEU E 245 16.97 -36.74 -21.23
CA LEU E 245 16.88 -35.40 -21.76
C LEU E 245 15.74 -35.32 -22.81
N ILE E 246 14.85 -34.36 -22.58
CA ILE E 246 13.91 -33.90 -23.58
C ILE E 246 14.50 -32.58 -24.09
N ALA E 247 15.11 -32.64 -25.26
CA ALA E 247 15.99 -31.58 -25.73
C ALA E 247 15.24 -30.43 -26.38
N PRO E 248 15.76 -29.20 -26.25
CA PRO E 248 15.21 -28.08 -27.02
C PRO E 248 15.56 -28.23 -28.49
N ARG E 249 14.72 -27.69 -29.39
CA ARG E 249 15.03 -27.63 -30.83
C ARG E 249 15.61 -26.27 -31.24
N GLY E 250 15.67 -25.35 -30.30
CA GLY E 250 15.98 -23.96 -30.58
C GLY E 250 15.56 -23.12 -29.39
N TYR E 251 15.34 -21.84 -29.66
CA TYR E 251 14.96 -20.87 -28.62
C TYR E 251 13.79 -20.04 -29.06
N PHE E 252 13.10 -19.48 -28.06
CA PHE E 252 12.10 -18.47 -28.26
C PHE E 252 12.75 -17.12 -28.10
N LYS E 253 12.44 -16.20 -29.01
CA LYS E 253 13.05 -14.89 -29.00
C LYS E 253 12.23 -14.07 -28.00
N MET E 254 12.89 -13.52 -26.99
CA MET E 254 12.22 -12.76 -25.96
C MET E 254 12.17 -11.27 -26.29
N ARG E 255 11.05 -10.65 -25.90
CA ARG E 255 10.89 -9.22 -25.95
C ARG E 255 10.47 -8.72 -24.58
N THR E 256 10.57 -7.41 -24.41
CA THR E 256 10.00 -6.74 -23.25
C THR E 256 9.00 -5.75 -23.81
N GLY E 257 7.97 -5.46 -23.03
CA GLY E 257 6.91 -4.57 -23.46
C GLY E 257 5.67 -4.77 -22.61
N LYS E 258 4.52 -4.46 -23.20
CA LYS E 258 3.27 -4.31 -22.46
C LYS E 258 2.38 -5.58 -22.50
N SER E 259 2.92 -6.72 -22.91
CA SER E 259 2.11 -7.93 -23.09
C SER E 259 1.76 -8.59 -21.74
N SER E 260 0.59 -9.22 -21.70
CA SER E 260 0.16 -9.97 -20.50
C SER E 260 -0.79 -11.12 -20.89
N ILE E 261 -1.41 -11.72 -19.89
CA ILE E 261 -2.30 -12.85 -20.06
C ILE E 261 -3.44 -12.67 -19.07
N MET E 262 -4.63 -13.12 -19.46
CA MET E 262 -5.82 -13.04 -18.61
C MET E 262 -6.67 -14.30 -18.79
N ARG E 263 -7.25 -14.78 -17.69
CA ARG E 263 -8.23 -15.86 -17.70
C ARG E 263 -9.62 -15.23 -17.82
N SER E 264 -10.35 -15.59 -18.86
CA SER E 264 -11.68 -15.04 -19.10
C SER E 264 -12.42 -15.90 -20.09
N ASP E 265 -13.73 -15.97 -19.92
CA ASP E 265 -14.61 -16.61 -20.88
C ASP E 265 -15.45 -15.59 -21.64
N ALA E 266 -15.16 -14.29 -21.50
CA ALA E 266 -15.92 -13.28 -22.22
C ALA E 266 -15.63 -13.37 -23.72
N PRO E 267 -16.65 -13.25 -24.57
CA PRO E 267 -16.37 -13.28 -26.01
C PRO E 267 -15.65 -12.00 -26.49
N ILE E 268 -14.91 -12.13 -27.58
CA ILE E 268 -14.21 -11.03 -28.20
C ILE E 268 -15.16 -10.39 -29.23
N ASP E 269 -15.22 -9.06 -29.24
CA ASP E 269 -16.11 -8.33 -30.12
C ASP E 269 -15.34 -7.23 -30.85
N THR E 270 -15.92 -6.70 -31.91
CA THR E 270 -15.31 -5.61 -32.67
C THR E 270 -15.78 -4.28 -32.09
N CYS E 271 -14.87 -3.64 -31.37
CA CYS E 271 -15.14 -2.36 -30.69
C CYS E 271 -13.79 -1.88 -30.14
N ILE E 272 -13.79 -0.71 -29.53
CA ILE E 272 -12.59 -0.08 -29.02
C ILE E 272 -12.75 0.16 -27.52
N SER E 273 -11.82 -0.38 -26.73
CA SER E 273 -11.77 -0.09 -25.31
C SER E 273 -10.37 -0.26 -24.75
N GLU E 274 -9.87 0.79 -24.10
CA GLU E 274 -8.54 0.76 -23.49
C GLU E 274 -8.47 -0.24 -22.34
N CYS E 275 -9.54 -0.34 -21.54
CA CYS E 275 -9.53 -1.17 -20.33
C CYS E 275 -10.24 -2.50 -20.53
N ILE E 276 -9.56 -3.58 -20.14
CA ILE E 276 -10.10 -4.92 -20.22
C ILE E 276 -10.13 -5.56 -18.84
N THR E 277 -11.24 -6.20 -18.51
CA THR E 277 -11.34 -7.05 -17.33
C THR E 277 -11.80 -8.43 -17.78
N PRO E 278 -11.70 -9.45 -16.90
CA PRO E 278 -12.23 -10.76 -17.25
C PRO E 278 -13.73 -10.79 -17.55
N ASN E 279 -14.49 -9.82 -17.01
CA ASN E 279 -15.91 -9.68 -17.27
C ASN E 279 -16.20 -9.07 -18.63
N GLY E 280 -15.17 -8.53 -19.29
CA GLY E 280 -15.33 -7.75 -20.50
C GLY E 280 -14.65 -6.40 -20.35
N SER E 281 -14.60 -5.67 -21.45
CA SER E 281 -14.08 -4.31 -21.45
C SER E 281 -14.97 -3.40 -20.60
N ILE E 282 -14.36 -2.38 -20.01
CA ILE E 282 -15.12 -1.35 -19.31
C ILE E 282 -14.66 0.03 -19.75
N PRO E 283 -15.56 1.01 -19.73
CA PRO E 283 -15.13 2.39 -19.99
C PRO E 283 -14.15 2.85 -18.93
N ASN E 284 -13.30 3.80 -19.28
CA ASN E 284 -12.32 4.35 -18.35
C ASN E 284 -12.44 5.87 -18.11
N ASP E 285 -13.64 6.41 -18.28
CA ASP E 285 -13.90 7.84 -17.96
C ASP E 285 -13.98 8.12 -16.46
N LYS E 286 -14.30 7.12 -15.65
CA LYS E 286 -14.37 7.26 -14.20
C LYS E 286 -13.05 6.87 -13.53
N PRO E 287 -12.71 7.46 -12.37
CA PRO E 287 -11.43 7.16 -11.73
C PRO E 287 -11.38 5.82 -10.99
N PHE E 288 -12.54 5.28 -10.60
CA PHE E 288 -12.62 4.03 -9.86
C PHE E 288 -13.55 3.03 -10.57
N GLN E 289 -13.38 1.76 -10.22
CA GLN E 289 -14.25 0.71 -10.72
C GLN E 289 -14.36 -0.42 -9.72
N ASN E 290 -15.47 -1.13 -9.80
CA ASN E 290 -15.81 -2.23 -8.90
C ASN E 290 -16.13 -3.50 -9.71
N VAL E 291 -15.71 -3.53 -10.97
CA VAL E 291 -16.02 -4.66 -11.84
C VAL E 291 -15.12 -5.84 -11.50
N ASN E 292 -13.81 -5.63 -11.48
CA ASN E 292 -12.87 -6.70 -11.19
C ASN E 292 -11.52 -6.13 -10.84
N LYS E 293 -10.90 -6.71 -9.81
CA LYS E 293 -9.53 -6.32 -9.45
C LYS E 293 -8.50 -6.70 -10.51
N ILE E 294 -8.83 -7.69 -11.36
CA ILE E 294 -8.00 -8.05 -12.50
C ILE E 294 -8.36 -7.13 -13.66
N THR E 295 -7.37 -6.35 -14.10
CA THR E 295 -7.51 -5.50 -15.27
C THR E 295 -6.22 -5.45 -16.11
N TYR E 296 -6.38 -4.97 -17.34
CA TYR E 296 -5.31 -4.74 -18.29
C TYR E 296 -5.62 -3.45 -19.05
N GLY E 297 -4.64 -2.57 -19.15
CA GLY E 297 -4.76 -1.31 -19.92
C GLY E 297 -5.00 -0.09 -19.05
N ALA E 298 -5.44 0.99 -19.70
CA ALA E 298 -5.69 2.25 -19.01
C ALA E 298 -7.06 2.14 -18.33
N CYS E 299 -7.03 1.83 -17.03
CA CYS E 299 -8.20 1.42 -16.29
C CYS E 299 -8.44 2.30 -15.08
N PRO E 300 -9.72 2.44 -14.66
CA PRO E 300 -9.98 2.98 -13.34
C PRO E 300 -9.39 2.06 -12.27
N LYS E 301 -9.12 2.62 -11.09
CA LYS E 301 -8.58 1.83 -9.99
C LYS E 301 -9.69 1.03 -9.31
N TYR E 302 -9.40 -0.22 -8.97
CA TYR E 302 -10.40 -1.06 -8.29
C TYR E 302 -10.61 -0.61 -6.84
N VAL E 303 -11.88 -0.46 -6.48
CA VAL E 303 -12.28 -0.16 -5.11
C VAL E 303 -13.42 -1.12 -4.72
N LYS E 304 -13.67 -1.22 -3.42
CA LYS E 304 -14.74 -2.08 -2.90
C LYS E 304 -16.13 -1.46 -3.02
N GLN E 305 -16.23 -0.12 -3.04
CA GLN E 305 -17.53 0.54 -3.14
C GLN E 305 -18.15 0.28 -4.52
N ASN E 306 -19.47 0.03 -4.56
CA ASN E 306 -20.15 -0.10 -5.85
C ASN E 306 -20.68 1.22 -6.39
N THR E 307 -20.69 2.25 -5.54
CA THR E 307 -21.04 3.61 -5.96
C THR E 307 -20.35 4.64 -5.08
N LEU E 308 -19.92 5.73 -5.69
CA LEU E 308 -19.42 6.91 -4.99
C LEU E 308 -19.82 8.13 -5.78
N LYS E 309 -20.58 9.02 -5.16
CA LYS E 309 -21.12 10.19 -5.84
C LYS E 309 -20.31 11.44 -5.53
N LEU E 310 -19.82 12.08 -6.58
CA LEU E 310 -19.22 13.40 -6.48
C LEU E 310 -20.31 14.43 -6.71
N ALA E 311 -20.57 15.27 -5.71
CA ALA E 311 -21.55 16.34 -5.81
C ALA E 311 -21.12 17.31 -6.90
N THR E 312 -22.07 17.67 -7.77
CA THR E 312 -21.84 18.64 -8.83
C THR E 312 -22.80 19.81 -8.71
N GLY E 313 -23.32 20.02 -7.51
CA GLY E 313 -24.24 21.11 -7.27
C GLY E 313 -24.41 21.40 -5.80
N MET E 314 -25.11 22.48 -5.51
CA MET E 314 -25.39 22.88 -4.14
C MET E 314 -26.33 21.92 -3.42
N ARG E 315 -26.39 22.14 -2.11
CA ARG E 315 -27.42 21.61 -1.24
C ARG E 315 -28.84 21.87 -1.79
N ASN E 316 -29.65 20.83 -1.91
CA ASN E 316 -31.01 20.94 -2.45
C ASN E 316 -31.98 21.14 -1.30
N VAL E 317 -32.58 22.33 -1.26
CA VAL E 317 -33.57 22.70 -0.23
C VAL E 317 -34.88 22.99 -0.96
N PRO E 318 -35.74 21.98 -1.09
CA PRO E 318 -36.98 22.22 -1.85
C PRO E 318 -38.00 23.03 -1.09
N GLU E 319 -38.35 22.66 0.14
CA GLU E 319 -39.00 23.56 1.12
C GLU E 319 -38.47 23.30 2.56
N GLY F 1 -24.12 24.66 5.56
CA GLY F 1 -22.74 25.08 5.18
C GLY F 1 -22.14 26.13 6.10
N LEU F 2 -20.87 26.43 5.87
CA LEU F 2 -20.11 27.32 6.74
C LEU F 2 -20.59 28.78 6.75
N PHE F 3 -21.27 29.21 5.69
CA PHE F 3 -21.68 30.61 5.55
C PHE F 3 -23.11 30.91 5.97
N GLY F 4 -23.92 29.86 6.15
CA GLY F 4 -25.24 29.99 6.75
C GLY F 4 -26.30 30.58 5.86
N ALA F 5 -26.10 30.57 4.54
CA ALA F 5 -27.07 31.10 3.60
C ALA F 5 -27.95 29.98 3.09
N ILE F 6 -27.38 29.06 2.31
CA ILE F 6 -28.13 27.93 1.76
C ILE F 6 -28.45 26.98 2.92
N ALA F 7 -29.72 26.61 3.04
CA ALA F 7 -30.26 25.89 4.20
C ALA F 7 -29.99 26.64 5.51
N GLY F 8 -29.96 27.97 5.43
CA GLY F 8 -29.62 28.83 6.57
C GLY F 8 -30.61 29.98 6.62
N PHE F 9 -30.12 31.21 6.45
CA PHE F 9 -31.01 32.39 6.50
C PHE F 9 -31.92 32.50 5.27
N ILE F 10 -31.55 31.86 4.16
CA ILE F 10 -32.46 31.65 3.05
C ILE F 10 -33.19 30.34 3.32
N GLU F 11 -34.51 30.45 3.48
CA GLU F 11 -35.37 29.34 3.92
C GLU F 11 -35.28 28.12 3.02
N ASN F 12 -35.38 28.36 1.72
CA ASN F 12 -35.34 27.27 0.76
C ASN F 12 -34.98 27.78 -0.61
N GLY F 13 -34.81 26.83 -1.53
CA GLY F 13 -34.50 27.12 -2.92
C GLY F 13 -35.75 27.35 -3.75
N TRP F 14 -35.52 27.75 -5.00
CA TRP F 14 -36.57 28.06 -5.94
C TRP F 14 -36.56 27.03 -7.07
N GLU F 15 -37.56 26.16 -7.10
CA GLU F 15 -37.69 25.19 -8.19
C GLU F 15 -37.96 25.86 -9.53
N GLY F 16 -38.65 27.01 -9.48
CA GLY F 16 -38.93 27.82 -10.65
C GLY F 16 -37.73 28.43 -11.35
N MET F 17 -36.63 28.68 -10.63
CA MET F 17 -35.45 29.23 -11.28
C MET F 17 -34.70 28.12 -12.02
N ILE F 18 -34.93 28.07 -13.32
CA ILE F 18 -34.36 27.04 -14.20
C ILE F 18 -33.27 27.57 -15.14
N ASP F 19 -32.99 28.87 -15.11
CA ASP F 19 -32.00 29.50 -16.02
C ASP F 19 -30.75 29.99 -15.29
N GLY F 20 -30.63 29.68 -14.01
CA GLY F 20 -29.43 29.96 -13.24
C GLY F 20 -29.47 29.26 -11.91
N TRP F 21 -28.37 29.37 -11.17
CA TRP F 21 -28.20 28.73 -9.87
C TRP F 21 -28.54 29.66 -8.71
N TYR F 22 -28.23 30.93 -8.88
CA TYR F 22 -28.54 31.98 -7.92
C TYR F 22 -29.24 33.10 -8.67
N GLY F 23 -30.06 33.89 -7.96
CA GLY F 23 -30.71 35.03 -8.59
C GLY F 23 -31.62 35.88 -7.70
N PHE F 24 -32.46 36.67 -8.36
CA PHE F 24 -33.27 37.72 -7.72
C PHE F 24 -34.76 37.49 -7.93
N ARG F 25 -35.54 37.68 -6.86
CA ARG F 25 -36.99 37.88 -6.96
C ARG F 25 -37.35 39.22 -6.34
N HIS F 26 -38.26 39.95 -6.99
CA HIS F 26 -38.64 41.28 -6.54
C HIS F 26 -40.15 41.47 -6.49
N GLN F 27 -40.57 42.41 -5.64
CA GLN F 27 -41.91 42.99 -5.71
C GLN F 27 -41.76 44.52 -5.71
N ASN F 28 -42.40 45.17 -6.68
CA ASN F 28 -42.49 46.62 -6.73
C ASN F 28 -43.90 47.01 -7.17
N SER F 29 -44.14 48.30 -7.47
CA SER F 29 -45.47 48.76 -7.89
C SER F 29 -45.94 48.17 -9.25
N GLU F 30 -45.00 47.82 -10.11
CA GLU F 30 -45.32 47.19 -11.41
C GLU F 30 -45.59 45.68 -11.35
N GLY F 31 -45.40 45.06 -10.18
CA GLY F 31 -45.68 43.64 -10.00
C GLY F 31 -44.49 42.88 -9.45
N THR F 32 -44.37 41.60 -9.83
CA THR F 32 -43.31 40.72 -9.32
C THR F 32 -42.61 39.98 -10.45
N GLY F 33 -41.35 39.62 -10.23
CA GLY F 33 -40.55 38.93 -11.23
C GLY F 33 -39.31 38.23 -10.70
N GLN F 34 -38.67 37.48 -11.59
CA GLN F 34 -37.52 36.64 -11.28
C GLN F 34 -36.45 36.79 -12.36
N ALA F 35 -35.18 36.85 -11.96
CA ALA F 35 -34.05 36.81 -12.90
C ALA F 35 -32.83 36.11 -12.30
N ALA F 36 -32.17 35.28 -13.10
CA ALA F 36 -30.93 34.60 -12.69
C ALA F 36 -29.76 35.57 -12.66
N ASP F 37 -28.86 35.42 -11.70
CA ASP F 37 -27.57 36.11 -11.72
C ASP F 37 -26.54 35.20 -12.40
N LEU F 38 -26.02 35.63 -13.54
CA LEU F 38 -25.11 34.84 -14.35
C LEU F 38 -23.74 34.67 -13.69
N LYS F 39 -23.24 35.73 -13.08
CA LYS F 39 -21.86 35.77 -12.58
C LYS F 39 -21.63 34.79 -11.42
N SER F 40 -22.50 34.86 -10.41
CA SER F 40 -22.45 33.93 -9.29
C SER F 40 -22.66 32.50 -9.77
N THR F 41 -23.66 32.30 -10.63
CA THR F 41 -23.96 30.99 -11.20
C THR F 41 -22.71 30.40 -11.87
N GLN F 42 -22.06 31.21 -12.69
CA GLN F 42 -20.88 30.77 -13.43
C GLN F 42 -19.67 30.53 -12.54
N ALA F 43 -19.50 31.34 -11.49
CA ALA F 43 -18.42 31.13 -10.52
C ALA F 43 -18.50 29.77 -9.82
N ALA F 44 -19.72 29.36 -9.44
CA ALA F 44 -19.94 28.06 -8.83
C ALA F 44 -19.69 26.93 -9.81
N ILE F 45 -20.30 27.04 -11.00
CA ILE F 45 -20.15 26.03 -12.05
C ILE F 45 -18.69 25.87 -12.45
N ASP F 46 -17.96 26.97 -12.65
CA ASP F 46 -16.53 26.89 -13.02
C ASP F 46 -15.69 26.19 -11.97
N GLN F 47 -15.96 26.46 -10.70
CA GLN F 47 -15.24 25.79 -9.62
C GLN F 47 -15.55 24.30 -9.57
N ILE F 48 -16.81 23.95 -9.79
CA ILE F 48 -17.23 22.55 -9.80
C ILE F 48 -16.69 21.79 -11.01
N ASN F 49 -16.71 22.41 -12.19
CA ASN F 49 -16.05 21.83 -13.36
C ASN F 49 -14.56 21.62 -13.14
N GLY F 50 -13.92 22.60 -12.50
CA GLY F 50 -12.52 22.52 -12.16
C GLY F 50 -12.21 21.28 -11.33
N LYS F 51 -12.96 21.08 -10.25
CA LYS F 51 -12.71 19.91 -9.39
C LYS F 51 -13.10 18.58 -10.07
N LEU F 52 -14.17 18.59 -10.85
CA LEU F 52 -14.59 17.41 -11.59
C LEU F 52 -13.49 16.97 -12.56
N ASN F 53 -12.91 17.92 -13.28
CA ASN F 53 -11.84 17.61 -14.24
C ASN F 53 -10.56 17.13 -13.56
N ARG F 54 -10.23 17.67 -12.40
CA ARG F 54 -9.11 17.15 -11.60
C ARG F 54 -9.33 15.71 -11.13
N VAL F 55 -10.54 15.43 -10.66
CA VAL F 55 -10.89 14.09 -10.16
C VAL F 55 -10.88 13.01 -11.26
N ILE F 56 -11.44 13.29 -12.42
CA ILE F 56 -11.50 12.29 -13.51
C ILE F 56 -10.26 12.27 -14.41
N GLU F 57 -9.21 12.99 -13.99
CA GLU F 57 -7.94 12.98 -14.70
C GLU F 57 -7.40 11.56 -14.78
N LYS F 58 -7.42 10.99 -15.99
CA LYS F 58 -6.86 9.65 -16.22
C LYS F 58 -5.37 9.63 -15.87
N THR F 59 -5.00 8.82 -14.88
CA THR F 59 -3.60 8.74 -14.44
C THR F 59 -3.02 7.34 -14.35
N ASN F 60 -3.80 6.27 -14.55
CA ASN F 60 -3.21 4.94 -14.43
C ASN F 60 -3.52 3.95 -15.55
N GLU F 61 -2.43 3.35 -16.00
CA GLU F 61 -2.40 2.37 -17.06
C GLU F 61 -1.39 1.29 -16.65
N LYS F 62 -1.86 0.05 -16.52
CA LYS F 62 -1.03 -1.06 -16.07
C LYS F 62 -1.17 -2.22 -17.03
N PHE F 63 -0.11 -2.99 -17.17
CA PHE F 63 -0.08 -4.09 -18.12
C PHE F 63 0.08 -5.42 -17.36
N HIS F 64 1.23 -6.09 -17.45
CA HIS F 64 1.43 -7.32 -16.73
C HIS F 64 1.62 -7.03 -15.23
N GLN F 65 0.87 -7.74 -14.38
CA GLN F 65 0.87 -7.48 -12.94
C GLN F 65 1.08 -8.82 -12.20
N ILE F 66 0.42 -9.03 -11.09
CA ILE F 66 0.45 -10.31 -10.39
C ILE F 66 -0.89 -10.99 -10.61
N GLU F 67 -0.90 -12.31 -10.44
CA GLU F 67 -2.14 -13.06 -10.40
C GLU F 67 -2.92 -12.72 -9.13
N LYS F 68 -4.24 -12.73 -9.24
CA LYS F 68 -5.13 -12.34 -8.16
C LYS F 68 -6.22 -13.35 -7.82
N GLU F 69 -6.33 -14.40 -8.63
CA GLU F 69 -7.19 -15.55 -8.39
C GLU F 69 -6.32 -16.77 -8.62
N PHE F 70 -6.67 -17.86 -7.93
CA PHE F 70 -5.81 -19.03 -7.84
C PHE F 70 -6.66 -20.26 -7.82
N SER F 71 -6.30 -21.26 -8.63
CA SER F 71 -7.10 -22.47 -8.69
C SER F 71 -6.65 -23.55 -7.67
N GLU F 72 -5.43 -23.44 -7.12
CA GLU F 72 -4.91 -24.42 -6.14
C GLU F 72 -4.45 -23.72 -4.86
N VAL F 73 -4.49 -24.47 -3.76
CA VAL F 73 -3.94 -24.06 -2.48
C VAL F 73 -2.41 -24.18 -2.57
N GLU F 74 -1.70 -23.12 -2.19
CA GLU F 74 -0.23 -23.14 -2.19
C GLU F 74 0.47 -22.77 -0.88
N GLY F 75 -0.20 -22.00 -0.02
CA GLY F 75 0.44 -21.54 1.20
C GLY F 75 1.12 -20.19 1.00
N ARG F 76 2.37 -20.12 1.48
CA ARG F 76 3.07 -18.87 1.80
C ARG F 76 3.11 -17.83 0.67
N ILE F 77 3.52 -18.23 -0.54
CA ILE F 77 3.63 -17.28 -1.65
C ILE F 77 2.25 -16.72 -2.03
N GLN F 78 1.25 -17.60 -2.06
CA GLN F 78 -0.10 -17.17 -2.41
C GLN F 78 -0.71 -16.29 -1.30
N ASP F 79 -0.44 -16.63 -0.03
CA ASP F 79 -0.88 -15.77 1.09
C ASP F 79 -0.37 -14.35 0.88
N LEU F 80 0.90 -14.24 0.49
CA LEU F 80 1.51 -12.94 0.28
C LEU F 80 0.92 -12.18 -0.93
N GLU F 81 0.76 -12.88 -2.05
CA GLU F 81 0.12 -12.29 -3.23
C GLU F 81 -1.27 -11.74 -2.93
N LYS F 82 -2.08 -12.51 -2.20
CA LYS F 82 -3.43 -12.08 -1.83
C LYS F 82 -3.41 -10.91 -0.86
N TYR F 83 -2.51 -10.96 0.10
CA TYR F 83 -2.40 -9.90 1.11
C TYR F 83 -1.95 -8.59 0.48
N VAL F 84 -1.00 -8.66 -0.45
CA VAL F 84 -0.54 -7.47 -1.19
C VAL F 84 -1.73 -6.78 -1.89
N GLU F 85 -2.51 -7.57 -2.61
CA GLU F 85 -3.65 -7.04 -3.36
C GLU F 85 -4.75 -6.52 -2.45
N ASP F 86 -5.09 -7.29 -1.43
CA ASP F 86 -6.11 -6.86 -0.45
C ASP F 86 -5.72 -5.53 0.23
N THR F 87 -4.45 -5.44 0.63
CA THR F 87 -3.88 -4.21 1.19
C THR F 87 -4.04 -3.01 0.24
N LYS F 88 -3.65 -3.21 -1.01
CA LYS F 88 -3.78 -2.17 -2.06
C LYS F 88 -5.23 -1.72 -2.22
N ILE F 89 -6.12 -2.68 -2.33
CA ILE F 89 -7.54 -2.39 -2.55
C ILE F 89 -8.15 -1.61 -1.39
N ASP F 90 -7.82 -2.00 -0.16
CA ASP F 90 -8.31 -1.27 1.01
C ASP F 90 -7.79 0.15 1.06
N LEU F 91 -6.52 0.34 0.72
CA LEU F 91 -5.95 1.68 0.69
C LEU F 91 -6.59 2.56 -0.38
N TRP F 92 -6.80 2.00 -1.58
CA TRP F 92 -7.49 2.75 -2.64
C TRP F 92 -8.95 3.03 -2.31
N SER F 93 -9.64 2.05 -1.70
CA SER F 93 -11.03 2.24 -1.29
C SER F 93 -11.14 3.37 -0.28
N TYR F 94 -10.19 3.42 0.66
CA TYR F 94 -10.10 4.52 1.62
C TYR F 94 -9.85 5.86 0.91
N ASN F 95 -8.89 5.91 -0.01
CA ASN F 95 -8.65 7.14 -0.74
C ASN F 95 -9.92 7.65 -1.43
N ALA F 96 -10.64 6.73 -2.06
CA ALA F 96 -11.87 7.10 -2.77
C ALA F 96 -12.93 7.66 -1.83
N GLU F 97 -13.14 6.99 -0.70
CA GLU F 97 -14.12 7.41 0.31
C GLU F 97 -13.76 8.80 0.86
N LEU F 98 -12.52 8.99 1.25
CA LEU F 98 -12.06 10.28 1.76
C LEU F 98 -12.19 11.38 0.71
N LEU F 99 -11.75 11.10 -0.51
CA LEU F 99 -11.79 12.07 -1.61
C LEU F 99 -13.19 12.64 -1.78
N VAL F 100 -14.18 11.76 -1.89
CA VAL F 100 -15.55 12.20 -2.15
C VAL F 100 -16.09 12.99 -0.95
N ALA F 101 -15.79 12.53 0.27
CA ALA F 101 -16.24 13.24 1.47
C ALA F 101 -15.69 14.67 1.53
N LEU F 102 -14.39 14.83 1.30
CA LEU F 102 -13.76 16.16 1.31
C LEU F 102 -14.27 17.05 0.19
N GLU F 103 -14.32 16.50 -1.03
CA GLU F 103 -14.81 17.22 -2.19
C GLU F 103 -16.23 17.72 -1.96
N ASN F 104 -17.08 16.86 -1.42
CA ASN F 104 -18.51 17.15 -1.28
C ASN F 104 -18.77 18.17 -0.16
N GLN F 105 -18.09 18.03 0.96
CA GLN F 105 -18.14 19.05 2.02
C GLN F 105 -17.78 20.42 1.43
N HIS F 106 -16.68 20.44 0.68
CA HIS F 106 -16.19 21.66 0.06
C HIS F 106 -17.12 22.22 -1.03
N THR F 107 -17.75 21.35 -1.81
CA THR F 107 -18.70 21.79 -2.83
C THR F 107 -19.93 22.46 -2.20
N ILE F 108 -20.42 21.88 -1.11
CA ILE F 108 -21.53 22.46 -0.36
C ILE F 108 -21.12 23.83 0.21
N ASP F 109 -19.95 23.89 0.83
CA ASP F 109 -19.45 25.14 1.39
C ASP F 109 -19.18 26.23 0.34
N LEU F 110 -18.63 25.86 -0.82
CA LEU F 110 -18.36 26.86 -1.86
C LEU F 110 -19.63 27.37 -2.50
N THR F 111 -20.64 26.53 -2.65
CA THR F 111 -21.93 26.98 -3.21
C THR F 111 -22.66 27.90 -2.23
N ASP F 112 -22.61 27.54 -0.95
CA ASP F 112 -23.11 28.39 0.14
C ASP F 112 -22.38 29.74 0.13
N SER F 113 -21.06 29.68 -0.01
CA SER F 113 -20.22 30.88 -0.13
C SER F 113 -20.64 31.81 -1.25
N GLU F 114 -20.92 31.26 -2.44
CA GLU F 114 -21.29 32.08 -3.60
C GLU F 114 -22.63 32.77 -3.41
N MET F 115 -23.58 32.10 -2.75
CA MET F 115 -24.86 32.71 -2.37
C MET F 115 -24.58 33.93 -1.48
N ASN F 116 -23.76 33.71 -0.46
CA ASN F 116 -23.41 34.76 0.49
C ASN F 116 -22.69 35.93 -0.17
N LYS F 117 -21.75 35.65 -1.06
CA LYS F 117 -21.05 36.71 -1.81
C LYS F 117 -22.03 37.60 -2.57
N LEU F 118 -23.01 36.98 -3.23
CA LEU F 118 -24.01 37.72 -3.99
C LEU F 118 -24.86 38.60 -3.09
N PHE F 119 -25.31 38.03 -1.98
CA PHE F 119 -26.10 38.77 -1.00
C PHE F 119 -25.34 39.98 -0.42
N GLU F 120 -24.08 39.78 -0.05
CA GLU F 120 -23.25 40.85 0.51
C GLU F 120 -22.95 41.95 -0.52
N LYS F 121 -22.74 41.54 -1.76
CA LYS F 121 -22.48 42.45 -2.87
C LYS F 121 -23.70 43.33 -3.14
N THR F 122 -24.88 42.72 -3.10
CA THR F 122 -26.14 43.42 -3.35
C THR F 122 -26.37 44.46 -2.25
N GLY F 123 -26.26 44.00 -1.00
CA GLY F 123 -26.31 44.88 0.18
C GLY F 123 -25.40 46.09 0.07
N ARG F 124 -24.16 45.87 -0.36
CA ARG F 124 -23.20 46.96 -0.58
C ARG F 124 -23.60 47.94 -1.67
N GLN F 125 -24.19 47.41 -2.74
CA GLN F 125 -24.70 48.21 -3.84
C GLN F 125 -25.78 49.18 -3.36
N LEU F 126 -26.69 48.69 -2.53
CA LEU F 126 -27.82 49.47 -2.03
C LEU F 126 -27.47 50.52 -0.96
N ARG F 127 -26.26 50.47 -0.41
CA ARG F 127 -25.77 51.44 0.59
C ARG F 127 -26.83 51.73 1.66
N GLU F 128 -27.36 52.95 1.73
CA GLU F 128 -28.30 53.33 2.80
C GLU F 128 -29.76 53.33 2.34
N ASN F 129 -30.01 52.90 1.11
CA ASN F 129 -31.36 52.94 0.54
C ASN F 129 -32.14 51.64 0.76
N ALA F 130 -31.60 50.72 1.59
CA ALA F 130 -32.27 49.44 1.84
C ALA F 130 -31.89 48.83 3.18
N GLU F 131 -32.69 47.88 3.64
CA GLU F 131 -32.41 47.15 4.88
C GLU F 131 -32.57 45.64 4.72
N ASP F 132 -31.70 44.91 5.40
CA ASP F 132 -31.67 43.45 5.41
C ASP F 132 -32.77 42.90 6.33
N MET F 133 -33.79 42.29 5.73
CA MET F 133 -34.90 41.71 6.49
C MET F 133 -34.51 40.44 7.28
N GLY F 134 -33.39 39.82 6.91
CA GLY F 134 -32.87 38.66 7.65
C GLY F 134 -33.18 37.30 7.04
N ASN F 135 -33.90 37.30 5.91
CA ASN F 135 -34.31 36.09 5.20
C ASN F 135 -33.83 36.13 3.74
N GLY F 136 -32.72 36.83 3.51
CA GLY F 136 -32.22 37.05 2.17
C GLY F 136 -32.96 38.09 1.34
N CYS F 137 -33.86 38.86 1.97
CA CYS F 137 -34.61 39.91 1.26
C CYS F 137 -34.26 41.29 1.78
N PHE F 138 -34.06 42.21 0.84
CA PHE F 138 -33.85 43.61 1.15
C PHE F 138 -35.18 44.36 1.00
N LYS F 139 -35.56 45.11 2.02
CA LYS F 139 -36.62 46.10 1.88
C LYS F 139 -35.98 47.37 1.33
N ILE F 140 -36.41 47.78 0.14
CA ILE F 140 -35.89 48.96 -0.54
C ILE F 140 -36.86 50.10 -0.26
N TYR F 141 -36.36 51.19 0.33
CA TYR F 141 -37.20 52.29 0.80
C TYR F 141 -37.39 53.42 -0.22
N HIS F 142 -37.65 53.06 -1.48
CA HIS F 142 -38.00 54.06 -2.50
C HIS F 142 -38.72 53.39 -3.66
N LYS F 143 -39.26 54.22 -4.55
CA LYS F 143 -39.88 53.73 -5.77
C LYS F 143 -38.78 53.11 -6.61
N CYS F 144 -38.90 51.81 -6.87
CA CYS F 144 -37.94 51.09 -7.70
C CYS F 144 -38.70 50.36 -8.79
N ASP F 145 -38.96 51.10 -9.86
CA ASP F 145 -39.51 50.57 -11.10
C ASP F 145 -38.63 49.48 -11.72
N ASN F 146 -39.13 48.81 -12.76
CA ASN F 146 -38.41 47.69 -13.38
C ASN F 146 -37.03 48.06 -13.94
N ALA F 147 -36.91 49.28 -14.45
CA ALA F 147 -35.60 49.82 -14.87
C ALA F 147 -34.63 49.91 -13.69
N CYS F 148 -35.15 50.30 -12.53
CA CYS F 148 -34.38 50.39 -11.29
C CYS F 148 -33.95 49.00 -10.77
N ILE F 149 -34.84 48.01 -10.85
CA ILE F 149 -34.53 46.64 -10.41
C ILE F 149 -33.43 46.08 -11.28
N GLU F 150 -33.65 46.09 -12.59
CA GLU F 150 -32.64 45.65 -13.57
C GLU F 150 -31.30 46.40 -13.38
N SER F 151 -31.33 47.66 -12.97
CA SER F 151 -30.09 48.41 -12.66
C SER F 151 -29.30 47.78 -11.50
N ILE F 152 -30.01 47.31 -10.48
CA ILE F 152 -29.40 46.61 -9.35
C ILE F 152 -28.81 45.28 -9.84
N ARG F 153 -29.60 44.54 -10.61
CA ARG F 153 -29.18 43.21 -11.08
C ARG F 153 -28.04 43.24 -12.08
N ASN F 154 -27.98 44.27 -12.94
CA ASN F 154 -26.88 44.41 -13.91
C ASN F 154 -25.76 45.39 -13.50
N GLY F 155 -25.72 45.76 -12.21
CA GLY F 155 -24.59 46.49 -11.64
C GLY F 155 -24.49 47.98 -11.91
N THR F 156 -25.58 48.63 -12.32
CA THR F 156 -25.57 50.08 -12.65
C THR F 156 -26.31 50.99 -11.65
N TYR F 157 -27.03 50.42 -10.70
CA TYR F 157 -27.79 51.19 -9.69
C TYR F 157 -26.91 52.23 -8.98
N ASP F 158 -27.19 53.51 -9.24
CA ASP F 158 -26.57 54.60 -8.51
C ASP F 158 -27.41 54.87 -7.27
N HIS F 159 -26.84 54.63 -6.10
CA HIS F 159 -27.54 54.86 -4.84
C HIS F 159 -27.77 56.34 -4.50
N ASP F 160 -26.91 57.23 -5.00
CA ASP F 160 -27.05 58.68 -4.73
C ASP F 160 -28.37 59.24 -5.25
N VAL F 161 -28.75 58.80 -6.45
CA VAL F 161 -30.01 59.19 -7.10
C VAL F 161 -31.21 59.09 -6.14
N TYR F 162 -31.32 57.94 -5.47
CA TYR F 162 -32.48 57.64 -4.61
C TYR F 162 -32.25 57.87 -3.11
N ARG F 163 -31.07 58.37 -2.72
CA ARG F 163 -30.68 58.39 -1.30
C ARG F 163 -31.59 59.25 -0.41
N ASP F 164 -31.82 60.49 -0.82
CA ASP F 164 -32.66 61.42 -0.06
C ASP F 164 -34.06 60.85 0.16
N GLU F 165 -34.68 60.38 -0.93
CA GLU F 165 -35.96 59.71 -0.86
C GLU F 165 -35.93 58.57 0.16
N ALA F 166 -34.97 57.67 0.01
CA ALA F 166 -34.89 56.47 0.85
C ALA F 166 -34.58 56.76 2.31
N LEU F 167 -33.60 57.62 2.55
CA LEU F 167 -33.23 58.05 3.91
C LEU F 167 -34.45 58.61 4.66
N ASN F 168 -35.27 59.39 3.96
CA ASN F 168 -36.47 59.98 4.53
C ASN F 168 -37.49 58.92 4.96
N ASN F 169 -37.80 58.00 4.05
CA ASN F 169 -38.71 56.88 4.35
C ASN F 169 -38.22 55.99 5.50
N ARG F 170 -36.91 55.84 5.63
CA ARG F 170 -36.31 55.01 6.71
C ARG F 170 -36.36 55.70 8.07
N PHE F 171 -36.12 57.00 8.07
CA PHE F 171 -36.07 57.82 9.29
C PHE F 171 -37.10 58.93 9.27
C1 NAG G . 9.73 32.61 -1.44
C2 NAG G . 10.85 33.27 -0.58
C3 NAG G . 12.26 32.84 -0.97
C4 NAG G . 12.36 31.32 -1.14
C5 NAG G . 11.20 30.78 -1.96
C6 NAG G . 11.23 29.25 -2.03
C7 NAG G . 9.84 35.41 0.07
C8 NAG G . 9.82 36.89 -0.16
N2 NAG G . 10.71 34.71 -0.67
O3 NAG G . 13.20 33.24 0.03
O4 NAG G . 13.58 30.99 -1.80
O5 NAG G . 9.98 31.20 -1.35
O6 NAG G . 10.55 28.82 -3.20
O7 NAG G . 9.13 34.88 0.91
C1 NAG G . 14.51 30.42 -0.84
C2 NAG G . 15.70 29.83 -1.59
C3 NAG G . 16.75 29.28 -0.61
C4 NAG G . 17.05 30.26 0.50
C5 NAG G . 15.79 30.85 1.12
C6 NAG G . 16.11 31.93 2.14
C7 NAG G . 15.01 28.94 -3.77
C8 NAG G . 14.64 27.68 -4.51
N2 NAG G . 15.31 28.76 -2.48
O3 NAG G . 17.93 29.01 -1.35
O4 NAG G . 17.77 29.57 1.54
O5 NAG G . 14.96 31.39 0.11
O6 NAG G . 16.64 33.09 1.47
O7 NAG G . 15.01 30.03 -4.31
C1 BMA G . 19.15 29.94 1.53
C2 BMA G . 19.80 29.52 2.84
C3 BMA G . 21.29 29.89 2.83
C4 BMA G . 21.97 29.30 1.60
C5 BMA G . 21.21 29.67 0.32
C6 BMA G . 21.79 28.97 -0.91
O2 BMA G . 19.65 28.12 3.05
O3 BMA G . 21.91 29.39 4.01
O4 BMA G . 23.32 29.78 1.55
O5 BMA G . 19.83 29.31 0.44
O6 BMA G . 21.58 29.78 -2.07
C1 NAG H . 28.65 -39.10 13.35
C2 NAG H . 28.32 -40.33 14.19
C3 NAG H . 27.22 -40.01 15.21
C4 NAG H . 27.62 -38.80 16.06
C5 NAG H . 28.00 -37.65 15.15
C6 NAG H . 28.50 -36.43 15.91
C7 NAG H . 28.67 -42.46 12.97
C8 NAG H . 27.99 -43.49 12.11
N2 NAG H . 27.89 -41.44 13.35
O3 NAG H . 26.97 -41.14 16.05
O4 NAG H . 26.53 -38.36 16.88
O5 NAG H . 29.03 -38.05 14.24
O6 NAG H . 29.40 -36.78 16.96
O7 NAG H . 29.86 -42.54 13.26
C1 NAG H . 26.61 -38.79 18.24
C2 NAG H . 25.66 -37.93 19.07
C3 NAG H . 25.63 -38.40 20.52
C4 NAG H . 25.26 -39.86 20.57
C5 NAG H . 26.16 -40.71 19.68
C6 NAG H . 25.63 -42.13 19.58
C7 NAG H . 25.59 -35.65 18.15
C8 NAG H . 26.07 -34.25 18.32
N2 NAG H . 26.03 -36.52 19.06
O3 NAG H . 24.68 -37.61 21.26
O4 NAG H . 25.40 -40.34 21.92
O5 NAG H . 26.27 -40.16 18.36
O6 NAG H . 26.38 -42.88 18.63
O7 NAG H . 24.86 -35.96 17.22
C1 BMA H . 24.19 -40.36 22.68
C2 BMA H . 24.24 -41.60 23.58
C3 BMA H . 23.15 -41.58 24.66
C4 BMA H . 23.12 -40.22 25.34
C5 BMA H . 22.88 -39.14 24.29
C6 BMA H . 22.67 -37.73 24.86
O2 BMA H . 25.54 -41.72 24.18
O3 BMA H . 23.37 -42.64 25.60
O4 BMA H . 22.10 -40.18 26.34
O5 BMA H . 24.01 -39.14 23.41
O6 BMA H . 23.85 -37.28 25.53
C1 NAG I . 18.96 8.47 -11.24
C2 NAG I . 18.51 9.46 -12.32
C3 NAG I . 17.40 8.85 -13.16
C4 NAG I . 17.81 7.47 -13.68
C5 NAG I . 18.14 6.60 -12.44
C6 NAG I . 18.45 5.12 -12.65
C7 NAG I . 18.85 11.76 -11.49
C8 NAG I . 18.22 12.99 -10.93
N2 NAG I . 18.04 10.74 -11.77
O3 NAG I . 17.07 9.79 -14.19
O4 NAG I . 16.74 6.95 -14.50
O5 NAG I . 19.27 7.18 -11.79
O6 NAG I . 19.74 4.95 -13.24
O7 NAG I . 20.07 11.70 -11.65
C1 NAG I . 17.18 6.14 -15.63
C2 NAG I . 15.99 5.26 -16.02
C3 NAG I . 15.98 4.95 -17.51
C4 NAG I . 15.96 6.22 -18.35
C5 NAG I . 16.78 7.36 -17.74
C6 NAG I . 15.92 8.45 -17.10
C7 NAG I . 15.22 3.68 -14.26
C8 NAG I . 15.53 2.38 -13.59
N2 NAG I . 16.08 4.03 -15.24
O3 NAG I . 14.81 4.18 -17.83
O4 NAG I . 16.46 5.88 -19.67
O5 NAG I . 17.70 6.87 -16.76
O6 NAG I . 15.63 9.48 -18.05
O7 NAG I . 14.27 4.37 -13.91
C1 NAG J . 0.35 -49.23 -10.04
C2 NAG J . 0.44 -49.96 -11.38
C3 NAG J . -0.28 -49.23 -12.49
C4 NAG J . -1.65 -48.82 -12.01
C5 NAG J . -1.55 -48.00 -10.75
C6 NAG J . -2.89 -47.48 -10.31
C7 NAG J . 2.48 -51.23 -11.84
C8 NAG J . 3.90 -51.16 -12.33
N2 NAG J . 1.82 -50.08 -11.82
O3 NAG J . -0.35 -50.11 -13.62
O4 NAG J . -2.29 -48.00 -12.99
O5 NAG J . -0.99 -48.82 -9.74
O6 NAG J . -3.83 -48.54 -10.13
O7 NAG J . 1.98 -52.29 -11.48
C1 NAG J . -3.29 -48.72 -13.69
C2 NAG J . -4.21 -47.67 -14.27
C3 NAG J . -5.18 -48.24 -15.28
C4 NAG J . -4.40 -49.04 -16.33
C5 NAG J . -3.65 -50.14 -15.57
C6 NAG J . -2.91 -51.16 -16.45
C7 NAG J . -4.75 -45.74 -12.88
C8 NAG J . -5.60 -45.18 -11.77
N2 NAG J . -4.95 -47.02 -13.20
O3 NAG J . -5.91 -47.12 -15.81
O4 NAG J . -5.22 -49.61 -17.37
O5 NAG J . -2.69 -49.54 -14.70
O6 NAG J . -1.67 -50.61 -16.92
O7 NAG J . -3.91 -45.06 -13.43
C1 BMA J . -5.88 -48.66 -18.22
C2 BMA J . -5.97 -49.16 -19.68
C3 BMA J . -7.11 -48.52 -20.50
C4 BMA J . -8.30 -47.96 -19.71
C5 BMA J . -7.85 -47.31 -18.41
C6 BMA J . -9.00 -46.76 -17.58
O2 BMA J . -6.05 -50.60 -19.71
O3 BMA J . -7.62 -49.49 -21.43
O4 BMA J . -9.01 -46.98 -20.48
O5 BMA J . -7.17 -48.33 -17.68
O6 BMA J . -9.20 -45.38 -17.91
C1 NAG K . 2.27 -6.12 22.47
C2 NAG K . 2.86 -4.94 23.26
C3 NAG K . 4.12 -4.43 22.57
C4 NAG K . 5.08 -5.59 22.27
C5 NAG K . 4.35 -6.69 21.49
C6 NAG K . 5.21 -7.90 21.14
C7 NAG K . 1.11 -3.69 24.48
C8 NAG K . 0.24 -2.48 24.51
N2 NAG K . 1.95 -3.81 23.43
O3 NAG K . 4.71 -3.45 23.44
O4 NAG K . 6.15 -5.12 21.46
O5 NAG K . 3.25 -7.14 22.28
O6 NAG K . 5.80 -8.44 22.31
O7 NAG K . 1.03 -4.55 25.34
C1 NAG K . 7.41 -5.17 22.16
C2 NAG K . 8.49 -5.04 21.11
C3 NAG K . 9.83 -5.08 21.81
C4 NAG K . 9.95 -3.80 22.62
C5 NAG K . 8.74 -3.56 23.54
C6 NAG K . 8.48 -2.05 23.70
C7 NAG K . 7.84 -5.94 18.90
C8 NAG K . 7.82 -7.16 18.03
N2 NAG K . 8.38 -6.11 20.12
O3 NAG K . 10.89 -5.14 20.84
O4 NAG K . 11.16 -3.84 23.41
O5 NAG K . 7.49 -4.14 23.15
O6 NAG K . 8.03 -1.76 25.02
O7 NAG K . 7.38 -4.87 18.52
C1 NAG L . 31.61 -30.44 -23.51
C2 NAG L . 33.10 -30.64 -23.43
C3 NAG L . 33.76 -29.31 -23.12
C4 NAG L . 33.36 -28.25 -24.15
C5 NAG L . 31.84 -28.21 -24.33
C6 NAG L . 31.39 -27.32 -25.48
C7 NAG L . 34.07 -32.76 -22.65
C8 NAG L . 34.25 -33.69 -21.49
N2 NAG L . 33.37 -31.64 -22.42
O3 NAG L . 35.19 -29.44 -23.13
O4 NAG L . 33.77 -26.95 -23.71
O5 NAG L . 31.35 -29.52 -24.57
O6 NAG L . 32.10 -27.60 -26.68
O7 NAG L . 34.54 -33.02 -23.74
C1 NAG L . 34.87 -26.41 -24.46
C2 NAG L . 34.88 -24.92 -24.19
C3 NAG L . 36.08 -24.26 -24.82
C4 NAG L . 37.35 -24.93 -24.33
C5 NAG L . 37.30 -26.45 -24.55
C6 NAG L . 38.50 -27.14 -23.91
C7 NAG L . 32.65 -23.93 -23.85
C8 NAG L . 31.51 -23.20 -24.49
N2 NAG L . 33.68 -24.24 -24.65
O3 NAG L . 36.05 -22.87 -24.44
O4 NAG L . 38.47 -24.42 -25.06
O5 NAG L . 36.10 -27.02 -24.04
O6 NAG L . 38.47 -27.01 -22.48
O7 NAG L . 32.63 -24.24 -22.67
C1 BMA L . 39.19 -23.39 -24.36
C2 BMA L . 40.68 -23.53 -24.69
C3 BMA L . 41.49 -22.40 -24.07
C4 BMA L . 40.84 -21.05 -24.39
C5 BMA L . 39.40 -21.06 -23.94
C6 BMA L . 38.77 -19.67 -24.06
O2 BMA L . 40.88 -23.54 -26.10
O3 BMA L . 42.84 -22.40 -24.58
O4 BMA L . 41.58 -20.02 -23.71
O5 BMA L . 38.72 -22.09 -24.68
O6 BMA L . 37.76 -19.57 -25.05
C1 MAN L . 43.75 -23.24 -23.80
C2 MAN L . 45.20 -22.83 -24.07
C3 MAN L . 45.67 -23.26 -25.47
C4 MAN L . 45.30 -24.71 -25.81
C5 MAN L . 43.91 -25.13 -25.32
C6 MAN L . 43.80 -26.65 -25.35
O2 MAN L . 46.02 -23.43 -23.06
O3 MAN L . 47.10 -23.13 -25.53
O4 MAN L . 45.33 -24.85 -27.24
O5 MAN L . 43.63 -24.64 -24.00
O6 MAN L . 42.60 -27.06 -24.67
C1 MAN L . 36.83 -18.53 -24.70
C2 MAN L . 35.70 -19.18 -23.87
C3 MAN L . 34.70 -19.92 -24.75
C4 MAN L . 34.42 -19.29 -26.12
C5 MAN L . 35.62 -18.62 -26.76
C6 MAN L . 35.20 -17.76 -27.95
O2 MAN L . 35.04 -18.18 -23.07
O3 MAN L . 33.46 -20.09 -24.05
O4 MAN L . 33.97 -20.32 -27.00
O5 MAN L . 36.31 -17.81 -25.81
O6 MAN L . 34.87 -18.59 -29.07
C1 NAG M . -17.09 -9.75 -12.66
C2 NAG M . -18.37 -9.51 -11.84
C3 NAG M . -18.11 -9.89 -10.39
C4 NAG M . -17.54 -11.30 -10.34
C5 NAG M . -16.25 -11.37 -11.16
C6 NAG M . -15.54 -12.71 -11.11
C7 NAG M . -19.62 -7.64 -12.85
C8 NAG M . -20.02 -6.20 -12.73
N2 NAG M . -18.83 -8.12 -11.88
O3 NAG M . -19.35 -9.82 -9.68
O4 NAG M . -17.26 -11.65 -8.98
O5 NAG M . -16.62 -11.08 -12.51
O6 NAG M . -16.45 -13.76 -11.43
O7 NAG M . -20.00 -8.32 -13.79
C1 NAG M . -17.96 -12.86 -8.62
C2 NAG M . -17.46 -13.30 -7.24
C3 NAG M . -18.44 -14.22 -6.54
C4 NAG M . -19.89 -13.69 -6.53
C5 NAG M . -20.10 -12.49 -7.46
C6 NAG M . -19.75 -11.15 -6.79
C7 NAG M . -15.00 -13.32 -7.22
C8 NAG M . -13.77 -14.14 -7.48
N2 NAG M . -16.16 -13.94 -7.42
O3 NAG M . -18.00 -14.41 -5.19
O4 NAG M . -20.78 -14.73 -6.94
O5 NAG M . -19.39 -12.70 -8.68
O6 NAG M . -20.89 -10.28 -6.81
O7 NAG M . -14.93 -12.15 -6.84
C1 NAG N . 38.86 -11.75 12.16
C2 NAG N . 40.38 -11.95 12.30
C3 NAG N . 40.64 -13.21 13.15
C4 NAG N . 40.00 -13.04 14.52
C5 NAG N . 38.52 -12.74 14.38
C6 NAG N . 37.91 -12.50 15.77
C7 NAG N . 41.40 -10.99 10.28
C8 NAG N . 42.05 -11.32 8.96
N2 NAG N . 41.03 -12.04 11.01
O3 NAG N . 42.04 -13.47 13.28
O4 NAG N . 40.21 -14.21 15.32
O5 NAG N . 38.28 -11.63 13.47
O6 NAG N . 36.88 -11.50 15.73
O7 NAG N . 41.23 -9.82 10.62
C1 NAG O . -15.57 15.10 26.63
C2 NAG O . -16.35 15.72 27.81
C3 NAG O . -17.03 14.62 28.65
C4 NAG O . -17.69 13.50 27.82
C5 NAG O . -17.54 13.62 26.30
C6 NAG O . -18.57 14.53 25.63
C7 NAG O . -15.34 17.87 28.67
C8 NAG O . -14.27 18.42 29.56
N2 NAG O . -15.42 16.52 28.62
O3 NAG O . -18.04 15.18 29.49
O4 NAG O . -17.13 12.25 28.24
O5 NAG O . -16.21 14.03 25.92
O6 NAG O . -18.95 14.02 24.34
O7 NAG O . -16.08 18.63 28.05
C1 NAG P . -13.17 -37.79 12.92
C2 NAG P . -13.48 -38.90 13.94
C3 NAG P . -13.95 -40.11 13.14
C4 NAG P . -15.13 -39.78 12.21
C5 NAG P . -14.94 -38.48 11.40
C6 NAG P . -16.25 -38.00 10.76
C7 NAG P . -12.18 -38.91 16.10
C8 NAG P . -10.94 -39.43 16.75
N2 NAG P . -12.35 -39.26 14.81
O3 NAG P . -14.33 -41.14 14.06
O4 NAG P . -15.28 -40.88 11.30
O5 NAG P . -14.37 -37.44 12.20
O6 NAG P . -16.96 -37.04 11.57
O7 NAG P . -12.96 -38.21 16.75
C1 NAG Q . -25.33 16.73 -13.59
C2 NAG Q . -25.92 17.23 -14.91
C3 NAG Q . -25.34 16.47 -16.08
C4 NAG Q . -23.83 16.67 -16.11
C5 NAG Q . -23.20 16.23 -14.78
C6 NAG Q . -21.72 16.58 -14.69
C7 NAG Q . -28.20 18.03 -14.55
C8 NAG Q . -29.66 17.66 -14.59
N2 NAG Q . -27.35 17.06 -14.90
O3 NAG Q . -25.97 16.91 -17.28
O4 NAG Q . -23.27 15.94 -17.21
O5 NAG Q . -23.89 16.80 -13.63
O6 NAG Q . -21.51 18.01 -14.68
O7 NAG Q . -27.83 19.16 -14.24
#